data_5CP7
#
_entry.id   5CP7
#
_cell.length_a   176.103
_cell.length_b   96.510
_cell.length_c   138.624
_cell.angle_alpha   90.000
_cell.angle_beta   90.000
_cell.angle_gamma   90.000
#
_symmetry.space_group_name_H-M   'P 21 21 2'
#
loop_
_entity.id
_entity.type
_entity.pdbx_description
1 polymer 'Light Chain of Antigen-Binding Fragment of Monoclonal Antibody of 4C7'
2 polymer 'Heavy Chain of Antigen-Binding Fragment of Monoclonal Antibody of 4C7'
3 water water
#
loop_
_entity_poly.entity_id
_entity_poly.type
_entity_poly.pdbx_seq_one_letter_code
_entity_poly.pdbx_strand_id
1 'polypeptide(L)'
;DVVMTQTPITLSVTIGQPASISCKSSQSLLDSDGKTYLNWLLQRPGQSPKRLIYLVSKLDSRVPDRFTGSGAGTDFTLKI
SRVEAEDLGIYYCWQGTHFPQTFGGGTKLEIKRADAAPTVSIFPPSSEQLTSGGASVVCFLNNFYPKDINVKWKIDGSER
QNGVLNSETDQDSKDSTYSMSSTLTLTKDEYERHNTYTCEATHKTSTSPIVKSFNRNE
;
A,C,E,G
2 'polypeptide(L)'
;DVQLRESGPDLVTPSQSLSLTCTVTGYSITSGYSWHWNRQFPGNKLEWMGYIHYSGSTNYNPSLRGRISITRDTSKNQFF
LQLNSVTTEDTATYYCARYGGYWGQGTSVTVSSAKTTPPSVYPLAPGGGATNSMVTLGCLVKGYFPEPVTVTWNSGSLSG
GVHTFPAVLQSDLYTLSSSVTVPSSTWPSETVTCNVAHPASSTKVDKKIVPRAE
;
B,D,F,H
#
# COMPACT_ATOMS: atom_id res chain seq x y z
N ASP A 1 -2.36 25.20 -13.01
CA ASP A 1 -2.25 23.95 -12.19
C ASP A 1 -2.23 22.72 -13.09
N VAL A 2 -1.89 21.56 -12.52
CA VAL A 2 -1.68 20.35 -13.31
C VAL A 2 -3.01 19.80 -13.83
N VAL A 3 -3.08 19.54 -15.13
CA VAL A 3 -4.32 19.16 -15.80
C VAL A 3 -4.34 17.69 -16.19
N MET A 4 -5.42 17.01 -15.84
CA MET A 4 -5.62 15.60 -16.21
C MET A 4 -6.59 15.49 -17.37
N THR A 5 -6.09 15.01 -18.51
CA THR A 5 -6.88 14.89 -19.72
C THR A 5 -7.04 13.42 -20.08
N GLN A 6 -8.29 12.99 -20.28
CA GLN A 6 -8.59 11.58 -20.51
C GLN A 6 -9.11 11.34 -21.92
N THR A 7 -8.64 10.27 -22.56
CA THR A 7 -9.06 9.91 -23.90
C THR A 7 -9.43 8.43 -23.93
N PRO A 8 -10.62 8.09 -24.48
CA PRO A 8 -11.63 8.98 -25.05
C PRO A 8 -12.54 9.58 -23.98
N ILE A 9 -13.49 10.39 -24.45
CA ILE A 9 -14.50 10.99 -23.58
C ILE A 9 -15.60 9.95 -23.32
N THR A 10 -15.96 9.20 -24.36
CA THR A 10 -16.93 8.11 -24.26
C THR A 10 -16.32 6.89 -24.94
N LEU A 11 -16.33 5.76 -24.26
CA LEU A 11 -15.81 4.52 -24.80
C LEU A 11 -16.92 3.50 -24.95
N SER A 12 -17.14 3.04 -26.18
CA SER A 12 -18.14 2.04 -26.48
C SER A 12 -17.54 0.67 -26.29
N VAL A 13 -18.15 -0.14 -25.42
CA VAL A 13 -17.61 -1.45 -25.06
C VAL A 13 -18.69 -2.51 -25.05
N THR A 14 -18.28 -3.77 -25.20
CA THR A 14 -19.20 -4.89 -25.19
C THR A 14 -18.78 -5.87 -24.09
N ILE A 15 -19.76 -6.29 -23.29
CA ILE A 15 -19.48 -7.17 -22.15
C ILE A 15 -18.72 -8.41 -22.60
N GLY A 16 -17.65 -8.76 -21.88
CA GLY A 16 -16.77 -9.86 -22.26
C GLY A 16 -15.52 -9.41 -22.99
N GLN A 17 -15.67 -8.45 -23.90
N GLN A 17 -15.68 -8.46 -23.91
CA GLN A 17 -14.54 -7.93 -24.66
CA GLN A 17 -14.56 -7.90 -24.66
C GLN A 17 -13.74 -6.92 -23.82
C GLN A 17 -13.73 -6.96 -23.78
N PRO A 18 -12.43 -6.80 -24.09
CA PRO A 18 -11.57 -5.90 -23.32
C PRO A 18 -11.79 -4.42 -23.68
N ALA A 19 -11.11 -3.54 -22.95
CA ALA A 19 -11.20 -2.10 -23.17
C ALA A 19 -9.99 -1.40 -22.56
N SER A 20 -9.65 -0.23 -23.12
CA SER A 20 -8.46 0.51 -22.72
C SER A 20 -8.74 2.01 -22.71
N ILE A 21 -8.40 2.66 -21.59
CA ILE A 21 -8.57 4.10 -21.41
C ILE A 21 -7.19 4.74 -21.31
N SER A 22 -7.10 6.03 -21.63
CA SER A 22 -5.86 6.80 -21.52
C SER A 22 -6.04 8.02 -20.62
N CYS A 23 -4.95 8.46 -20.02
CA CYS A 23 -4.94 9.67 -19.19
C CYS A 23 -3.59 10.39 -19.34
N LYS A 24 -3.65 11.72 -19.41
CA LYS A 24 -2.51 12.55 -19.83
C LYS A 24 -2.34 13.75 -18.91
N SER A 25 -1.21 13.82 -18.23
CA SER A 25 -0.96 14.92 -17.29
C SER A 25 -0.10 16.00 -17.93
N SER A 26 -0.39 17.25 -17.58
CA SER A 26 0.34 18.41 -18.12
C SER A 26 1.74 18.57 -17.50
N GLN A 27 2.04 17.75 -16.50
CA GLN A 27 3.36 17.72 -15.87
C GLN A 27 3.70 16.28 -15.51
N SER A 28 4.99 16.00 -15.36
CA SER A 28 5.43 14.69 -14.89
C SER A 28 4.87 14.46 -13.50
N LEU A 29 4.36 13.25 -13.24
CA LEU A 29 3.74 12.95 -11.95
C LEU A 29 4.68 12.21 -10.98
N LEU A 30 5.98 12.25 -11.27
CA LEU A 30 6.98 11.63 -10.40
C LEU A 30 7.38 12.59 -9.29
N ASP A 31 7.03 12.27 -8.04
CA ASP A 31 7.35 13.13 -6.90
C ASP A 31 8.80 12.93 -6.47
N SER A 32 9.31 13.85 -5.66
CA SER A 32 10.71 13.82 -5.18
C SER A 32 11.07 12.55 -4.40
N ASP A 33 10.08 11.94 -3.73
CA ASP A 33 10.26 10.68 -3.03
C ASP A 33 10.48 9.46 -3.95
N GLY A 34 10.21 9.63 -5.25
CA GLY A 34 10.43 8.56 -6.23
C GLY A 34 9.15 7.86 -6.68
N LYS A 35 8.07 8.09 -5.96
CA LYS A 35 6.79 7.47 -6.25
C LYS A 35 5.98 8.37 -7.19
N THR A 36 5.24 7.75 -8.11
CA THR A 36 4.30 8.47 -8.97
C THR A 36 2.89 8.34 -8.41
N TYR A 37 2.29 9.46 -8.03
CA TYR A 37 0.95 9.45 -7.41
C TYR A 37 -0.16 9.65 -8.44
N LEU A 38 -0.46 8.59 -9.18
CA LEU A 38 -1.59 8.57 -10.11
C LEU A 38 -2.56 7.46 -9.74
N ASN A 39 -3.79 7.83 -9.40
CA ASN A 39 -4.85 6.86 -9.13
C ASN A 39 -5.86 6.78 -10.26
N TRP A 40 -6.64 5.71 -10.27
CA TRP A 40 -7.81 5.57 -11.13
C TRP A 40 -9.02 5.31 -10.24
N LEU A 41 -10.19 5.74 -10.67
CA LEU A 41 -11.42 5.50 -9.93
C LEU A 41 -12.55 5.07 -10.87
N LEU A 42 -13.56 4.41 -10.30
CA LEU A 42 -14.78 4.09 -11.03
C LEU A 42 -15.95 4.62 -10.23
N GLN A 43 -16.77 5.45 -10.86
CA GLN A 43 -18.03 5.89 -10.26
C GLN A 43 -19.17 5.20 -10.97
N ARG A 44 -19.70 4.15 -10.35
CA ARG A 44 -20.89 3.49 -10.86
C ARG A 44 -22.07 4.44 -10.75
N PRO A 45 -23.01 4.37 -11.70
CA PRO A 45 -24.20 5.23 -11.58
C PRO A 45 -24.89 5.05 -10.24
N GLY A 46 -25.25 6.16 -9.60
CA GLY A 46 -26.02 6.16 -8.37
C GLY A 46 -25.20 6.14 -7.09
N GLN A 47 -23.91 5.88 -7.19
CA GLN A 47 -23.06 5.79 -6.00
C GLN A 47 -21.76 6.58 -6.13
N SER A 48 -20.95 6.56 -5.07
CA SER A 48 -19.75 7.37 -4.96
C SER A 48 -18.62 6.87 -5.86
N PRO A 49 -17.56 7.68 -5.99
CA PRO A 49 -16.33 7.16 -6.55
C PRO A 49 -15.75 6.04 -5.70
N LYS A 50 -14.90 5.23 -6.33
CA LYS A 50 -14.41 4.00 -5.75
C LYS A 50 -13.01 3.80 -6.31
N ARG A 51 -12.02 3.61 -5.44
CA ARG A 51 -10.64 3.50 -5.91
C ARG A 51 -10.38 2.16 -6.61
N LEU A 52 -9.71 2.23 -7.75
CA LEU A 52 -9.35 1.04 -8.53
C LEU A 52 -7.84 0.77 -8.46
N ILE A 53 -7.04 1.81 -8.67
CA ILE A 53 -5.58 1.67 -8.79
C ILE A 53 -4.92 2.90 -8.15
N TYR A 54 -3.89 2.70 -7.30
CA TYR A 54 -3.37 3.84 -6.52
C TYR A 54 -1.97 4.38 -6.87
N LEU A 55 -0.96 3.51 -6.99
CA LEU A 55 0.31 3.97 -7.56
C LEU A 55 0.35 3.32 -8.93
N VAL A 56 0.59 4.12 -9.96
CA VAL A 56 0.26 3.77 -11.36
C VAL A 56 -0.23 2.34 -11.66
N SER A 57 0.44 1.32 -11.10
CA SER A 57 0.17 -0.08 -11.42
C SER A 57 -0.42 -0.93 -10.29
N LYS A 58 -0.54 -0.37 -9.09
CA LYS A 58 -1.01 -1.13 -7.93
C LYS A 58 -2.52 -1.17 -7.86
N LEU A 59 -3.05 -2.39 -7.72
CA LEU A 59 -4.48 -2.66 -7.72
C LEU A 59 -5.05 -2.56 -6.30
N ASP A 60 -6.19 -1.89 -6.15
CA ASP A 60 -6.79 -1.65 -4.85
C ASP A 60 -7.16 -2.95 -4.17
N SER A 61 -7.05 -2.95 -2.85
CA SER A 61 -7.29 -4.14 -2.01
C SER A 61 -8.57 -4.93 -2.33
N ARG A 62 -9.58 -4.27 -2.88
CA ARG A 62 -10.92 -4.86 -3.00
C ARG A 62 -11.35 -5.05 -4.47
N VAL A 63 -10.40 -4.94 -5.40
CA VAL A 63 -10.73 -4.93 -6.82
C VAL A 63 -10.17 -6.17 -7.53
N PRO A 64 -10.97 -6.80 -8.41
CA PRO A 64 -10.53 -7.97 -9.20
C PRO A 64 -9.35 -7.67 -10.13
N ASP A 65 -8.56 -8.69 -10.43
CA ASP A 65 -7.31 -8.53 -11.21
C ASP A 65 -7.48 -8.15 -12.70
N ARG A 66 -8.72 -8.11 -13.19
CA ARG A 66 -8.96 -7.71 -14.59
C ARG A 66 -8.67 -6.23 -14.92
N PHE A 67 -8.37 -5.42 -13.90
CA PHE A 67 -7.92 -4.04 -14.11
C PHE A 67 -6.39 -3.96 -14.02
N THR A 68 -5.78 -3.17 -14.91
CA THR A 68 -4.33 -3.11 -15.03
C THR A 68 -3.83 -1.69 -15.33
N GLY A 69 -3.02 -1.17 -14.42
CA GLY A 69 -2.48 0.19 -14.54
C GLY A 69 -1.09 0.18 -15.11
N SER A 70 -0.87 0.95 -16.16
CA SER A 70 0.44 1.06 -16.79
C SER A 70 0.83 2.53 -16.92
N GLY A 71 2.06 2.76 -17.38
CA GLY A 71 2.53 4.10 -17.73
C GLY A 71 3.55 4.70 -16.78
N ALA A 72 3.95 5.92 -17.11
CA ALA A 72 4.87 6.72 -16.31
C ALA A 72 4.91 8.16 -16.86
N GLY A 73 5.60 9.05 -16.15
CA GLY A 73 5.81 10.42 -16.62
C GLY A 73 4.53 11.22 -16.78
N THR A 74 4.02 11.28 -18.00
CA THR A 74 2.77 11.99 -18.30
C THR A 74 1.68 11.12 -18.94
N ASP A 75 2.06 9.93 -19.40
CA ASP A 75 1.16 9.04 -20.11
C ASP A 75 0.83 7.83 -19.28
N PHE A 76 -0.47 7.57 -19.11
CA PHE A 76 -0.93 6.44 -18.32
C PHE A 76 -2.13 5.79 -18.99
N THR A 77 -2.25 4.48 -18.83
CA THR A 77 -3.34 3.73 -19.43
C THR A 77 -3.96 2.73 -18.44
N LEU A 78 -5.28 2.82 -18.28
CA LEU A 78 -6.07 1.84 -17.55
C LEU A 78 -6.62 0.87 -18.58
N LYS A 79 -6.50 -0.43 -18.30
CA LYS A 79 -6.88 -1.46 -19.25
C LYS A 79 -7.70 -2.54 -18.55
N ILE A 80 -8.77 -2.98 -19.20
CA ILE A 80 -9.65 -4.02 -18.67
C ILE A 80 -9.59 -5.26 -19.56
N SER A 81 -9.26 -6.41 -18.97
CA SER A 81 -9.13 -7.66 -19.74
C SER A 81 -10.49 -8.14 -20.28
N ARG A 82 -11.54 -7.98 -19.50
CA ARG A 82 -12.89 -8.29 -19.96
C ARG A 82 -13.90 -7.39 -19.26
N VAL A 83 -14.58 -6.54 -20.03
CA VAL A 83 -15.56 -5.63 -19.46
C VAL A 83 -16.75 -6.43 -18.94
N GLU A 84 -17.03 -6.31 -17.65
CA GLU A 84 -18.18 -6.99 -17.06
C GLU A 84 -19.26 -5.97 -16.71
N ALA A 85 -20.45 -6.47 -16.36
CA ALA A 85 -21.61 -5.62 -16.14
C ALA A 85 -21.36 -4.53 -15.09
N GLU A 86 -20.58 -4.87 -14.06
CA GLU A 86 -20.37 -3.98 -12.91
C GLU A 86 -19.27 -2.93 -13.15
N ASP A 87 -18.72 -2.89 -14.36
CA ASP A 87 -17.65 -1.95 -14.71
C ASP A 87 -18.19 -0.71 -15.41
N LEU A 88 -19.50 -0.65 -15.62
CA LEU A 88 -20.11 0.40 -16.43
C LEU A 88 -20.28 1.66 -15.60
N GLY A 89 -19.91 2.80 -16.19
CA GLY A 89 -19.99 4.09 -15.52
C GLY A 89 -18.89 5.00 -15.99
N ILE A 90 -18.42 5.88 -15.11
CA ILE A 90 -17.37 6.83 -15.45
C ILE A 90 -16.06 6.40 -14.82
N TYR A 91 -14.96 6.61 -15.54
CA TYR A 91 -13.62 6.34 -15.03
C TYR A 91 -12.84 7.65 -14.90
N TYR A 92 -12.30 7.89 -13.72
CA TYR A 92 -11.55 9.12 -13.45
C TYR A 92 -10.13 8.79 -13.09
N CYS A 93 -9.19 9.49 -13.72
CA CYS A 93 -7.78 9.44 -13.30
C CYS A 93 -7.53 10.63 -12.39
N TRP A 94 -6.56 10.48 -11.50
CA TRP A 94 -6.36 11.46 -10.43
C TRP A 94 -4.88 11.56 -10.12
N GLN A 95 -4.40 12.78 -9.90
CA GLN A 95 -3.01 13.00 -9.52
C GLN A 95 -2.92 13.59 -8.13
N GLY A 96 -2.01 13.04 -7.31
CA GLY A 96 -1.74 13.55 -5.97
C GLY A 96 -0.32 14.04 -5.79
N THR A 97 0.42 14.18 -6.89
CA THR A 97 1.83 14.57 -6.85
C THR A 97 2.00 16.08 -6.64
N HIS A 98 1.17 16.85 -7.33
CA HIS A 98 1.26 18.30 -7.30
C HIS A 98 0.05 18.89 -6.61
N PHE A 99 0.30 19.99 -5.88
CA PHE A 99 -0.77 20.75 -5.24
C PHE A 99 -1.34 21.71 -6.28
N PRO A 100 -2.67 21.79 -6.39
CA PRO A 100 -3.67 21.01 -5.67
C PRO A 100 -3.92 19.66 -6.36
N GLN A 101 -4.58 18.74 -5.66
CA GLN A 101 -5.09 17.53 -6.30
C GLN A 101 -5.97 17.90 -7.48
N THR A 102 -5.94 17.08 -8.52
CA THR A 102 -6.77 17.32 -9.70
C THR A 102 -7.24 16.01 -10.33
N PHE A 103 -8.53 15.95 -10.66
CA PHE A 103 -9.14 14.79 -11.31
C PHE A 103 -9.26 15.02 -12.81
N GLY A 104 -9.28 13.93 -13.56
CA GLY A 104 -9.63 13.99 -14.97
C GLY A 104 -11.13 14.21 -15.13
N GLY A 105 -11.53 14.64 -16.32
CA GLY A 105 -12.93 14.94 -16.62
C GLY A 105 -13.83 13.71 -16.66
N GLY A 106 -13.22 12.53 -16.74
CA GLY A 106 -13.94 11.28 -16.68
C GLY A 106 -14.13 10.70 -18.06
N THR A 107 -14.10 9.37 -18.15
CA THR A 107 -14.40 8.66 -19.39
C THR A 107 -15.62 7.78 -19.13
N LYS A 108 -16.75 8.11 -19.76
CA LYS A 108 -17.95 7.29 -19.62
C LYS A 108 -17.78 6.02 -20.42
N LEU A 109 -18.26 4.92 -19.83
CA LEU A 109 -18.26 3.62 -20.48
C LEU A 109 -19.71 3.31 -20.84
N GLU A 110 -19.95 2.92 -22.08
CA GLU A 110 -21.32 2.66 -22.55
C GLU A 110 -21.35 1.47 -23.51
N ILE A 111 -22.44 0.70 -23.47
CA ILE A 111 -22.60 -0.50 -24.30
C ILE A 111 -22.81 -0.15 -25.77
N LYS A 112 -22.10 -0.88 -26.64
CA LYS A 112 -22.17 -0.66 -28.08
C LYS A 112 -23.37 -1.38 -28.67
N ARG A 113 -23.84 -0.89 -29.81
CA ARG A 113 -24.96 -1.50 -30.54
C ARG A 113 -25.14 -0.86 -31.92
N ALA A 114 -25.90 -1.52 -32.78
CA ALA A 114 -26.10 -1.04 -34.15
C ALA A 114 -26.85 0.29 -34.12
N ASP A 115 -26.46 1.21 -34.99
CA ASP A 115 -27.03 2.56 -34.99
C ASP A 115 -28.55 2.52 -35.18
N ALA A 116 -29.23 3.52 -34.63
CA ALA A 116 -30.70 3.60 -34.70
C ALA A 116 -31.13 5.06 -34.77
N ALA A 117 -32.02 5.37 -35.71
CA ALA A 117 -32.48 6.73 -35.91
C ALA A 117 -33.48 7.13 -34.82
N PRO A 118 -33.62 8.43 -34.56
CA PRO A 118 -34.59 8.92 -33.58
C PRO A 118 -36.03 8.86 -34.09
N THR A 119 -36.96 8.57 -33.19
CA THR A 119 -38.38 8.66 -33.50
C THR A 119 -38.88 10.01 -33.02
N VAL A 120 -38.86 10.98 -33.95
CA VAL A 120 -39.16 12.37 -33.64
C VAL A 120 -40.68 12.57 -33.44
N SER A 121 -41.06 13.18 -32.33
CA SER A 121 -42.47 13.50 -32.05
C SER A 121 -42.63 14.93 -31.51
N ILE A 122 -43.35 15.77 -32.24
CA ILE A 122 -43.57 17.18 -31.84
C ILE A 122 -44.95 17.36 -31.20
N PHE A 123 -45.01 18.22 -30.19
CA PHE A 123 -46.23 18.44 -29.41
C PHE A 123 -46.59 19.91 -29.30
N PRO A 124 -47.84 20.28 -29.64
CA PRO A 124 -48.25 21.66 -29.45
C PRO A 124 -48.52 21.95 -27.97
N PRO A 125 -48.67 23.23 -27.61
CA PRO A 125 -48.98 23.53 -26.22
C PRO A 125 -50.40 23.12 -25.87
N SER A 126 -50.61 22.67 -24.65
CA SER A 126 -51.94 22.30 -24.17
C SER A 126 -52.75 23.56 -23.90
N SER A 127 -54.06 23.46 -24.08
CA SER A 127 -54.96 24.59 -23.81
C SER A 127 -54.96 24.94 -22.32
N GLU A 128 -54.71 23.94 -21.46
CA GLU A 128 -54.59 24.16 -20.02
C GLU A 128 -53.48 25.15 -19.73
N GLN A 129 -52.34 24.96 -20.40
CA GLN A 129 -51.20 25.86 -20.25
C GLN A 129 -51.53 27.24 -20.83
N LEU A 130 -52.22 27.25 -21.95
CA LEU A 130 -52.55 28.50 -22.65
C LEU A 130 -53.49 29.38 -21.84
N THR A 131 -54.30 28.77 -20.98
CA THR A 131 -55.16 29.53 -20.06
C THR A 131 -54.32 30.35 -19.06
N SER A 132 -53.14 29.82 -18.72
CA SER A 132 -52.20 30.53 -17.86
C SER A 132 -51.23 31.43 -18.65
N GLY A 133 -51.48 31.57 -19.95
CA GLY A 133 -50.70 32.47 -20.80
C GLY A 133 -49.30 31.98 -21.13
N GLY A 134 -49.10 30.67 -21.04
CA GLY A 134 -47.82 30.05 -21.40
C GLY A 134 -47.98 29.16 -22.61
N ALA A 135 -46.88 28.96 -23.34
CA ALA A 135 -46.89 28.08 -24.51
C ALA A 135 -45.53 27.38 -24.67
N SER A 136 -45.49 26.09 -24.31
CA SER A 136 -44.30 25.28 -24.48
C SER A 136 -44.51 24.32 -25.64
N VAL A 137 -43.58 24.32 -26.60
CA VAL A 137 -43.62 23.39 -27.72
C VAL A 137 -42.58 22.30 -27.47
N VAL A 138 -43.04 21.10 -27.15
CA VAL A 138 -42.17 20.01 -26.78
C VAL A 138 -41.84 19.13 -27.98
N CYS A 139 -40.60 18.65 -28.04
CA CYS A 139 -40.19 17.73 -29.09
C CYS A 139 -39.37 16.57 -28.51
N PHE A 140 -39.87 15.35 -28.69
CA PHE A 140 -39.12 14.16 -28.30
C PHE A 140 -38.31 13.61 -29.48
N LEU A 141 -37.03 13.34 -29.25
CA LEU A 141 -36.20 12.58 -30.20
C LEU A 141 -35.86 11.25 -29.54
N ASN A 142 -36.77 10.28 -29.65
CA ASN A 142 -36.74 9.08 -28.81
C ASN A 142 -35.97 7.90 -29.39
N ASN A 143 -35.28 7.19 -28.50
CA ASN A 143 -34.67 5.88 -28.79
C ASN A 143 -33.75 5.86 -30.00
N PHE A 144 -32.63 6.60 -29.92
CA PHE A 144 -31.63 6.64 -30.99
C PHE A 144 -30.26 6.21 -30.48
N TYR A 145 -29.34 5.98 -31.41
CA TYR A 145 -27.96 5.66 -31.08
C TYR A 145 -27.03 6.02 -32.23
N PRO A 146 -25.85 6.63 -31.95
CA PRO A 146 -25.27 6.95 -30.65
C PRO A 146 -25.70 8.30 -30.05
N LYS A 147 -25.13 8.63 -28.90
CA LYS A 147 -25.49 9.80 -28.09
C LYS A 147 -25.62 11.13 -28.85
N ASP A 148 -24.70 11.39 -29.78
CA ASP A 148 -24.59 12.72 -30.41
C ASP A 148 -25.74 12.94 -31.37
N ILE A 149 -26.46 14.05 -31.18
CA ILE A 149 -27.60 14.37 -32.02
C ILE A 149 -27.83 15.88 -32.05
N ASN A 150 -28.48 16.36 -33.12
CA ASN A 150 -28.68 17.78 -33.35
C ASN A 150 -30.16 18.11 -33.52
N VAL A 151 -30.63 19.12 -32.79
CA VAL A 151 -31.99 19.60 -32.95
C VAL A 151 -31.91 20.97 -33.58
N LYS A 152 -32.95 21.31 -34.36
CA LYS A 152 -33.11 22.66 -34.87
C LYS A 152 -34.60 23.03 -34.79
N TRP A 153 -34.88 24.23 -34.31
CA TRP A 153 -36.25 24.72 -34.23
C TRP A 153 -36.49 25.76 -35.31
N LYS A 154 -37.67 25.68 -35.94
CA LYS A 154 -38.09 26.70 -36.88
C LYS A 154 -39.49 27.18 -36.53
N ILE A 155 -39.75 28.45 -36.82
CA ILE A 155 -41.07 29.06 -36.65
C ILE A 155 -41.38 29.77 -37.95
N ASP A 156 -42.49 29.40 -38.59
CA ASP A 156 -42.80 29.89 -39.94
C ASP A 156 -41.57 29.75 -40.84
N GLY A 157 -40.94 28.58 -40.78
CA GLY A 157 -39.75 28.29 -41.59
C GLY A 157 -38.47 29.03 -41.22
N SER A 158 -38.51 29.87 -40.19
CA SER A 158 -37.34 30.66 -39.78
C SER A 158 -36.72 30.11 -38.50
N GLU A 159 -35.39 30.05 -38.45
CA GLU A 159 -34.68 29.36 -37.37
C GLU A 159 -34.90 30.03 -36.00
N ARG A 160 -34.93 29.21 -34.95
CA ARG A 160 -35.17 29.69 -33.59
C ARG A 160 -34.17 29.04 -32.62
N GLN A 161 -33.46 29.88 -31.86
CA GLN A 161 -32.49 29.42 -30.87
C GLN A 161 -32.84 29.90 -29.47
N ASN A 162 -33.25 31.16 -29.35
CA ASN A 162 -33.73 31.71 -28.09
C ASN A 162 -34.91 30.91 -27.54
N GLY A 163 -34.83 30.57 -26.25
CA GLY A 163 -35.94 29.94 -25.54
C GLY A 163 -36.05 28.44 -25.75
N VAL A 164 -35.02 27.81 -26.29
CA VAL A 164 -35.00 26.36 -26.44
C VAL A 164 -34.20 25.79 -25.29
N LEU A 165 -34.78 24.81 -24.60
CA LEU A 165 -34.05 24.02 -23.59
C LEU A 165 -34.06 22.55 -23.95
N ASN A 166 -32.93 21.89 -23.72
CA ASN A 166 -32.74 20.50 -24.12
C ASN A 166 -32.37 19.63 -22.93
N SER A 167 -32.47 18.30 -23.10
CA SER A 167 -32.13 17.36 -22.04
C SER A 167 -31.97 15.95 -22.58
N GLU A 168 -30.73 15.45 -22.62
CA GLU A 168 -30.48 14.06 -22.98
C GLU A 168 -30.71 13.14 -21.77
N THR A 169 -31.18 11.92 -22.01
CA THR A 169 -31.26 10.90 -20.98
C THR A 169 -29.94 10.14 -20.93
N ASP A 170 -29.77 9.30 -19.91
CA ASP A 170 -28.66 8.36 -19.87
C ASP A 170 -28.97 7.23 -20.83
N GLN A 171 -28.00 6.32 -21.01
CA GLN A 171 -28.21 5.15 -21.85
C GLN A 171 -29.25 4.23 -21.21
N ASP A 172 -30.12 3.67 -22.03
CA ASP A 172 -31.13 2.75 -21.54
C ASP A 172 -30.48 1.41 -21.17
N SER A 173 -30.89 0.88 -20.03
CA SER A 173 -30.36 -0.38 -19.52
C SER A 173 -30.90 -1.62 -20.23
N LYS A 174 -31.82 -1.45 -21.18
CA LYS A 174 -32.47 -2.59 -21.84
C LYS A 174 -32.22 -2.68 -23.34
N ASP A 175 -32.33 -1.56 -24.05
CA ASP A 175 -32.07 -1.52 -25.50
C ASP A 175 -30.84 -0.69 -25.90
N SER A 176 -30.18 -0.08 -24.92
CA SER A 176 -28.94 0.69 -25.14
C SER A 176 -29.09 1.95 -26.02
N THR A 177 -30.31 2.43 -26.22
CA THR A 177 -30.53 3.66 -26.98
C THR A 177 -30.54 4.87 -26.04
N TYR A 178 -30.30 6.04 -26.62
CA TYR A 178 -30.41 7.29 -25.90
C TYR A 178 -31.67 8.00 -26.37
N SER A 179 -32.13 8.96 -25.57
CA SER A 179 -33.26 9.82 -25.95
C SER A 179 -32.99 11.25 -25.52
N MET A 180 -33.67 12.20 -26.16
CA MET A 180 -33.43 13.62 -25.91
C MET A 180 -34.65 14.48 -26.14
N SER A 181 -34.93 15.34 -25.16
CA SER A 181 -36.04 16.28 -25.26
C SER A 181 -35.55 17.66 -25.68
N SER A 182 -36.36 18.36 -26.47
CA SER A 182 -36.08 19.74 -26.87
C SER A 182 -37.34 20.56 -26.66
N THR A 183 -37.20 21.72 -26.04
CA THR A 183 -38.36 22.44 -25.54
C THR A 183 -38.24 23.94 -25.79
N LEU A 184 -38.91 24.40 -26.85
CA LEU A 184 -39.10 25.83 -27.09
C LEU A 184 -40.17 26.32 -26.12
N THR A 185 -39.87 27.36 -25.37
CA THR A 185 -40.81 27.90 -24.39
C THR A 185 -41.15 29.34 -24.79
N LEU A 186 -42.45 29.63 -24.86
CA LEU A 186 -42.92 30.94 -25.31
C LEU A 186 -44.09 31.44 -24.47
N THR A 187 -44.37 32.74 -24.57
CA THR A 187 -45.60 33.30 -24.02
C THR A 187 -46.73 33.12 -25.04
N LYS A 188 -47.97 33.15 -24.56
CA LYS A 188 -49.14 32.97 -25.42
C LYS A 188 -49.22 34.04 -26.51
N ASP A 189 -48.96 35.29 -26.15
CA ASP A 189 -48.94 36.38 -27.13
C ASP A 189 -47.88 36.11 -28.21
N GLU A 190 -46.68 35.71 -27.79
CA GLU A 190 -45.61 35.34 -28.72
C GLU A 190 -46.04 34.15 -29.61
N TYR A 191 -46.67 33.17 -28.98
CA TYR A 191 -47.02 31.93 -29.66
C TYR A 191 -48.07 32.16 -30.74
N GLU A 192 -49.06 32.99 -30.44
CA GLU A 192 -50.16 33.25 -31.39
C GLU A 192 -49.74 34.11 -32.58
N ARG A 193 -48.61 34.80 -32.48
CA ARG A 193 -48.06 35.60 -33.58
C ARG A 193 -47.58 34.76 -34.78
N HIS A 194 -47.41 33.46 -34.61
CA HIS A 194 -46.96 32.58 -35.70
C HIS A 194 -47.83 31.35 -35.83
N ASN A 195 -47.76 30.70 -37.00
CA ASN A 195 -48.60 29.55 -37.32
C ASN A 195 -47.83 28.23 -37.28
N THR A 196 -46.78 28.12 -38.10
CA THR A 196 -45.98 26.90 -38.19
C THR A 196 -44.95 26.83 -37.07
N TYR A 197 -44.79 25.62 -36.52
CA TYR A 197 -43.73 25.32 -35.55
C TYR A 197 -43.13 23.98 -35.92
N THR A 198 -41.83 23.99 -36.21
CA THR A 198 -41.15 22.83 -36.78
C THR A 198 -39.99 22.37 -35.91
N CYS A 199 -39.91 21.06 -35.72
CA CYS A 199 -38.81 20.43 -35.00
C CYS A 199 -38.03 19.60 -36.00
N GLU A 200 -36.73 19.88 -36.08
CA GLU A 200 -35.87 19.31 -37.14
C GLU A 200 -34.69 18.56 -36.50
N ALA A 201 -34.62 17.25 -36.76
CA ALA A 201 -33.64 16.37 -36.09
C ALA A 201 -32.57 15.84 -37.04
N THR A 202 -31.31 16.17 -36.78
CA THR A 202 -30.18 15.72 -37.60
C THR A 202 -29.28 14.78 -36.81
N HIS A 203 -29.13 13.56 -37.32
CA HIS A 203 -28.40 12.49 -36.64
C HIS A 203 -27.52 11.79 -37.68
N LYS A 204 -26.53 11.02 -37.23
CA LYS A 204 -25.57 10.40 -38.15
C LYS A 204 -26.13 9.21 -38.94
N THR A 205 -27.36 8.79 -38.66
CA THR A 205 -28.02 7.76 -39.46
C THR A 205 -28.35 8.24 -40.87
N SER A 206 -28.69 9.51 -41.02
CA SER A 206 -29.00 10.08 -42.33
C SER A 206 -28.46 11.50 -42.46
N THR A 207 -28.12 11.89 -43.69
CA THR A 207 -27.78 13.27 -43.99
C THR A 207 -29.04 14.14 -44.00
N SER A 208 -30.18 13.52 -44.36
CA SER A 208 -31.47 14.21 -44.35
C SER A 208 -31.98 14.39 -42.93
N PRO A 209 -32.29 15.65 -42.53
CA PRO A 209 -32.92 15.83 -41.23
C PRO A 209 -34.31 15.21 -41.18
N ILE A 210 -34.66 14.64 -40.03
CA ILE A 210 -36.01 14.14 -39.78
C ILE A 210 -36.88 15.30 -39.30
N VAL A 211 -37.81 15.72 -40.15
CA VAL A 211 -38.61 16.90 -39.88
C VAL A 211 -39.99 16.53 -39.34
N LYS A 212 -40.47 17.31 -38.38
CA LYS A 212 -41.77 17.09 -37.76
C LYS A 212 -42.33 18.45 -37.37
N SER A 213 -43.51 18.81 -37.87
CA SER A 213 -44.07 20.13 -37.59
C SER A 213 -45.59 20.13 -37.50
N PHE A 214 -46.15 21.28 -37.14
CA PHE A 214 -47.60 21.46 -37.08
C PHE A 214 -47.97 22.92 -37.28
N ASN A 215 -49.23 23.17 -37.62
CA ASN A 215 -49.77 24.52 -37.78
C ASN A 215 -50.86 24.80 -36.76
N ARG A 216 -50.79 25.96 -36.11
CA ARG A 216 -51.79 26.36 -35.11
C ARG A 216 -53.24 26.29 -35.61
N ASN A 217 -53.48 26.64 -36.86
CA ASN A 217 -54.84 26.60 -37.42
C ASN A 217 -55.25 25.20 -37.93
N GLU A 218 -55.06 24.19 -37.09
CA GLU A 218 -55.49 22.80 -37.35
C GLU A 218 -54.88 21.85 -36.32
N ASP B 1 -30.05 -9.31 -9.36
CA ASP B 1 -29.93 -9.85 -7.98
C ASP B 1 -29.35 -11.26 -7.99
N VAL B 2 -28.36 -11.49 -7.11
CA VAL B 2 -27.61 -12.75 -7.10
C VAL B 2 -28.51 -13.88 -6.62
N GLN B 3 -28.62 -14.94 -7.40
CA GLN B 3 -29.49 -16.07 -7.07
C GLN B 3 -28.88 -17.35 -7.61
N LEU B 4 -28.95 -18.43 -6.84
CA LEU B 4 -28.29 -19.68 -7.19
C LEU B 4 -29.24 -20.89 -7.24
N ARG B 5 -28.92 -21.81 -8.15
CA ARG B 5 -29.79 -22.92 -8.50
C ARG B 5 -28.94 -24.16 -8.78
N GLU B 6 -28.89 -25.09 -7.83
CA GLU B 6 -28.16 -26.33 -8.04
C GLU B 6 -29.08 -27.38 -8.64
N SER B 7 -28.51 -28.27 -9.44
CA SER B 7 -29.26 -29.29 -10.16
C SER B 7 -28.37 -30.44 -10.57
N GLY B 8 -28.96 -31.62 -10.67
CA GLY B 8 -28.25 -32.83 -11.04
C GLY B 8 -28.80 -34.03 -10.26
N PRO B 9 -28.51 -35.24 -10.72
CA PRO B 9 -29.01 -36.47 -10.11
C PRO B 9 -28.90 -36.50 -8.59
N ASP B 10 -29.99 -36.90 -7.93
CA ASP B 10 -30.03 -37.07 -6.47
C ASP B 10 -29.77 -38.51 -6.01
N LEU B 11 -29.59 -39.41 -6.98
CA LEU B 11 -29.16 -40.79 -6.73
C LEU B 11 -27.87 -41.08 -7.48
N VAL B 12 -26.84 -41.55 -6.76
CA VAL B 12 -25.64 -42.08 -7.39
C VAL B 12 -25.22 -43.38 -6.70
N THR B 13 -24.66 -44.32 -7.48
CA THR B 13 -24.20 -45.59 -6.93
C THR B 13 -22.80 -45.46 -6.31
N PRO B 14 -22.53 -46.23 -5.22
CA PRO B 14 -21.28 -46.20 -4.48
C PRO B 14 -20.01 -46.04 -5.30
N SER B 15 -19.69 -46.99 -6.17
CA SER B 15 -18.46 -46.91 -6.96
C SER B 15 -18.35 -45.57 -7.70
N GLN B 16 -19.44 -45.18 -8.36
CA GLN B 16 -19.42 -44.12 -9.39
C GLN B 16 -19.31 -42.69 -8.83
N SER B 17 -19.27 -41.71 -9.75
CA SER B 17 -19.03 -40.30 -9.42
C SER B 17 -20.31 -39.47 -9.23
N LEU B 18 -20.20 -38.45 -8.40
CA LEU B 18 -21.30 -37.52 -8.11
C LEU B 18 -21.05 -36.20 -8.82
N SER B 19 -21.97 -35.83 -9.71
CA SER B 19 -21.88 -34.57 -10.44
C SER B 19 -23.08 -33.68 -10.17
N LEU B 20 -22.83 -32.38 -9.98
CA LEU B 20 -23.87 -31.39 -9.80
C LEU B 20 -23.54 -30.13 -10.58
N THR B 21 -24.53 -29.26 -10.72
CA THR B 21 -24.42 -28.04 -11.51
C THR B 21 -25.09 -26.88 -10.78
N CYS B 22 -24.35 -25.79 -10.58
CA CYS B 22 -24.88 -24.57 -9.97
C CYS B 22 -25.08 -23.51 -11.05
N THR B 23 -26.32 -23.10 -11.26
CA THR B 23 -26.63 -22.04 -12.22
C THR B 23 -26.78 -20.72 -11.47
N VAL B 24 -26.01 -19.71 -11.90
CA VAL B 24 -26.02 -18.39 -11.25
C VAL B 24 -26.72 -17.36 -12.14
N THR B 25 -27.52 -16.50 -11.53
CA THR B 25 -28.20 -15.42 -12.24
C THR B 25 -28.08 -14.11 -11.47
N GLY B 26 -28.10 -13.00 -12.19
CA GLY B 26 -27.96 -11.67 -11.59
C GLY B 26 -26.53 -11.27 -11.30
N TYR B 27 -25.58 -12.14 -11.63
CA TYR B 27 -24.16 -11.87 -11.42
C TYR B 27 -23.30 -12.82 -12.25
N SER B 28 -22.12 -12.33 -12.65
CA SER B 28 -21.22 -13.10 -13.51
C SER B 28 -20.12 -13.77 -12.69
N ILE B 29 -19.95 -15.07 -12.91
CA ILE B 29 -18.91 -15.87 -12.24
C ILE B 29 -17.52 -15.31 -12.50
N THR B 30 -17.34 -14.70 -13.65
CA THR B 30 -16.02 -14.24 -14.10
C THR B 30 -15.74 -12.76 -13.80
N SER B 31 -16.48 -12.17 -12.86
CA SER B 31 -16.30 -10.76 -12.54
C SER B 31 -15.75 -10.51 -11.13
N GLY B 32 -16.21 -11.31 -10.17
CA GLY B 32 -16.12 -10.89 -8.77
C GLY B 32 -15.52 -11.84 -7.76
N TYR B 33 -16.29 -12.84 -7.35
CA TYR B 33 -16.04 -13.51 -6.08
C TYR B 33 -15.47 -14.91 -6.23
N SER B 34 -15.25 -15.57 -5.10
CA SER B 34 -15.01 -17.00 -5.06
C SER B 34 -16.37 -17.70 -5.00
N TRP B 35 -16.47 -18.85 -5.69
CA TRP B 35 -17.73 -19.56 -5.85
C TRP B 35 -17.62 -20.96 -5.28
N HIS B 36 -18.43 -21.24 -4.26
CA HIS B 36 -18.20 -22.38 -3.37
C HIS B 36 -19.19 -23.52 -3.56
N TRP B 37 -18.76 -24.70 -3.15
CA TRP B 37 -19.64 -25.85 -2.97
C TRP B 37 -19.54 -26.29 -1.51
N ASN B 38 -20.68 -26.41 -0.84
CA ASN B 38 -20.76 -26.93 0.53
C ASN B 38 -21.74 -28.11 0.58
N ARG B 39 -21.82 -28.74 1.74
CA ARG B 39 -22.82 -29.79 1.94
C ARG B 39 -23.17 -29.96 3.41
N GLN B 40 -24.43 -30.30 3.67
CA GLN B 40 -24.90 -30.55 5.02
C GLN B 40 -25.27 -32.02 5.16
N PHE B 41 -24.64 -32.70 6.11
CA PHE B 41 -24.87 -34.13 6.32
C PHE B 41 -26.24 -34.39 6.96
N PRO B 42 -26.67 -35.66 7.03
CA PRO B 42 -27.96 -35.98 7.69
C PRO B 42 -28.00 -35.64 9.17
N GLY B 43 -26.86 -35.74 9.86
CA GLY B 43 -26.68 -35.01 11.13
C GLY B 43 -26.80 -33.55 10.73
N ASN B 44 -26.56 -32.60 11.62
CA ASN B 44 -26.68 -31.20 11.21
C ASN B 44 -25.38 -30.51 10.75
N LYS B 45 -24.26 -31.24 10.69
CA LYS B 45 -22.97 -30.62 10.35
C LYS B 45 -22.85 -30.19 8.90
N LEU B 46 -22.34 -28.97 8.72
CA LEU B 46 -22.00 -28.44 7.40
C LEU B 46 -20.52 -28.65 7.15
N GLU B 47 -20.15 -28.81 5.88
CA GLU B 47 -18.75 -28.91 5.48
C GLU B 47 -18.45 -28.02 4.29
N TRP B 48 -17.27 -27.40 4.29
CA TRP B 48 -16.77 -26.71 3.11
C TRP B 48 -16.04 -27.72 2.23
N MET B 49 -16.42 -27.77 0.95
CA MET B 49 -15.85 -28.73 0.00
C MET B 49 -14.75 -28.10 -0.84
N GLY B 50 -15.05 -26.94 -1.42
CA GLY B 50 -14.10 -26.24 -2.27
C GLY B 50 -14.67 -24.96 -2.83
N TYR B 51 -13.88 -24.29 -3.68
CA TYR B 51 -14.38 -23.15 -4.44
C TYR B 51 -13.61 -22.98 -5.75
N ILE B 52 -14.03 -22.00 -6.54
CA ILE B 52 -13.35 -21.63 -7.79
C ILE B 52 -13.50 -20.13 -8.05
N HIS B 53 -12.39 -19.41 -8.05
CA HIS B 53 -12.40 -17.95 -8.26
C HIS B 53 -12.89 -17.56 -9.66
N TYR B 54 -13.15 -16.27 -9.84
CA TYR B 54 -13.39 -15.69 -11.15
C TYR B 54 -12.23 -15.93 -12.13
N SER B 55 -11.01 -16.00 -11.59
CA SER B 55 -9.83 -16.28 -12.39
C SER B 55 -9.79 -17.71 -12.95
N GLY B 56 -10.48 -18.64 -12.30
CA GLY B 56 -10.45 -20.05 -12.68
C GLY B 56 -9.62 -20.88 -11.72
N SER B 57 -9.03 -20.20 -10.74
CA SER B 57 -8.21 -20.84 -9.73
C SER B 57 -9.12 -21.62 -8.77
N THR B 58 -8.70 -22.82 -8.37
CA THR B 58 -9.50 -23.66 -7.47
C THR B 58 -8.79 -23.97 -6.15
N ASN B 59 -9.58 -24.32 -5.14
CA ASN B 59 -9.06 -24.77 -3.86
C ASN B 59 -10.07 -25.70 -3.19
N TYR B 60 -9.57 -26.77 -2.54
CA TYR B 60 -10.43 -27.84 -2.04
C TYR B 60 -10.09 -28.22 -0.60
N ASN B 61 -11.10 -28.61 0.17
CA ASN B 61 -10.91 -29.11 1.53
C ASN B 61 -10.08 -30.38 1.50
N PRO B 62 -8.98 -30.44 2.29
CA PRO B 62 -8.22 -31.68 2.42
C PRO B 62 -9.06 -32.91 2.79
N SER B 63 -10.13 -32.71 3.56
CA SER B 63 -10.97 -33.83 4.03
C SER B 63 -11.62 -34.62 2.90
N LEU B 64 -11.88 -33.95 1.78
CA LEU B 64 -12.26 -34.62 0.53
C LEU B 64 -10.99 -35.11 -0.16
N ARG B 65 -10.48 -36.24 0.31
CA ARG B 65 -9.10 -36.68 0.06
C ARG B 65 -8.48 -36.10 -1.23
N GLY B 66 -8.83 -36.67 -2.37
CA GLY B 66 -8.45 -36.08 -3.66
C GLY B 66 -9.53 -36.28 -4.70
N ARG B 67 -10.77 -36.41 -4.23
CA ARG B 67 -11.86 -36.90 -5.07
C ARG B 67 -12.59 -35.74 -5.74
N ILE B 68 -12.39 -34.52 -5.23
CA ILE B 68 -13.19 -33.38 -5.67
C ILE B 68 -12.55 -32.66 -6.85
N SER B 69 -13.40 -32.27 -7.80
CA SER B 69 -13.01 -31.46 -8.93
C SER B 69 -14.13 -30.46 -9.20
N ILE B 70 -13.87 -29.18 -8.96
CA ILE B 70 -14.81 -28.12 -9.30
C ILE B 70 -14.38 -27.51 -10.62
N THR B 71 -15.23 -27.66 -11.64
CA THR B 71 -14.98 -27.09 -12.96
C THR B 71 -15.93 -25.90 -13.17
N ARG B 72 -16.14 -25.50 -14.42
CA ARG B 72 -16.81 -24.24 -14.72
C ARG B 72 -17.30 -24.15 -16.17
N ASP B 73 -18.26 -23.26 -16.40
CA ASP B 73 -18.72 -22.94 -17.75
C ASP B 73 -19.18 -21.48 -17.84
N THR B 74 -18.25 -20.61 -18.20
CA THR B 74 -18.51 -19.18 -18.37
C THR B 74 -19.67 -18.91 -19.32
N SER B 75 -19.75 -19.69 -20.40
CA SER B 75 -20.76 -19.49 -21.45
C SER B 75 -22.17 -19.36 -20.87
N LYS B 76 -22.58 -20.34 -20.05
CA LYS B 76 -23.92 -20.36 -19.45
C LYS B 76 -23.93 -19.81 -18.01
N ASN B 77 -22.77 -19.36 -17.55
CA ASN B 77 -22.62 -18.84 -16.19
C ASN B 77 -22.98 -19.90 -15.16
N GLN B 78 -22.26 -21.01 -15.21
CA GLN B 78 -22.45 -22.13 -14.29
C GLN B 78 -21.11 -22.64 -13.79
N PHE B 79 -21.11 -23.21 -12.58
CA PHE B 79 -19.95 -23.98 -12.11
C PHE B 79 -20.41 -25.33 -11.57
N PHE B 80 -19.56 -26.33 -11.73
CA PHE B 80 -19.95 -27.72 -11.48
C PHE B 80 -19.13 -28.33 -10.36
N LEU B 81 -19.77 -29.20 -9.59
CA LEU B 81 -19.08 -30.05 -8.62
C LEU B 81 -18.92 -31.43 -9.24
N GLN B 82 -17.75 -32.01 -9.06
CA GLN B 82 -17.52 -33.42 -9.36
C GLN B 82 -16.82 -34.06 -8.19
N LEU B 83 -17.44 -35.09 -7.61
CA LEU B 83 -16.91 -35.80 -6.47
C LEU B 83 -16.86 -37.27 -6.84
N ASN B 84 -15.65 -37.81 -6.94
CA ASN B 84 -15.44 -39.19 -7.39
C ASN B 84 -15.39 -40.15 -6.21
N SER B 85 -15.21 -41.44 -6.50
CA SER B 85 -14.98 -42.47 -5.48
C SER B 85 -15.96 -42.31 -4.31
N VAL B 86 -17.23 -42.12 -4.65
CA VAL B 86 -18.26 -41.76 -3.67
C VAL B 86 -18.60 -42.97 -2.80
N THR B 87 -19.09 -42.71 -1.59
CA THR B 87 -19.57 -43.78 -0.71
C THR B 87 -20.87 -43.33 -0.05
N THR B 88 -21.38 -44.18 0.84
CA THR B 88 -22.62 -43.91 1.56
C THR B 88 -22.44 -42.70 2.50
N GLU B 89 -21.22 -42.50 2.98
CA GLU B 89 -20.85 -41.35 3.83
C GLU B 89 -21.06 -40.01 3.12
N ASP B 90 -21.06 -40.03 1.79
CA ASP B 90 -21.22 -38.81 1.00
C ASP B 90 -22.69 -38.46 0.73
N THR B 91 -23.61 -39.18 1.37
CA THR B 91 -25.02 -38.83 1.35
C THR B 91 -25.21 -37.57 2.16
N ALA B 92 -25.64 -36.50 1.49
CA ALA B 92 -25.76 -35.18 2.11
C ALA B 92 -26.58 -34.25 1.24
N THR B 93 -26.88 -33.07 1.78
CA THR B 93 -27.56 -32.01 1.03
C THR B 93 -26.49 -31.05 0.52
N TYR B 94 -26.52 -30.76 -0.78
CA TYR B 94 -25.43 -30.03 -1.44
C TYR B 94 -25.80 -28.60 -1.82
N TYR B 95 -25.12 -27.62 -1.20
CA TYR B 95 -25.35 -26.20 -1.46
C TYR B 95 -24.21 -25.58 -2.24
N CYS B 96 -24.54 -24.80 -3.27
CA CYS B 96 -23.56 -23.93 -3.91
C CYS B 96 -23.81 -22.51 -3.41
N ALA B 97 -22.77 -21.69 -3.38
CA ALA B 97 -22.88 -20.37 -2.76
C ALA B 97 -21.79 -19.38 -3.20
N ARG B 98 -22.17 -18.10 -3.25
CA ARG B 98 -21.21 -17.03 -3.48
C ARG B 98 -20.75 -16.47 -2.15
N TYR B 99 -19.50 -16.04 -2.10
CA TYR B 99 -18.84 -15.67 -0.85
C TYR B 99 -19.59 -14.62 -0.01
N GLY B 100 -20.26 -13.67 -0.66
CA GLY B 100 -20.91 -12.57 0.06
C GLY B 100 -22.21 -12.90 0.79
N GLY B 101 -22.38 -14.15 1.20
CA GLY B 101 -23.59 -14.57 1.92
C GLY B 101 -24.78 -14.80 1.02
N TYR B 102 -24.54 -15.40 -0.15
CA TYR B 102 -25.60 -15.78 -1.08
C TYR B 102 -25.61 -17.30 -1.26
N TRP B 103 -26.63 -17.95 -0.70
CA TRP B 103 -26.74 -19.42 -0.77
C TRP B 103 -27.76 -19.88 -1.80
N GLY B 104 -27.51 -21.06 -2.37
CA GLY B 104 -28.48 -21.73 -3.21
C GLY B 104 -29.55 -22.39 -2.37
N GLN B 105 -30.42 -23.14 -3.02
CA GLN B 105 -31.55 -23.81 -2.37
C GLN B 105 -31.10 -25.16 -1.80
N GLY B 106 -30.28 -25.87 -2.56
CA GLY B 106 -29.67 -27.12 -2.12
C GLY B 106 -30.52 -28.31 -2.52
N THR B 107 -29.87 -29.33 -3.08
CA THR B 107 -30.55 -30.60 -3.42
C THR B 107 -30.08 -31.70 -2.49
N SER B 108 -31.04 -32.43 -1.93
CA SER B 108 -30.73 -33.61 -1.14
C SER B 108 -30.24 -34.67 -2.10
N VAL B 109 -29.00 -35.12 -1.91
CA VAL B 109 -28.43 -36.21 -2.69
C VAL B 109 -28.27 -37.46 -1.81
N THR B 110 -28.63 -38.62 -2.36
CA THR B 110 -28.55 -39.89 -1.64
C THR B 110 -27.61 -40.83 -2.42
N VAL B 111 -26.82 -41.62 -1.69
CA VAL B 111 -25.91 -42.59 -2.31
C VAL B 111 -26.25 -44.01 -1.84
N SER B 112 -26.68 -44.86 -2.78
CA SER B 112 -27.10 -46.22 -2.44
C SER B 112 -27.00 -47.21 -3.61
N SER B 113 -26.80 -48.49 -3.28
CA SER B 113 -26.89 -49.58 -4.25
C SER B 113 -28.26 -50.22 -4.13
N ALA B 114 -29.31 -49.40 -4.14
CA ALA B 114 -30.67 -49.87 -3.90
C ALA B 114 -31.53 -49.67 -5.13
N LYS B 115 -32.42 -50.63 -5.40
CA LYS B 115 -33.38 -50.51 -6.49
C LYS B 115 -34.64 -49.83 -5.98
N THR B 116 -35.40 -49.21 -6.89
CA THR B 116 -36.71 -48.67 -6.55
C THR B 116 -37.57 -49.79 -5.97
N THR B 117 -38.11 -49.57 -4.78
CA THR B 117 -38.83 -50.61 -4.07
C THR B 117 -40.10 -50.03 -3.45
N PRO B 118 -41.26 -50.64 -3.73
CA PRO B 118 -42.48 -50.19 -3.07
C PRO B 118 -42.53 -50.60 -1.58
N PRO B 119 -43.18 -49.79 -0.75
CA PRO B 119 -43.24 -50.05 0.69
C PRO B 119 -44.18 -51.19 1.05
N SER B 120 -43.99 -51.76 2.24
CA SER B 120 -44.98 -52.62 2.84
C SER B 120 -45.68 -51.82 3.93
N VAL B 121 -47.01 -51.79 3.88
CA VAL B 121 -47.81 -51.06 4.87
C VAL B 121 -48.46 -52.07 5.80
N TYR B 122 -48.14 -51.98 7.10
CA TYR B 122 -48.73 -52.85 8.10
C TYR B 122 -49.46 -52.01 9.14
N PRO B 123 -50.59 -52.53 9.66
CA PRO B 123 -51.39 -51.79 10.64
C PRO B 123 -50.84 -51.92 12.05
N LEU B 124 -50.95 -50.85 12.84
CA LEU B 124 -50.53 -50.88 14.25
C LEU B 124 -51.72 -50.61 15.16
N ALA B 125 -52.21 -51.67 15.82
CA ALA B 125 -53.32 -51.58 16.75
C ALA B 125 -52.96 -52.27 18.06
N PRO B 126 -53.62 -51.90 19.17
CA PRO B 126 -53.36 -52.59 20.43
C PRO B 126 -54.13 -53.90 20.50
N GLY B 127 -53.97 -54.66 21.59
CA GLY B 127 -54.65 -55.94 21.75
C GLY B 127 -54.59 -56.47 23.17
N GLY B 128 -55.65 -57.16 23.59
CA GLY B 128 -55.72 -57.71 24.94
C GLY B 128 -56.06 -56.65 25.97
N GLY B 129 -55.06 -55.84 26.34
CA GLY B 129 -55.25 -54.74 27.30
C GLY B 129 -55.67 -53.43 26.66
N ALA B 130 -56.64 -52.74 27.29
CA ALA B 130 -57.10 -51.42 26.84
C ALA B 130 -56.90 -50.40 27.96
N THR B 131 -57.23 -49.13 27.68
CA THR B 131 -57.09 -48.05 28.67
C THR B 131 -58.32 -47.12 28.72
N ASN B 132 -58.18 -45.89 28.20
CA ASN B 132 -59.16 -44.82 28.46
C ASN B 132 -59.78 -44.24 27.18
N SER B 133 -60.36 -43.05 27.29
CA SER B 133 -61.05 -42.36 26.18
C SER B 133 -60.21 -42.31 24.91
N MET B 134 -59.12 -41.56 24.93
CA MET B 134 -58.25 -41.44 23.76
C MET B 134 -57.46 -42.73 23.55
N VAL B 135 -57.27 -43.10 22.28
CA VAL B 135 -56.49 -44.29 21.91
C VAL B 135 -55.63 -43.99 20.69
N THR B 136 -54.41 -44.52 20.69
CA THR B 136 -53.45 -44.25 19.62
C THR B 136 -53.36 -45.44 18.67
N LEU B 137 -53.44 -45.16 17.37
CA LEU B 137 -53.25 -46.17 16.32
C LEU B 137 -52.06 -45.75 15.46
N GLY B 138 -51.73 -46.55 14.45
CA GLY B 138 -50.61 -46.21 13.57
C GLY B 138 -50.45 -47.11 12.35
N CYS B 139 -49.50 -46.75 11.51
CA CYS B 139 -49.18 -47.49 10.28
C CYS B 139 -47.68 -47.67 10.11
N LEU B 140 -47.25 -48.91 9.96
CA LEU B 140 -45.83 -49.22 9.73
C LEU B 140 -45.55 -49.30 8.22
N VAL B 141 -44.64 -48.44 7.75
CA VAL B 141 -44.29 -48.38 6.33
C VAL B 141 -42.85 -48.85 6.15
N LYS B 142 -42.67 -50.08 5.71
CA LYS B 142 -41.38 -50.77 5.81
C LYS B 142 -40.80 -51.17 4.45
N GLY B 143 -39.50 -50.93 4.29
CA GLY B 143 -38.73 -51.49 3.20
C GLY B 143 -38.91 -50.84 1.84
N TYR B 144 -39.02 -49.52 1.81
CA TYR B 144 -39.15 -48.77 0.54
C TYR B 144 -37.87 -48.01 0.19
N PHE B 145 -37.74 -47.67 -1.08
CA PHE B 145 -36.62 -46.87 -1.58
C PHE B 145 -36.94 -46.35 -2.98
N PRO B 146 -36.55 -45.10 -3.29
CA PRO B 146 -35.96 -44.07 -2.43
C PRO B 146 -37.05 -43.21 -1.78
N GLU B 147 -36.68 -42.41 -0.78
CA GLU B 147 -37.61 -41.42 -0.22
C GLU B 147 -38.10 -40.44 -1.30
N PRO B 148 -39.28 -39.83 -1.10
CA PRO B 148 -40.12 -39.84 0.09
C PRO B 148 -41.30 -40.80 0.03
N VAL B 149 -42.06 -40.86 1.11
CA VAL B 149 -43.43 -41.38 1.10
C VAL B 149 -44.35 -40.35 1.74
N THR B 150 -45.65 -40.49 1.49
CA THR B 150 -46.64 -39.60 2.07
C THR B 150 -47.70 -40.44 2.77
N VAL B 151 -48.05 -40.05 3.98
CA VAL B 151 -49.02 -40.77 4.80
C VAL B 151 -50.10 -39.82 5.26
N THR B 152 -51.36 -40.17 5.00
CA THR B 152 -52.50 -39.42 5.51
C THR B 152 -53.51 -40.40 6.09
N TRP B 153 -54.49 -39.87 6.82
CA TRP B 153 -55.49 -40.70 7.50
C TRP B 153 -56.89 -40.31 7.06
N ASN B 154 -57.68 -41.31 6.65
CA ASN B 154 -59.02 -41.11 6.09
C ASN B 154 -59.01 -40.04 4.99
N SER B 155 -58.22 -40.30 3.93
CA SER B 155 -58.03 -39.36 2.84
C SER B 155 -57.67 -37.96 3.34
N GLY B 156 -56.85 -37.91 4.39
CA GLY B 156 -56.39 -36.65 4.96
C GLY B 156 -57.43 -35.85 5.73
N SER B 157 -58.53 -36.48 6.11
CA SER B 157 -59.56 -35.80 6.91
C SER B 157 -59.10 -35.67 8.36
N LEU B 158 -58.51 -36.74 8.91
CA LEU B 158 -57.94 -36.73 10.25
C LEU B 158 -56.56 -36.08 10.25
N SER B 159 -56.42 -34.98 11.01
CA SER B 159 -55.16 -34.27 11.16
C SER B 159 -54.86 -33.82 12.60
N GLY B 160 -55.88 -33.73 13.44
CA GLY B 160 -55.77 -33.17 14.79
C GLY B 160 -54.65 -33.71 15.65
N GLY B 161 -54.52 -35.05 15.69
CA GLY B 161 -53.48 -35.71 16.48
C GLY B 161 -52.69 -36.72 15.65
N VAL B 162 -51.95 -36.21 14.67
CA VAL B 162 -51.20 -37.04 13.73
C VAL B 162 -49.78 -36.51 13.54
N HIS B 163 -48.81 -37.41 13.61
CA HIS B 163 -47.43 -37.11 13.20
C HIS B 163 -46.76 -38.33 12.58
N THR B 164 -45.78 -38.08 11.70
CA THR B 164 -45.11 -39.14 10.96
C THR B 164 -43.60 -39.09 11.21
N PHE B 165 -43.07 -40.14 11.82
CA PHE B 165 -41.67 -40.17 12.23
C PHE B 165 -40.74 -40.19 11.02
N PRO B 166 -39.59 -39.50 11.11
CA PRO B 166 -38.67 -39.51 9.97
C PRO B 166 -38.26 -40.92 9.57
N ALA B 167 -38.01 -41.11 8.28
CA ALA B 167 -37.56 -42.40 7.76
C ALA B 167 -36.18 -42.74 8.28
N VAL B 168 -35.86 -44.03 8.27
CA VAL B 168 -34.60 -44.52 8.80
C VAL B 168 -34.12 -45.67 7.90
N LEU B 169 -32.80 -45.74 7.68
CA LEU B 169 -32.22 -46.81 6.88
C LEU B 169 -32.13 -48.11 7.68
N GLN B 170 -32.75 -49.16 7.14
CA GLN B 170 -32.74 -50.48 7.75
C GLN B 170 -32.48 -51.51 6.67
N SER B 171 -31.30 -52.13 6.70
CA SER B 171 -30.85 -53.04 5.64
C SER B 171 -31.00 -52.39 4.25
N ASP B 172 -30.49 -51.16 4.13
CA ASP B 172 -30.43 -50.44 2.84
C ASP B 172 -31.81 -50.07 2.26
N LEU B 173 -32.84 -50.05 3.09
CA LEU B 173 -34.19 -49.66 2.68
C LEU B 173 -34.83 -48.84 3.80
N TYR B 174 -35.55 -47.78 3.43
CA TYR B 174 -36.12 -46.84 4.39
C TYR B 174 -37.34 -47.42 5.11
N THR B 175 -37.48 -47.09 6.39
CA THR B 175 -38.65 -47.48 7.18
C THR B 175 -39.14 -46.34 8.05
N LEU B 176 -40.45 -46.17 8.12
CA LEU B 176 -41.07 -45.25 9.07
C LEU B 176 -42.45 -45.72 9.45
N SER B 177 -43.00 -45.13 10.51
CA SER B 177 -44.42 -45.30 10.82
C SER B 177 -45.03 -43.95 11.22
N SER B 178 -46.35 -43.84 11.08
CA SER B 178 -47.10 -42.65 11.47
C SER B 178 -48.12 -43.00 12.53
N SER B 179 -48.27 -42.13 13.53
CA SER B 179 -49.26 -42.32 14.58
C SER B 179 -50.49 -41.44 14.34
N VAL B 180 -51.64 -41.92 14.79
CA VAL B 180 -52.86 -41.12 14.84
C VAL B 180 -53.53 -41.38 16.19
N THR B 181 -54.15 -40.35 16.76
CA THR B 181 -54.78 -40.46 18.07
C THR B 181 -56.20 -39.89 18.02
N VAL B 182 -57.17 -40.72 18.41
CA VAL B 182 -58.58 -40.36 18.34
C VAL B 182 -59.31 -40.89 19.59
N PRO B 183 -60.54 -40.39 19.85
CA PRO B 183 -61.35 -40.95 20.95
C PRO B 183 -61.74 -42.41 20.73
N SER B 184 -61.95 -43.15 21.82
CA SER B 184 -62.30 -44.57 21.73
C SER B 184 -63.73 -44.78 21.25
N SER B 185 -64.56 -43.75 21.39
CA SER B 185 -65.91 -43.80 20.84
C SER B 185 -65.86 -43.93 19.32
N THR B 186 -64.87 -43.31 18.69
CA THR B 186 -64.74 -43.26 17.23
C THR B 186 -63.93 -44.41 16.62
N TRP B 187 -63.51 -45.37 17.44
CA TRP B 187 -62.82 -46.56 16.94
C TRP B 187 -62.94 -47.74 17.91
N PRO B 188 -63.31 -48.93 17.40
CA PRO B 188 -63.57 -49.27 15.98
C PRO B 188 -64.93 -48.85 15.44
N SER B 189 -65.76 -48.18 16.25
CA SER B 189 -67.14 -47.85 15.87
C SER B 189 -67.27 -47.33 14.43
N GLU B 190 -66.32 -46.51 14.00
CA GLU B 190 -66.20 -46.14 12.58
C GLU B 190 -64.77 -46.27 12.06
N THR B 191 -64.65 -46.22 10.73
CA THR B 191 -63.42 -46.56 10.01
C THR B 191 -62.24 -45.60 10.25
N VAL B 192 -61.04 -46.19 10.33
CA VAL B 192 -59.77 -45.45 10.32
C VAL B 192 -58.82 -46.14 9.34
N THR B 193 -58.26 -45.36 8.42
CA THR B 193 -57.48 -45.90 7.31
C THR B 193 -56.33 -44.96 6.95
N CYS B 194 -55.10 -45.49 6.83
CA CYS B 194 -53.96 -44.67 6.45
C CYS B 194 -53.63 -44.82 4.97
N ASN B 195 -53.26 -43.70 4.34
CA ASN B 195 -53.08 -43.64 2.89
C ASN B 195 -51.62 -43.44 2.52
N VAL B 196 -50.88 -44.54 2.42
CA VAL B 196 -49.46 -44.48 2.08
C VAL B 196 -49.33 -44.24 0.57
N ALA B 197 -48.33 -43.43 0.21
CA ALA B 197 -48.12 -43.07 -1.19
C ALA B 197 -46.63 -42.96 -1.50
N HIS B 198 -46.15 -43.81 -2.42
CA HIS B 198 -44.75 -43.87 -2.79
C HIS B 198 -44.59 -43.52 -4.27
N PRO B 199 -44.41 -42.23 -4.58
CA PRO B 199 -44.31 -41.75 -5.97
C PRO B 199 -43.33 -42.55 -6.83
N ALA B 200 -42.10 -42.71 -6.35
CA ALA B 200 -41.02 -43.30 -7.16
C ALA B 200 -41.41 -44.61 -7.87
N SER B 201 -42.24 -45.43 -7.24
CA SER B 201 -42.71 -46.67 -7.85
C SER B 201 -44.20 -46.66 -8.16
N SER B 202 -44.83 -45.48 -8.12
CA SER B 202 -46.26 -45.33 -8.38
C SER B 202 -47.10 -46.29 -7.53
N THR B 203 -47.02 -46.11 -6.22
CA THR B 203 -47.78 -46.93 -5.28
C THR B 203 -48.66 -46.03 -4.41
N LYS B 204 -49.93 -46.39 -4.34
CA LYS B 204 -50.90 -45.74 -3.45
C LYS B 204 -51.66 -46.86 -2.77
N VAL B 205 -51.46 -46.99 -1.45
CA VAL B 205 -52.02 -48.11 -0.70
C VAL B 205 -52.78 -47.63 0.54
N ASP B 206 -53.95 -48.22 0.76
CA ASP B 206 -54.75 -47.97 1.95
C ASP B 206 -54.69 -49.18 2.86
N LYS B 207 -54.56 -48.96 4.16
CA LYS B 207 -54.67 -50.02 5.15
C LYS B 207 -55.61 -49.61 6.28
N LYS B 208 -56.70 -50.34 6.42
CA LYS B 208 -57.68 -50.13 7.49
C LYS B 208 -57.11 -50.69 8.79
N ILE B 209 -57.39 -50.02 9.90
CA ILE B 209 -56.92 -50.48 11.21
C ILE B 209 -58.03 -51.26 11.90
N VAL B 210 -57.90 -52.58 11.84
CA VAL B 210 -58.86 -53.50 12.46
C VAL B 210 -58.38 -53.84 13.87
N PRO B 211 -59.30 -53.86 14.85
CA PRO B 211 -58.92 -54.35 16.17
C PRO B 211 -58.47 -55.80 16.14
N ARG B 212 -57.47 -56.14 16.95
CA ARG B 212 -56.96 -57.50 17.00
C ARG B 212 -57.96 -58.36 17.78
N ALA B 213 -58.83 -59.05 17.05
CA ALA B 213 -59.83 -59.93 17.65
C ALA B 213 -59.40 -61.41 17.54
N GLU B 214 -58.13 -61.66 17.87
CA GLU B 214 -57.57 -63.01 17.91
C GLU B 214 -57.69 -63.73 16.56
N ASP C 1 -7.10 -28.68 11.92
CA ASP C 1 -7.76 -27.43 11.40
C ASP C 1 -8.62 -26.76 12.48
N VAL C 2 -9.09 -25.55 12.19
CA VAL C 2 -9.71 -24.71 13.22
C VAL C 2 -11.11 -25.20 13.63
N VAL C 3 -11.23 -25.67 14.87
CA VAL C 3 -12.50 -26.14 15.40
C VAL C 3 -13.34 -24.95 15.89
N MET C 4 -14.65 -25.06 15.69
CA MET C 4 -15.59 -24.03 16.09
C MET C 4 -16.68 -24.64 16.97
N THR C 5 -16.61 -24.36 18.27
CA THR C 5 -17.49 -25.00 19.24
C THR C 5 -18.57 -24.01 19.69
N GLN C 6 -19.79 -24.51 19.89
CA GLN C 6 -20.93 -23.66 20.25
C GLN C 6 -21.54 -24.03 21.60
N THR C 7 -22.12 -23.04 22.27
CA THR C 7 -22.79 -23.25 23.55
C THR C 7 -24.06 -22.42 23.62
N PRO C 8 -25.21 -23.05 23.86
CA PRO C 8 -25.48 -24.47 24.00
C PRO C 8 -25.76 -25.07 22.63
N ILE C 9 -25.99 -26.38 22.59
CA ILE C 9 -26.42 -27.04 21.36
C ILE C 9 -27.92 -26.89 21.15
N THR C 10 -28.65 -26.74 22.26
CA THR C 10 -30.09 -26.46 22.22
C THR C 10 -30.40 -25.39 23.24
N LEU C 11 -31.02 -24.30 22.78
CA LEU C 11 -31.45 -23.23 23.67
C LEU C 11 -32.97 -23.16 23.72
N SER C 12 -33.52 -23.36 24.91
CA SER C 12 -34.94 -23.17 25.13
C SER C 12 -35.21 -21.67 25.18
N VAL C 13 -36.12 -21.22 24.33
CA VAL C 13 -36.37 -19.81 24.18
C VAL C 13 -37.87 -19.52 24.34
N THR C 14 -38.21 -18.25 24.54
CA THR C 14 -39.61 -17.84 24.62
C THR C 14 -39.87 -16.60 23.76
N ILE C 15 -40.97 -16.64 23.02
CA ILE C 15 -41.30 -15.59 22.06
C ILE C 15 -41.56 -14.30 22.83
N GLY C 16 -40.79 -13.25 22.51
CA GLY C 16 -40.83 -11.98 23.25
C GLY C 16 -39.57 -11.74 24.07
N GLN C 17 -39.00 -12.81 24.61
CA GLN C 17 -37.81 -12.74 25.47
C GLN C 17 -36.50 -12.78 24.65
N PRO C 18 -35.37 -12.36 25.26
CA PRO C 18 -34.09 -12.35 24.55
C PRO C 18 -33.39 -13.71 24.58
N ALA C 19 -32.28 -13.82 23.85
CA ALA C 19 -31.51 -15.06 23.77
C ALA C 19 -30.03 -14.82 23.38
N SER C 20 -29.13 -15.52 24.05
CA SER C 20 -27.69 -15.45 23.78
C SER C 20 -27.13 -16.80 23.36
N ILE C 21 -26.19 -16.79 22.43
CA ILE C 21 -25.54 -18.00 21.92
C ILE C 21 -24.04 -17.76 21.81
N SER C 22 -23.24 -18.70 22.30
CA SER C 22 -21.77 -18.58 22.30
C SER C 22 -21.15 -19.35 21.15
N CYS C 23 -19.95 -18.93 20.77
CA CYS C 23 -19.13 -19.66 19.81
C CYS C 23 -17.66 -19.43 20.15
N LYS C 24 -16.97 -20.52 20.46
CA LYS C 24 -15.54 -20.51 20.75
C LYS C 24 -14.81 -20.98 19.50
N SER C 25 -13.57 -20.53 19.30
CA SER C 25 -12.71 -21.07 18.25
C SER C 25 -11.40 -21.59 18.86
N SER C 26 -10.83 -22.59 18.22
CA SER C 26 -9.60 -23.22 18.68
C SER C 26 -8.37 -22.35 18.49
N GLN C 27 -8.51 -21.25 17.76
CA GLN C 27 -7.39 -20.41 17.37
C GLN C 27 -7.90 -19.01 17.05
N SER C 28 -7.09 -17.99 17.33
CA SER C 28 -7.48 -16.61 17.03
C SER C 28 -7.97 -16.49 15.60
N LEU C 29 -9.10 -15.82 15.42
CA LEU C 29 -9.69 -15.64 14.09
C LEU C 29 -9.33 -14.29 13.46
N LEU C 30 -8.28 -13.65 13.97
CA LEU C 30 -7.83 -12.37 13.44
C LEU C 30 -6.86 -12.61 12.29
N ASP C 31 -7.25 -12.21 11.08
CA ASP C 31 -6.39 -12.36 9.90
C ASP C 31 -5.28 -11.29 9.93
N SER C 32 -4.30 -11.48 9.05
CA SER C 32 -3.17 -10.56 8.92
C SER C 32 -3.60 -9.13 8.61
N ASP C 33 -4.62 -8.98 7.76
CA ASP C 33 -5.17 -7.67 7.40
C ASP C 33 -5.90 -6.93 8.54
N GLY C 34 -6.07 -7.59 9.68
CA GLY C 34 -6.70 -6.97 10.86
C GLY C 34 -8.18 -7.26 11.03
N LYS C 35 -8.80 -7.83 9.99
CA LYS C 35 -10.21 -8.21 10.06
C LYS C 35 -10.36 -9.60 10.66
N THR C 36 -11.47 -9.80 11.37
CA THR C 36 -11.76 -11.07 12.03
C THR C 36 -12.93 -11.75 11.32
N TYR C 37 -12.62 -12.66 10.40
CA TYR C 37 -13.65 -13.28 9.55
C TYR C 37 -14.45 -14.36 10.29
N LEU C 38 -15.48 -13.93 11.00
CA LEU C 38 -16.39 -14.82 11.70
C LEU C 38 -17.81 -14.43 11.39
N ASN C 39 -18.61 -15.40 10.93
CA ASN C 39 -20.01 -15.15 10.56
C ASN C 39 -20.97 -15.96 11.42
N TRP C 40 -22.17 -15.42 11.63
CA TRP C 40 -23.27 -16.17 12.22
C TRP C 40 -24.31 -16.45 11.15
N LEU C 41 -24.85 -17.66 11.14
CA LEU C 41 -25.89 -18.05 10.20
C LEU C 41 -27.17 -18.45 10.92
N LEU C 42 -28.28 -18.45 10.19
CA LEU C 42 -29.54 -19.01 10.68
C LEU C 42 -30.13 -19.86 9.58
N GLN C 43 -30.34 -21.15 9.87
CA GLN C 43 -31.02 -22.03 8.93
C GLN C 43 -32.40 -22.37 9.49
N ARG C 44 -33.44 -21.74 8.94
CA ARG C 44 -34.82 -22.10 9.27
C ARG C 44 -35.10 -23.50 8.72
N PRO C 45 -35.99 -24.26 9.40
CA PRO C 45 -36.21 -25.63 8.96
C PRO C 45 -36.92 -25.67 7.62
N GLY C 46 -36.34 -26.38 6.66
CA GLY C 46 -36.87 -26.43 5.30
C GLY C 46 -36.01 -25.67 4.31
N GLN C 47 -35.67 -24.43 4.64
CA GLN C 47 -34.93 -23.56 3.71
C GLN C 47 -33.40 -23.64 3.95
N SER C 48 -32.65 -22.91 3.13
CA SER C 48 -31.18 -22.86 3.24
C SER C 48 -30.72 -21.97 4.39
N PRO C 49 -29.41 -22.04 4.72
CA PRO C 49 -28.86 -21.08 5.67
C PRO C 49 -28.88 -19.64 5.15
N LYS C 50 -29.08 -18.71 6.07
CA LYS C 50 -29.11 -17.28 5.77
C LYS C 50 -28.02 -16.61 6.59
N ARG C 51 -27.29 -15.68 5.97
CA ARG C 51 -26.24 -14.97 6.69
C ARG C 51 -26.82 -13.85 7.55
N LEU C 52 -26.61 -13.96 8.85
CA LEU C 52 -27.04 -12.93 9.79
C LEU C 52 -25.97 -11.84 9.88
N ILE C 53 -24.76 -12.25 10.30
CA ILE C 53 -23.68 -11.32 10.64
C ILE C 53 -22.40 -11.75 9.95
N TYR C 54 -21.62 -10.81 9.41
CA TYR C 54 -20.45 -11.19 8.61
C TYR C 54 -19.07 -10.89 9.21
N LEU C 55 -18.76 -9.64 9.50
CA LEU C 55 -17.52 -9.37 10.24
C LEU C 55 -17.97 -9.16 11.67
N VAL C 56 -17.35 -9.90 12.60
CA VAL C 56 -17.89 -10.16 13.96
C VAL C 56 -19.23 -9.52 14.35
N SER C 57 -19.40 -8.22 14.09
CA SER C 57 -20.55 -7.46 14.57
C SER C 57 -21.45 -6.84 13.49
N LYS C 58 -21.05 -6.91 12.22
CA LYS C 58 -21.81 -6.26 11.12
C LYS C 58 -23.10 -7.00 10.75
N LEU C 59 -24.15 -6.23 10.49
CA LEU C 59 -25.49 -6.77 10.23
C LEU C 59 -25.72 -6.94 8.73
N ASP C 60 -26.29 -8.06 8.32
CA ASP C 60 -26.55 -8.29 6.90
C ASP C 60 -27.75 -7.48 6.40
N SER C 61 -27.58 -6.88 5.22
CA SER C 61 -28.55 -5.96 4.60
C SER C 61 -30.01 -6.27 4.95
N ARG C 62 -30.39 -7.55 4.80
CA ARG C 62 -31.78 -7.97 4.93
C ARG C 62 -32.02 -8.77 6.21
N VAL C 63 -31.56 -8.23 7.34
CA VAL C 63 -31.76 -8.85 8.64
C VAL C 63 -32.13 -7.79 9.66
N PRO C 64 -33.17 -8.05 10.49
CA PRO C 64 -33.56 -7.14 11.57
C PRO C 64 -32.41 -6.71 12.47
N ASP C 65 -32.54 -5.54 13.08
CA ASP C 65 -31.50 -4.98 13.95
C ASP C 65 -31.56 -5.51 15.40
N ARG C 66 -32.38 -6.54 15.62
CA ARG C 66 -32.43 -7.20 16.92
C ARG C 66 -31.31 -8.22 17.09
N PHE C 67 -30.64 -8.58 15.99
CA PHE C 67 -29.49 -9.47 16.02
C PHE C 67 -28.20 -8.67 16.24
N THR C 68 -27.41 -9.09 17.24
CA THR C 68 -26.18 -8.37 17.59
C THR C 68 -25.03 -9.35 17.76
N GLY C 69 -24.02 -9.21 16.92
CA GLY C 69 -22.80 -10.00 17.00
C GLY C 69 -21.73 -9.23 17.74
N SER C 70 -20.95 -9.95 18.56
CA SER C 70 -19.94 -9.30 19.38
C SER C 70 -18.78 -10.26 19.65
N GLY C 71 -17.72 -9.72 20.24
CA GLY C 71 -16.54 -10.49 20.62
C GLY C 71 -15.34 -10.25 19.73
N ALA C 72 -14.28 -10.99 19.99
CA ALA C 72 -13.04 -10.93 19.21
C ALA C 72 -12.15 -12.07 19.65
N GLY C 73 -11.06 -12.29 18.91
CA GLY C 73 -10.08 -13.31 19.26
C GLY C 73 -10.60 -14.72 19.06
N THR C 74 -11.01 -15.35 20.15
CA THR C 74 -11.59 -16.70 20.10
C THR C 74 -13.06 -16.74 20.56
N ASP C 75 -13.47 -15.82 21.42
CA ASP C 75 -14.80 -15.83 22.01
C ASP C 75 -15.71 -14.90 21.24
N PHE C 76 -16.91 -15.38 20.91
CA PHE C 76 -17.88 -14.62 20.14
C PHE C 76 -19.30 -14.89 20.64
N THR C 77 -20.19 -13.94 20.43
CA THR C 77 -21.56 -14.04 20.93
C THR C 77 -22.58 -13.39 19.99
N LEU C 78 -23.64 -14.14 19.70
CA LEU C 78 -24.82 -13.63 19.02
C LEU C 78 -25.90 -13.39 20.06
N LYS C 79 -26.54 -12.22 19.99
CA LYS C 79 -27.64 -11.91 20.88
C LYS C 79 -28.91 -11.53 20.10
N ILE C 80 -30.05 -11.95 20.63
CA ILE C 80 -31.35 -11.52 20.12
C ILE C 80 -32.06 -10.77 21.24
N SER C 81 -32.64 -9.62 20.92
CA SER C 81 -33.34 -8.80 21.92
C SER C 81 -34.73 -9.37 22.20
N ARG C 82 -35.48 -9.62 21.14
CA ARG C 82 -36.84 -10.13 21.24
C ARG C 82 -37.02 -11.21 20.17
N VAL C 83 -37.03 -12.48 20.57
CA VAL C 83 -37.09 -13.57 19.57
C VAL C 83 -38.46 -13.64 18.91
N GLU C 84 -38.51 -13.35 17.62
CA GLU C 84 -39.72 -13.52 16.82
C GLU C 84 -39.83 -14.98 16.40
N ALA C 85 -41.06 -15.42 16.12
CA ALA C 85 -41.32 -16.79 15.67
C ALA C 85 -40.42 -17.19 14.49
N GLU C 86 -40.08 -16.22 13.63
CA GLU C 86 -39.29 -16.48 12.44
C GLU C 86 -37.78 -16.45 12.72
N ASP C 87 -37.39 -16.56 13.99
CA ASP C 87 -35.99 -16.67 14.37
C ASP C 87 -35.67 -18.07 14.88
N LEU C 88 -36.60 -19.00 14.69
CA LEU C 88 -36.44 -20.38 15.14
C LEU C 88 -35.76 -21.17 14.05
N GLY C 89 -34.81 -22.01 14.45
CA GLY C 89 -33.99 -22.78 13.52
C GLY C 89 -32.66 -23.15 14.14
N ILE C 90 -31.69 -23.50 13.30
CA ILE C 90 -30.33 -23.83 13.75
C ILE C 90 -29.41 -22.66 13.46
N TYR C 91 -28.63 -22.25 14.46
CA TYR C 91 -27.71 -21.14 14.32
C TYR C 91 -26.28 -21.65 14.26
N TYR C 92 -25.56 -21.26 13.21
CA TYR C 92 -24.19 -21.68 13.01
C TYR C 92 -23.25 -20.50 13.08
N CYS C 93 -22.04 -20.72 13.61
CA CYS C 93 -20.94 -19.78 13.48
C CYS C 93 -19.91 -20.40 12.54
N TRP C 94 -19.33 -19.62 11.63
CA TRP C 94 -18.28 -20.15 10.74
C TRP C 94 -17.18 -19.14 10.46
N GLN C 95 -15.95 -19.62 10.40
CA GLN C 95 -14.76 -18.77 10.28
C GLN C 95 -14.08 -18.88 8.92
N GLY C 96 -13.72 -17.73 8.34
CA GLY C 96 -13.02 -17.68 7.06
C GLY C 96 -11.60 -17.12 7.15
N THR C 97 -10.96 -17.28 8.30
CA THR C 97 -9.62 -16.75 8.52
C THR C 97 -8.54 -17.77 8.12
N HIS C 98 -8.74 -19.02 8.54
CA HIS C 98 -7.77 -20.08 8.31
C HIS C 98 -8.34 -21.14 7.40
N PHE C 99 -7.46 -21.78 6.64
CA PHE C 99 -7.86 -22.78 5.67
C PHE C 99 -7.69 -24.18 6.26
N PRO C 100 -8.69 -25.06 6.08
CA PRO C 100 -9.98 -24.84 5.44
C PRO C 100 -10.91 -24.00 6.33
N GLN C 101 -11.91 -23.38 5.72
CA GLN C 101 -12.93 -22.67 6.50
C GLN C 101 -13.77 -23.73 7.20
N THR C 102 -14.38 -23.38 8.34
CA THR C 102 -15.10 -24.37 9.13
C THR C 102 -16.36 -23.81 9.77
N PHE C 103 -17.39 -24.65 9.86
CA PHE C 103 -18.65 -24.29 10.50
C PHE C 103 -18.75 -24.91 11.89
N GLY C 104 -19.56 -24.29 12.74
CA GLY C 104 -19.91 -24.86 14.03
C GLY C 104 -20.98 -25.93 13.87
N GLY C 105 -21.12 -26.76 14.89
CA GLY C 105 -22.09 -27.86 14.88
C GLY C 105 -23.52 -27.37 14.88
N GLY C 106 -23.72 -26.18 15.43
CA GLY C 106 -25.01 -25.53 15.43
C GLY C 106 -25.59 -25.40 16.84
N THR C 107 -26.43 -24.39 17.01
CA THR C 107 -27.21 -24.22 18.22
C THR C 107 -28.68 -24.17 17.81
N LYS C 108 -29.43 -25.22 18.13
CA LYS C 108 -30.86 -25.22 17.83
C LYS C 108 -31.58 -24.32 18.81
N LEU C 109 -32.54 -23.54 18.29
CA LEU C 109 -33.42 -22.77 19.14
C LEU C 109 -34.79 -23.45 19.20
N GLU C 110 -35.31 -23.58 20.41
CA GLU C 110 -36.49 -24.39 20.72
C GLU C 110 -37.43 -23.61 21.63
N ILE C 111 -38.74 -23.73 21.39
CA ILE C 111 -39.73 -23.10 22.26
C ILE C 111 -39.77 -23.79 23.61
N LYS C 112 -39.68 -23.02 24.68
CA LYS C 112 -39.89 -23.56 26.01
C LYS C 112 -41.38 -23.69 26.30
N ARG C 113 -41.73 -24.81 26.93
CA ARG C 113 -43.07 -25.05 27.44
C ARG C 113 -42.97 -25.93 28.68
N ALA C 114 -44.07 -26.10 29.38
CA ALA C 114 -44.10 -26.95 30.57
C ALA C 114 -43.61 -28.37 30.26
N ASP C 115 -43.05 -29.04 31.26
CA ASP C 115 -42.69 -30.46 31.14
C ASP C 115 -43.95 -31.29 30.86
N ALA C 116 -43.77 -32.43 30.22
CA ALA C 116 -44.87 -33.35 29.94
C ALA C 116 -44.34 -34.74 29.62
N ALA C 117 -44.83 -35.74 30.34
CA ALA C 117 -44.39 -37.11 30.14
C ALA C 117 -44.98 -37.66 28.84
N PRO C 118 -44.31 -38.66 28.24
CA PRO C 118 -44.81 -39.21 26.99
C PRO C 118 -45.97 -40.18 27.23
N THR C 119 -46.83 -40.32 26.22
CA THR C 119 -47.89 -41.30 26.25
C THR C 119 -47.45 -42.47 25.39
N VAL C 120 -46.91 -43.50 26.04
CA VAL C 120 -46.27 -44.61 25.36
C VAL C 120 -47.31 -45.63 24.90
N SER C 121 -47.16 -46.09 23.66
CA SER C 121 -48.03 -47.12 23.10
C SER C 121 -47.17 -48.20 22.45
N ILE C 122 -47.43 -49.46 22.80
CA ILE C 122 -46.69 -50.59 22.21
C ILE C 122 -47.62 -51.38 21.29
N PHE C 123 -47.12 -51.73 20.12
CA PHE C 123 -47.91 -52.42 19.11
C PHE C 123 -47.22 -53.73 18.72
N PRO C 124 -47.98 -54.84 18.72
CA PRO C 124 -47.41 -56.10 18.24
C PRO C 124 -47.19 -56.08 16.74
N PRO C 125 -46.62 -57.17 16.20
CA PRO C 125 -46.53 -57.28 14.75
C PRO C 125 -47.89 -57.61 14.16
N SER C 126 -48.12 -57.20 12.92
CA SER C 126 -49.35 -57.52 12.22
C SER C 126 -49.28 -58.96 11.70
N SER C 127 -50.44 -59.54 11.47
CA SER C 127 -50.51 -60.89 10.90
C SER C 127 -50.01 -60.87 9.45
N GLU C 128 -50.17 -59.72 8.79
CA GLU C 128 -49.71 -59.53 7.43
C GLU C 128 -48.19 -59.59 7.33
N GLN C 129 -47.50 -58.88 8.23
CA GLN C 129 -46.04 -58.90 8.27
C GLN C 129 -45.52 -60.28 8.66
N LEU C 130 -46.13 -60.87 9.67
CA LEU C 130 -45.77 -62.22 10.11
C LEU C 130 -45.75 -63.18 8.91
N THR C 131 -46.83 -63.15 8.12
CA THR C 131 -46.94 -63.97 6.91
C THR C 131 -45.69 -63.88 6.02
N SER C 132 -45.13 -62.68 5.90
CA SER C 132 -43.91 -62.48 5.08
C SER C 132 -42.66 -63.08 5.71
N GLY C 133 -42.69 -63.26 7.03
CA GLY C 133 -41.57 -63.83 7.78
C GLY C 133 -40.80 -62.81 8.58
N GLY C 134 -41.50 -61.78 9.06
CA GLY C 134 -40.91 -60.71 9.86
C GLY C 134 -41.80 -60.28 11.01
N ALA C 135 -41.18 -59.75 12.06
CA ALA C 135 -41.88 -59.22 13.21
C ALA C 135 -41.23 -57.93 13.67
N SER C 136 -41.94 -56.81 13.50
CA SER C 136 -41.48 -55.53 14.01
C SER C 136 -42.39 -55.09 15.15
N VAL C 137 -41.83 -55.01 16.35
CA VAL C 137 -42.58 -54.57 17.52
C VAL C 137 -42.41 -53.06 17.67
N VAL C 138 -43.40 -52.30 17.24
CA VAL C 138 -43.32 -50.84 17.23
C VAL C 138 -43.75 -50.26 18.57
N CYS C 139 -43.06 -49.21 19.02
CA CYS C 139 -43.42 -48.49 20.24
C CYS C 139 -43.29 -46.97 20.06
N PHE C 140 -44.42 -46.26 20.21
CA PHE C 140 -44.44 -44.79 20.17
C PHE C 140 -44.24 -44.19 21.55
N LEU C 141 -43.49 -43.10 21.62
CA LEU C 141 -43.44 -42.24 22.81
C LEU C 141 -43.94 -40.87 22.38
N ASN C 142 -45.23 -40.63 22.58
CA ASN C 142 -45.90 -39.51 21.94
C ASN C 142 -46.03 -38.27 22.82
N ASN C 143 -45.76 -37.11 22.20
CA ASN C 143 -46.06 -35.80 22.77
C ASN C 143 -45.49 -35.60 24.18
N PHE C 144 -44.17 -35.40 24.24
CA PHE C 144 -43.46 -35.15 25.49
C PHE C 144 -42.50 -33.97 25.36
N TYR C 145 -41.98 -33.51 26.49
CA TYR C 145 -41.00 -32.43 26.52
C TYR C 145 -40.24 -32.45 27.84
N PRO C 146 -38.91 -32.24 27.80
CA PRO C 146 -38.04 -31.95 26.65
C PRO C 146 -37.70 -33.19 25.83
N LYS C 147 -36.93 -33.01 24.75
CA LYS C 147 -36.70 -34.10 23.79
C LYS C 147 -35.87 -35.25 24.33
N ASP C 148 -35.05 -34.99 25.34
CA ASP C 148 -34.18 -36.04 25.90
C ASP C 148 -35.03 -37.12 26.57
N ILE C 149 -34.85 -38.36 26.11
CA ILE C 149 -35.69 -39.47 26.53
C ILE C 149 -35.02 -40.82 26.25
N ASN C 150 -35.24 -41.80 27.13
CA ASN C 150 -34.62 -43.12 27.01
C ASN C 150 -35.62 -44.26 26.83
N VAL C 151 -35.36 -45.12 25.85
CA VAL C 151 -36.13 -46.34 25.65
C VAL C 151 -35.27 -47.56 25.90
N LYS C 152 -35.84 -48.52 26.62
CA LYS C 152 -35.19 -49.81 26.84
C LYS C 152 -36.18 -50.90 26.48
N TRP C 153 -35.74 -51.82 25.64
CA TRP C 153 -36.55 -52.98 25.27
C TRP C 153 -36.21 -54.18 26.15
N LYS C 154 -37.21 -55.04 26.34
CA LYS C 154 -37.00 -56.32 27.02
C LYS C 154 -37.74 -57.45 26.29
N ILE C 155 -37.14 -58.63 26.31
CA ILE C 155 -37.75 -59.83 25.75
C ILE C 155 -37.75 -60.87 26.86
N ASP C 156 -38.94 -61.26 27.31
CA ASP C 156 -39.11 -62.13 28.47
C ASP C 156 -38.26 -61.65 29.66
N GLY C 157 -38.24 -60.35 29.89
CA GLY C 157 -37.53 -59.77 31.03
C GLY C 157 -36.10 -59.34 30.78
N SER C 158 -35.40 -59.97 29.83
CA SER C 158 -34.00 -59.64 29.54
C SER C 158 -33.91 -58.45 28.58
N GLU C 159 -32.92 -57.60 28.79
CA GLU C 159 -32.71 -56.42 27.96
C GLU C 159 -32.39 -56.80 26.51
N ARG C 160 -32.83 -55.97 25.58
CA ARG C 160 -32.55 -56.19 24.16
C ARG C 160 -32.10 -54.89 23.50
N GLN C 161 -30.87 -54.88 22.99
CA GLN C 161 -30.31 -53.71 22.30
C GLN C 161 -30.30 -53.88 20.77
N ASN C 162 -30.05 -55.10 20.30
CA ASN C 162 -30.01 -55.36 18.87
C ASN C 162 -31.36 -55.23 18.18
N GLY C 163 -31.32 -54.86 16.90
CA GLY C 163 -32.50 -54.80 16.05
C GLY C 163 -33.43 -53.64 16.34
N VAL C 164 -32.98 -52.69 17.16
CA VAL C 164 -33.79 -51.52 17.52
C VAL C 164 -33.32 -50.32 16.70
N LEU C 165 -34.29 -49.56 16.20
CA LEU C 165 -34.01 -48.28 15.53
C LEU C 165 -35.04 -47.25 15.97
N ASN C 166 -34.56 -46.13 16.50
CA ASN C 166 -35.43 -45.07 16.99
C ASN C 166 -35.54 -43.90 16.02
N SER C 167 -36.54 -43.06 16.21
CA SER C 167 -36.69 -41.86 15.41
C SER C 167 -37.38 -40.78 16.24
N GLU C 168 -36.71 -39.65 16.40
CA GLU C 168 -37.30 -38.48 17.04
C GLU C 168 -37.91 -37.59 15.96
N THR C 169 -38.99 -36.89 16.29
CA THR C 169 -39.58 -35.88 15.40
C THR C 169 -38.94 -34.54 15.68
N ASP C 170 -39.25 -33.56 14.84
CA ASP C 170 -38.97 -32.16 15.16
C ASP C 170 -40.01 -31.69 16.16
N GLN C 171 -39.76 -30.55 16.78
CA GLN C 171 -40.73 -29.98 17.70
C GLN C 171 -42.03 -29.69 16.95
N ASP C 172 -43.15 -29.93 17.62
CA ASP C 172 -44.47 -29.69 17.03
C ASP C 172 -44.70 -28.19 17.00
N SER C 173 -45.27 -27.69 15.91
CA SER C 173 -45.52 -26.26 15.77
C SER C 173 -46.69 -25.80 16.66
N LYS C 174 -47.70 -26.65 16.81
CA LYS C 174 -48.89 -26.30 17.60
C LYS C 174 -48.64 -26.38 19.11
N ASP C 175 -48.33 -27.57 19.62
CA ASP C 175 -48.23 -27.79 21.08
C ASP C 175 -46.78 -27.83 21.63
N SER C 176 -45.80 -27.58 20.76
CA SER C 176 -44.38 -27.52 21.15
C SER C 176 -43.85 -28.74 21.90
N THR C 177 -44.29 -29.93 21.48
CA THR C 177 -43.80 -31.18 22.07
C THR C 177 -42.90 -31.93 21.10
N TYR C 178 -42.28 -33.00 21.59
CA TYR C 178 -41.58 -33.96 20.75
C TYR C 178 -42.25 -35.32 20.85
N SER C 179 -41.98 -36.18 19.87
CA SER C 179 -42.44 -37.56 19.89
C SER C 179 -41.31 -38.44 19.40
N MET C 180 -41.30 -39.70 19.84
CA MET C 180 -40.22 -40.62 19.48
C MET C 180 -40.67 -42.05 19.18
N SER C 181 -40.29 -42.54 18.00
CA SER C 181 -40.47 -43.94 17.64
C SER C 181 -39.40 -44.85 18.25
N SER C 182 -39.76 -46.13 18.44
CA SER C 182 -38.80 -47.16 18.75
C SER C 182 -39.31 -48.46 18.15
N THR C 183 -38.49 -49.12 17.34
CA THR C 183 -38.95 -50.24 16.53
C THR C 183 -37.97 -51.40 16.59
N LEU C 184 -38.21 -52.29 17.55
CA LEU C 184 -37.46 -53.54 17.65
C LEU C 184 -37.89 -54.43 16.49
N THR C 185 -36.93 -54.85 15.67
CA THR C 185 -37.25 -55.63 14.48
C THR C 185 -36.64 -57.03 14.56
N LEU C 186 -37.45 -58.03 14.25
CA LEU C 186 -37.04 -59.43 14.33
C LEU C 186 -37.56 -60.20 13.13
N THR C 187 -37.09 -61.44 13.00
CA THR C 187 -37.68 -62.43 12.09
C THR C 187 -38.80 -63.17 12.83
N LYS C 188 -39.66 -63.84 12.07
CA LYS C 188 -40.79 -64.57 12.64
C LYS C 188 -40.32 -65.67 13.59
N ASP C 189 -39.27 -66.38 13.19
CA ASP C 189 -38.77 -67.50 13.97
C ASP C 189 -38.26 -67.03 15.34
N GLU C 190 -37.36 -66.06 15.32
N GLU C 190 -37.38 -66.04 15.34
CA GLU C 190 -36.77 -65.47 16.54
CA GLU C 190 -36.79 -65.54 16.58
C GLU C 190 -37.84 -64.81 17.42
C GLU C 190 -37.81 -64.75 17.41
N TYR C 191 -38.86 -64.24 16.77
CA TYR C 191 -39.99 -63.62 17.47
C TYR C 191 -40.80 -64.67 18.23
N GLU C 192 -41.08 -65.79 17.58
CA GLU C 192 -41.89 -66.85 18.18
C GLU C 192 -41.16 -67.65 19.26
N ARG C 193 -39.86 -67.41 19.43
CA ARG C 193 -39.10 -68.04 20.51
C ARG C 193 -39.40 -67.46 21.90
N HIS C 194 -40.04 -66.29 21.97
CA HIS C 194 -40.27 -65.59 23.23
C HIS C 194 -41.71 -65.15 23.37
N ASN C 195 -42.08 -64.77 24.60
CA ASN C 195 -43.47 -64.46 24.94
C ASN C 195 -43.73 -62.96 25.11
N THR C 196 -43.15 -62.37 26.16
CA THR C 196 -43.45 -60.97 26.51
C THR C 196 -42.52 -60.04 25.77
N TYR C 197 -43.06 -58.92 25.30
CA TYR C 197 -42.26 -57.86 24.71
C TYR C 197 -42.59 -56.56 25.42
N THR C 198 -41.57 -55.94 26.02
CA THR C 198 -41.78 -54.79 26.88
C THR C 198 -41.05 -53.55 26.37
N CYS C 199 -41.80 -52.46 26.28
CA CYS C 199 -41.26 -51.16 25.89
C CYS C 199 -41.24 -50.29 27.15
N GLU C 200 -40.06 -49.82 27.51
CA GLU C 200 -39.83 -49.18 28.79
C GLU C 200 -39.28 -47.77 28.62
N ALA C 201 -40.14 -46.77 28.81
CA ALA C 201 -39.80 -45.37 28.57
C ALA C 201 -39.39 -44.67 29.85
N THR C 202 -38.26 -43.96 29.79
CA THR C 202 -37.71 -43.26 30.95
C THR C 202 -37.43 -41.81 30.59
N HIS C 203 -38.03 -40.90 31.36
CA HIS C 203 -38.04 -39.47 31.05
C HIS C 203 -38.00 -38.67 32.36
N LYS C 204 -37.36 -37.49 32.32
CA LYS C 204 -37.13 -36.71 33.54
C LYS C 204 -38.39 -36.39 34.37
N THR C 205 -39.55 -36.47 33.74
CA THR C 205 -40.84 -36.22 34.41
C THR C 205 -41.14 -37.20 35.54
N SER C 206 -40.53 -38.38 35.50
CA SER C 206 -40.64 -39.36 36.58
C SER C 206 -39.32 -40.09 36.79
N THR C 207 -39.17 -40.70 37.96
CA THR C 207 -38.08 -41.65 38.18
C THR C 207 -38.56 -43.05 37.85
N SER C 208 -39.86 -43.29 38.01
CA SER C 208 -40.49 -44.55 37.57
C SER C 208 -40.72 -44.53 36.07
N PRO C 209 -40.09 -45.47 35.32
CA PRO C 209 -40.31 -45.50 33.88
C PRO C 209 -41.73 -45.96 33.53
N ILE C 210 -42.26 -45.45 32.43
CA ILE C 210 -43.53 -45.91 31.89
C ILE C 210 -43.28 -47.22 31.15
N VAL C 211 -43.89 -48.29 31.64
CA VAL C 211 -43.65 -49.63 31.12
C VAL C 211 -44.90 -50.11 30.40
N LYS C 212 -44.76 -50.40 29.11
CA LYS C 212 -45.87 -50.86 28.28
C LYS C 212 -45.46 -52.16 27.60
N SER C 213 -46.29 -53.20 27.69
CA SER C 213 -45.94 -54.52 27.18
C SER C 213 -47.15 -55.39 26.84
N PHE C 214 -46.91 -56.42 26.03
CA PHE C 214 -47.91 -57.40 25.68
C PHE C 214 -47.28 -58.80 25.68
N ASN C 215 -48.14 -59.82 25.72
CA ASN C 215 -47.69 -61.22 25.69
C ASN C 215 -48.15 -61.92 24.43
N ARG C 216 -47.20 -62.40 23.64
CA ARG C 216 -47.50 -63.06 22.36
C ARG C 216 -48.66 -64.03 22.46
N ASN C 217 -48.63 -64.87 23.50
CA ASN C 217 -49.61 -65.97 23.63
C ASN C 217 -51.06 -65.53 23.83
N GLU C 218 -51.28 -64.37 24.44
CA GLU C 218 -52.63 -63.86 24.67
C GLU C 218 -52.96 -62.76 23.66
N VAL D 2 10.49 5.17 5.77
CA VAL D 2 10.20 4.29 6.94
C VAL D 2 11.44 3.51 7.35
N GLN D 3 11.91 3.73 8.58
CA GLN D 3 13.14 3.09 9.07
C GLN D 3 12.95 2.64 10.52
N LEU D 4 13.41 1.43 10.83
CA LEU D 4 13.24 0.85 12.17
C LEU D 4 14.60 0.57 12.82
N ARG D 5 14.69 0.89 14.11
CA ARG D 5 15.88 0.62 14.91
C ARG D 5 15.51 -0.22 16.12
N GLU D 6 16.27 -1.28 16.39
CA GLU D 6 16.07 -2.08 17.59
C GLU D 6 17.19 -1.83 18.59
N SER D 7 16.79 -1.65 19.86
CA SER D 7 17.72 -1.44 20.97
C SER D 7 17.32 -2.33 22.13
N GLY D 8 18.16 -2.36 23.17
CA GLY D 8 17.90 -3.16 24.36
C GLY D 8 19.08 -4.03 24.75
N PRO D 9 18.91 -4.86 25.79
CA PRO D 9 19.99 -5.70 26.29
C PRO D 9 20.38 -6.82 25.31
N ASP D 10 21.68 -6.90 25.01
CA ASP D 10 22.24 -8.02 24.24
C ASP D 10 22.63 -9.21 25.14
N LEU D 11 22.57 -9.01 26.46
CA LEU D 11 22.86 -10.05 27.44
C LEU D 11 21.60 -10.37 28.25
N VAL D 12 21.24 -11.64 28.31
CA VAL D 12 20.12 -12.08 29.16
C VAL D 12 20.43 -13.45 29.79
N THR D 13 20.40 -13.51 31.12
CA THR D 13 20.66 -14.77 31.83
C THR D 13 19.38 -15.61 31.86
N PRO D 14 19.52 -16.95 31.71
CA PRO D 14 18.45 -17.90 31.47
C PRO D 14 17.05 -17.54 31.97
N SER D 15 16.77 -17.74 33.26
CA SER D 15 15.39 -17.80 33.74
C SER D 15 14.52 -16.55 33.49
N GLN D 16 15.14 -15.39 33.33
CA GLN D 16 14.42 -14.10 33.29
C GLN D 16 13.94 -13.70 31.89
N SER D 17 13.29 -12.53 31.79
CA SER D 17 12.64 -12.08 30.55
C SER D 17 13.54 -11.21 29.67
N LEU D 18 13.32 -11.31 28.36
CA LEU D 18 14.04 -10.51 27.37
C LEU D 18 13.14 -9.37 26.87
N SER D 19 13.55 -8.14 27.15
CA SER D 19 12.78 -6.95 26.76
C SER D 19 13.54 -6.16 25.70
N LEU D 20 13.01 -6.14 24.48
CA LEU D 20 13.61 -5.34 23.40
C LEU D 20 12.68 -4.24 22.96
N THR D 21 13.27 -3.23 22.34
CA THR D 21 12.54 -2.06 21.84
C THR D 21 12.80 -1.91 20.34
N CYS D 22 11.83 -1.37 19.62
CA CYS D 22 11.98 -1.06 18.20
C CYS D 22 11.44 0.34 17.93
N THR D 23 12.35 1.28 17.68
CA THR D 23 11.98 2.67 17.45
C THR D 23 11.76 2.91 15.95
N VAL D 24 10.52 3.22 15.56
CA VAL D 24 10.23 3.52 14.16
C VAL D 24 10.22 5.02 13.92
N THR D 25 10.65 5.42 12.71
CA THR D 25 10.71 6.81 12.33
C THR D 25 10.41 6.93 10.83
N GLY D 26 9.56 7.89 10.48
CA GLY D 26 9.13 8.11 9.09
C GLY D 26 7.64 7.90 8.94
N TYR D 27 7.14 6.79 9.51
CA TYR D 27 5.73 6.46 9.49
C TYR D 27 5.20 6.31 10.92
N SER D 28 3.93 6.62 11.13
CA SER D 28 3.29 6.53 12.44
C SER D 28 2.72 5.13 12.68
N ILE D 29 2.90 4.62 13.90
CA ILE D 29 2.48 3.27 14.27
C ILE D 29 0.97 3.17 14.51
N THR D 30 0.36 4.28 14.92
CA THR D 30 -1.08 4.31 15.18
C THR D 30 -1.90 4.48 13.89
N SER D 31 -1.23 4.73 12.77
CA SER D 31 -1.89 5.15 11.54
C SER D 31 -2.15 4.03 10.52
N GLY D 32 -1.27 3.02 10.48
CA GLY D 32 -1.20 2.15 9.31
C GLY D 32 -1.07 0.65 9.48
N TYR D 33 0.15 0.15 9.33
CA TYR D 33 0.36 -1.28 9.05
C TYR D 33 0.36 -2.18 10.29
N SER D 34 0.77 -3.44 10.11
CA SER D 34 1.10 -4.36 11.19
C SER D 34 2.57 -4.23 11.53
N TRP D 35 2.92 -4.44 12.80
CA TRP D 35 4.27 -4.19 13.28
C TRP D 35 4.87 -5.42 13.96
N HIS D 36 5.82 -6.05 13.28
CA HIS D 36 6.22 -7.42 13.57
C HIS D 36 7.53 -7.54 14.35
N TRP D 37 7.74 -8.71 14.92
CA TRP D 37 9.04 -9.15 15.41
C TRP D 37 9.39 -10.49 14.79
N ASN D 38 10.58 -10.58 14.20
CA ASN D 38 11.12 -11.85 13.70
C ASN D 38 12.50 -12.07 14.31
N ARG D 39 12.98 -13.31 14.23
CA ARG D 39 14.33 -13.60 14.74
C ARG D 39 15.04 -14.64 13.87
N GLN D 40 16.37 -14.53 13.82
CA GLN D 40 17.22 -15.45 13.06
C GLN D 40 18.17 -16.19 14.00
N PHE D 41 18.02 -17.51 14.05
CA PHE D 41 18.89 -18.35 14.87
C PHE D 41 20.27 -18.50 14.21
N PRO D 42 21.31 -18.87 14.99
CA PRO D 42 22.65 -19.06 14.42
C PRO D 42 22.69 -20.03 13.22
N GLY D 43 21.81 -21.03 13.22
CA GLY D 43 21.60 -21.90 12.07
C GLY D 43 20.72 -21.30 10.99
N ASN D 44 20.56 -19.97 11.02
CA ASN D 44 19.93 -19.18 9.96
C ASN D 44 18.41 -19.28 9.81
N LYS D 45 17.80 -20.26 10.47
CA LYS D 45 16.34 -20.43 10.41
C LYS D 45 15.66 -19.16 10.89
N LEU D 46 14.71 -18.66 10.11
CA LEU D 46 13.95 -17.47 10.46
C LEU D 46 12.63 -17.87 11.12
N GLU D 47 12.29 -17.21 12.22
CA GLU D 47 11.02 -17.45 12.89
C GLU D 47 10.24 -16.15 13.02
N TRP D 48 8.98 -16.18 12.60
CA TRP D 48 8.06 -15.09 12.93
C TRP D 48 7.53 -15.34 14.34
N MET D 49 7.56 -14.30 15.16
CA MET D 49 7.17 -14.43 16.57
C MET D 49 5.80 -13.83 16.83
N GLY D 50 5.56 -12.63 16.28
CA GLY D 50 4.29 -11.95 16.49
C GLY D 50 4.27 -10.55 15.93
N TYR D 51 3.07 -9.95 15.87
CA TYR D 51 2.91 -8.57 15.47
C TYR D 51 1.96 -7.83 16.40
N ILE D 52 2.00 -6.50 16.34
CA ILE D 52 0.98 -5.66 16.96
C ILE D 52 0.36 -4.76 15.89
N HIS D 53 -0.96 -4.86 15.76
CA HIS D 53 -1.69 -4.11 14.74
C HIS D 53 -1.79 -2.63 15.11
N TYR D 54 -2.02 -1.76 14.12
CA TYR D 54 -2.10 -0.33 14.36
C TYR D 54 -3.20 0.03 15.37
N SER D 55 -4.24 -0.80 15.45
CA SER D 55 -5.34 -0.59 16.38
C SER D 55 -5.01 -1.03 17.82
N GLY D 56 -4.13 -2.02 17.97
CA GLY D 56 -3.82 -2.58 19.28
C GLY D 56 -3.85 -4.10 19.30
N SER D 57 -4.54 -4.70 18.32
CA SER D 57 -4.62 -6.15 18.18
C SER D 57 -3.24 -6.79 18.22
N THR D 58 -3.16 -8.00 18.76
CA THR D 58 -1.95 -8.79 18.66
C THR D 58 -2.29 -10.18 18.15
N ASN D 59 -1.28 -10.82 17.57
CA ASN D 59 -1.36 -12.22 17.19
C ASN D 59 0.04 -12.75 17.36
N TYR D 60 0.16 -14.00 17.83
CA TYR D 60 1.46 -14.56 18.20
C TYR D 60 1.65 -15.96 17.61
N ASN D 61 2.90 -16.32 17.41
CA ASN D 61 3.26 -17.66 16.95
C ASN D 61 2.86 -18.71 18.00
N PRO D 62 2.10 -19.74 17.60
CA PRO D 62 1.71 -20.82 18.52
C PRO D 62 2.89 -21.52 19.20
N SER D 63 4.07 -21.48 18.58
CA SER D 63 5.27 -22.08 19.15
C SER D 63 5.80 -21.35 20.40
N LEU D 64 5.19 -20.23 20.76
CA LEU D 64 5.59 -19.47 21.94
C LEU D 64 4.39 -19.05 22.83
N ARG D 65 3.23 -19.67 22.58
CA ARG D 65 1.93 -19.17 23.08
C ARG D 65 1.95 -18.40 24.41
N GLY D 66 2.52 -19.00 25.44
CA GLY D 66 2.46 -18.45 26.77
C GLY D 66 3.32 -17.23 26.99
N ARG D 67 4.48 -17.19 26.33
CA ARG D 67 5.57 -16.32 26.78
C ARG D 67 5.97 -15.14 25.88
N ILE D 68 5.05 -14.63 25.05
CA ILE D 68 5.30 -13.37 24.34
C ILE D 68 4.20 -12.35 24.53
N SER D 69 4.62 -11.09 24.68
CA SER D 69 3.71 -9.95 24.73
C SER D 69 4.36 -8.79 23.98
N ILE D 70 3.66 -8.29 22.97
CA ILE D 70 4.12 -7.12 22.21
C ILE D 70 3.26 -5.93 22.59
N THR D 71 3.79 -5.06 23.44
CA THR D 71 3.11 -3.84 23.86
C THR D 71 3.54 -2.70 22.94
N ARG D 72 3.24 -1.45 23.32
CA ARG D 72 3.41 -0.32 22.42
C ARG D 72 3.36 1.03 23.13
N ASP D 73 4.22 1.96 22.70
CA ASP D 73 4.20 3.35 23.19
C ASP D 73 3.89 4.31 22.02
N THR D 74 2.61 4.64 21.88
CA THR D 74 2.14 5.59 20.89
C THR D 74 2.94 6.89 20.86
N SER D 75 3.25 7.41 22.04
CA SER D 75 3.86 8.74 22.19
C SER D 75 5.37 8.78 21.95
N LYS D 76 5.94 7.67 21.48
CA LYS D 76 7.35 7.64 21.07
C LYS D 76 7.54 6.92 19.73
N ASN D 77 6.44 6.48 19.11
CA ASN D 77 6.52 5.57 17.98
C ASN D 77 7.46 4.40 18.25
N GLN D 78 7.17 3.67 19.31
CA GLN D 78 7.91 2.45 19.64
C GLN D 78 6.95 1.30 19.87
N PHE D 79 7.37 0.09 19.50
CA PHE D 79 6.68 -1.11 19.94
C PHE D 79 7.70 -2.12 20.49
N PHE D 80 7.34 -2.79 21.58
CA PHE D 80 8.30 -3.55 22.38
C PHE D 80 8.06 -5.06 22.28
N LEU D 81 9.11 -5.82 22.55
CA LEU D 81 9.03 -7.27 22.62
C LEU D 81 9.28 -7.71 24.05
N GLN D 82 8.42 -8.60 24.55
CA GLN D 82 8.58 -9.21 25.87
C GLN D 82 8.62 -10.71 25.65
N LEU D 83 9.76 -11.34 25.93
CA LEU D 83 9.88 -12.79 25.78
C LEU D 83 10.34 -13.40 27.11
N ASN D 84 9.37 -13.89 27.90
CA ASN D 84 9.68 -14.40 29.24
C ASN D 84 10.06 -15.90 29.28
N SER D 85 10.60 -16.33 30.43
CA SER D 85 11.11 -17.69 30.62
C SER D 85 12.16 -18.09 29.58
N VAL D 86 13.02 -17.13 29.23
CA VAL D 86 14.06 -17.34 28.23
C VAL D 86 14.94 -18.53 28.58
N THR D 87 15.37 -19.26 27.56
CA THR D 87 16.37 -20.33 27.71
C THR D 87 17.49 -20.07 26.70
N THR D 88 18.53 -20.89 26.77
CA THR D 88 19.63 -20.80 25.80
C THR D 88 19.12 -21.03 24.36
N GLU D 89 18.01 -21.77 24.23
CA GLU D 89 17.34 -21.99 22.95
C GLU D 89 16.97 -20.68 22.24
N ASP D 90 16.66 -19.64 23.02
CA ASP D 90 16.20 -18.36 22.48
C ASP D 90 17.33 -17.39 22.10
N THR D 91 18.53 -17.90 21.85
CA THR D 91 19.65 -17.08 21.37
C THR D 91 19.49 -16.85 19.87
N ALA D 92 19.45 -15.59 19.45
CA ALA D 92 19.19 -15.24 18.05
C ALA D 92 19.44 -13.75 17.78
N THR D 93 19.36 -13.39 16.50
CA THR D 93 19.43 -12.00 16.09
C THR D 93 18.01 -11.49 15.82
N TYR D 94 17.52 -10.61 16.69
CA TYR D 94 16.13 -10.16 16.66
C TYR D 94 15.91 -8.96 15.74
N TYR D 95 14.97 -9.11 14.80
CA TYR D 95 14.60 -8.04 13.88
C TYR D 95 13.17 -7.61 14.09
N CYS D 96 12.93 -6.29 14.02
CA CYS D 96 11.57 -5.76 13.94
C CYS D 96 11.34 -5.26 12.51
N ALA D 97 10.09 -5.26 12.06
CA ALA D 97 9.80 -4.95 10.66
C ALA D 97 8.36 -4.49 10.47
N ARG D 98 8.16 -3.63 9.48
CA ARG D 98 6.83 -3.25 9.03
C ARG D 98 6.40 -4.19 7.90
N TYR D 99 5.10 -4.37 7.74
CA TYR D 99 4.52 -5.35 6.83
C TYR D 99 4.77 -5.07 5.33
N GLY D 100 5.16 -3.84 5.01
CA GLY D 100 5.40 -3.47 3.61
C GLY D 100 6.77 -3.80 3.02
N GLY D 101 7.52 -4.69 3.68
CA GLY D 101 8.85 -5.08 3.19
C GLY D 101 10.00 -4.26 3.78
N TYR D 102 9.69 -3.46 4.79
CA TYR D 102 10.71 -2.69 5.52
C TYR D 102 11.19 -3.50 6.72
N TRP D 103 12.50 -3.46 6.97
CA TRP D 103 13.12 -4.26 8.03
C TRP D 103 14.05 -3.42 8.88
N GLY D 104 14.25 -3.86 10.12
CA GLY D 104 15.13 -3.16 11.05
C GLY D 104 16.59 -3.51 10.82
N GLN D 105 17.45 -2.89 11.63
N GLN D 105 17.47 -2.94 11.64
CA GLN D 105 18.90 -3.10 11.60
CA GLN D 105 18.91 -3.16 11.51
C GLN D 105 19.28 -4.48 12.16
C GLN D 105 19.36 -4.44 12.22
N GLY D 106 18.63 -4.88 13.23
CA GLY D 106 18.90 -6.14 13.93
C GLY D 106 19.66 -5.92 15.23
N THR D 107 19.55 -6.88 16.14
CA THR D 107 20.34 -6.89 17.37
C THR D 107 20.63 -8.32 17.81
N SER D 108 21.90 -8.65 17.93
CA SER D 108 22.31 -9.97 18.39
C SER D 108 22.04 -10.07 19.88
N VAL D 109 21.30 -11.10 20.28
CA VAL D 109 20.97 -11.33 21.69
C VAL D 109 21.38 -12.74 22.09
N THR D 110 22.34 -12.83 23.00
CA THR D 110 22.86 -14.10 23.51
C THR D 110 22.23 -14.43 24.86
N VAL D 111 22.05 -15.73 25.12
CA VAL D 111 21.46 -16.21 26.37
C VAL D 111 22.32 -17.30 26.99
N SER D 112 22.97 -17.00 28.11
CA SER D 112 23.70 -17.98 28.90
C SER D 112 24.06 -17.40 30.28
N SER D 113 24.25 -18.27 31.26
CA SER D 113 24.63 -17.85 32.61
C SER D 113 26.14 -17.59 32.72
N ALA D 114 26.89 -17.87 31.65
CA ALA D 114 28.32 -17.61 31.60
C ALA D 114 28.60 -16.10 31.61
N LYS D 115 29.30 -15.65 32.65
CA LYS D 115 29.51 -14.22 32.90
C LYS D 115 30.54 -13.60 31.95
N THR D 116 30.57 -12.27 31.94
CA THR D 116 31.42 -11.50 31.03
C THR D 116 32.91 -11.69 31.37
N THR D 117 33.71 -11.95 30.34
CA THR D 117 35.14 -12.18 30.50
C THR D 117 35.89 -11.45 29.38
N PRO D 118 36.93 -10.66 29.75
CA PRO D 118 37.66 -9.91 28.73
C PRO D 118 38.61 -10.79 27.92
N PRO D 119 39.05 -10.31 26.73
CA PRO D 119 39.95 -11.07 25.89
C PRO D 119 41.41 -10.89 26.28
N SER D 120 42.18 -11.96 26.15
CA SER D 120 43.63 -11.87 26.23
C SER D 120 44.16 -11.82 24.80
N VAL D 121 44.79 -10.71 24.45
CA VAL D 121 45.33 -10.53 23.10
C VAL D 121 46.78 -11.01 23.04
N TYR D 122 47.12 -11.74 21.99
CA TYR D 122 48.46 -12.29 21.81
C TYR D 122 48.98 -12.05 20.38
N PRO D 123 50.22 -11.53 20.27
CA PRO D 123 50.80 -11.25 18.95
C PRO D 123 51.26 -12.53 18.23
N LEU D 124 51.04 -12.59 16.92
CA LEU D 124 51.44 -13.74 16.11
C LEU D 124 52.53 -13.35 15.11
N ALA D 125 53.78 -13.55 15.48
CA ALA D 125 54.93 -13.21 14.65
C ALA D 125 55.61 -14.47 14.10
N PRO D 126 55.96 -14.48 12.81
CA PRO D 126 56.59 -15.65 12.19
C PRO D 126 58.11 -15.69 12.43
N MET D 134 56.26 -9.37 0.39
CA MET D 134 54.95 -9.54 1.00
C MET D 134 54.99 -10.59 2.11
N VAL D 135 54.66 -10.16 3.33
CA VAL D 135 54.62 -11.04 4.50
C VAL D 135 53.31 -10.86 5.25
N THR D 136 53.04 -11.75 6.21
CA THR D 136 51.78 -11.75 6.95
C THR D 136 52.00 -11.76 8.46
N LEU D 137 51.28 -10.88 9.15
CA LEU D 137 51.25 -10.85 10.62
C LEU D 137 49.82 -11.05 11.08
N GLY D 138 49.64 -11.22 12.40
CA GLY D 138 48.30 -11.46 12.95
C GLY D 138 48.18 -11.30 14.45
N CYS D 139 46.93 -11.39 14.93
CA CYS D 139 46.62 -11.28 16.36
C CYS D 139 45.65 -12.38 16.77
N LEU D 140 45.91 -12.99 17.91
CA LEU D 140 44.99 -13.97 18.51
C LEU D 140 44.19 -13.29 19.62
N VAL D 141 42.90 -13.59 19.68
CA VAL D 141 42.01 -13.06 20.72
C VAL D 141 41.35 -14.24 21.45
N LYS D 142 41.93 -14.62 22.59
CA LYS D 142 41.54 -15.85 23.27
C LYS D 142 40.69 -15.60 24.52
N GLY D 143 39.71 -16.47 24.73
CA GLY D 143 38.97 -16.56 25.98
C GLY D 143 38.20 -15.32 26.37
N TYR D 144 37.22 -14.95 25.55
CA TYR D 144 36.39 -13.75 25.81
C TYR D 144 34.90 -14.01 25.62
N PHE D 145 34.07 -13.30 26.40
CA PHE D 145 32.62 -13.42 26.31
C PHE D 145 31.96 -12.06 26.57
N PRO D 146 30.95 -11.67 25.77
CA PRO D 146 30.46 -12.28 24.54
C PRO D 146 30.92 -11.52 23.30
N GLU D 147 30.51 -11.99 22.12
CA GLU D 147 30.78 -11.29 20.87
C GLU D 147 29.99 -9.99 20.84
N PRO D 148 30.40 -9.02 19.99
CA PRO D 148 31.53 -9.04 19.06
C PRO D 148 32.77 -8.30 19.55
N VAL D 149 33.78 -8.21 18.69
CA VAL D 149 34.95 -7.36 18.93
C VAL D 149 35.34 -6.66 17.62
N THR D 150 35.90 -5.46 17.76
CA THR D 150 36.40 -4.70 16.60
C THR D 150 37.92 -4.77 16.56
N VAL D 151 38.46 -5.35 15.50
CA VAL D 151 39.91 -5.47 15.33
C VAL D 151 40.37 -4.59 14.16
N THR D 152 40.99 -3.47 14.50
CA THR D 152 41.58 -2.57 13.50
C THR D 152 43.11 -2.60 13.60
N TRP D 153 43.78 -2.01 12.62
CA TRP D 153 45.24 -2.02 12.56
C TRP D 153 45.80 -0.60 12.32
N ASN D 154 46.55 -0.11 13.30
CA ASN D 154 47.13 1.25 13.28
C ASN D 154 46.08 2.34 13.05
N SER D 155 45.29 2.62 14.09
CA SER D 155 44.23 3.64 14.06
C SER D 155 43.16 3.38 12.98
N GLY D 156 43.03 2.13 12.55
CA GLY D 156 42.12 1.77 11.46
C GLY D 156 42.52 2.34 10.10
N SER D 157 43.80 2.63 9.92
CA SER D 157 44.30 3.14 8.64
C SER D 157 45.16 2.10 7.92
N LEU D 158 44.74 0.84 8.02
CA LEU D 158 45.32 -0.26 7.23
C LEU D 158 44.21 -1.26 6.86
N SER D 159 43.43 -0.92 5.83
CA SER D 159 42.39 -1.80 5.29
C SER D 159 42.82 -2.36 3.94
N GLY D 160 44.08 -2.75 3.83
CA GLY D 160 44.65 -3.21 2.56
C GLY D 160 44.37 -4.67 2.29
N GLY D 161 45.02 -5.54 3.07
CA GLY D 161 44.83 -6.99 2.96
C GLY D 161 44.63 -7.60 4.33
N VAL D 162 43.54 -7.23 4.99
CA VAL D 162 43.28 -7.61 6.38
C VAL D 162 42.00 -8.45 6.51
N HIS D 163 42.18 -9.71 6.92
CA HIS D 163 41.05 -10.61 7.21
C HIS D 163 40.79 -10.65 8.72
N THR D 164 39.54 -10.92 9.09
CA THR D 164 39.17 -11.14 10.48
C THR D 164 38.20 -12.32 10.55
N PHE D 165 38.62 -13.38 11.21
CA PHE D 165 37.91 -14.66 11.15
C PHE D 165 36.77 -14.70 12.16
N PRO D 166 35.66 -15.39 11.83
CA PRO D 166 34.56 -15.59 12.78
C PRO D 166 34.99 -16.36 14.04
N ALA D 167 34.37 -16.05 15.16
CA ALA D 167 34.70 -16.68 16.45
C ALA D 167 34.19 -18.11 16.54
N VAL D 168 34.67 -18.84 17.53
CA VAL D 168 34.29 -20.24 17.75
C VAL D 168 34.06 -20.51 19.23
N LEU D 169 33.05 -21.33 19.53
CA LEU D 169 32.71 -21.66 20.91
C LEU D 169 33.70 -22.65 21.53
N GLN D 170 34.70 -22.12 22.22
CA GLN D 170 35.47 -22.90 23.18
C GLN D 170 34.61 -22.92 24.44
N SER D 171 34.79 -23.94 25.29
CA SER D 171 33.93 -24.11 26.47
C SER D 171 33.58 -22.78 27.15
N ASP D 172 32.40 -22.25 26.82
CA ASP D 172 31.86 -21.02 27.41
C ASP D 172 32.68 -19.73 27.12
N LEU D 173 33.56 -19.78 26.12
CA LEU D 173 34.39 -18.63 25.77
C LEU D 173 34.73 -18.63 24.27
N TYR D 174 34.80 -17.44 23.68
CA TYR D 174 35.08 -17.32 22.25
C TYR D 174 36.57 -17.20 21.97
N THR D 175 36.95 -17.50 20.74
CA THR D 175 38.33 -17.34 20.27
C THR D 175 38.34 -17.06 18.77
N LEU D 176 39.09 -16.03 18.37
CA LEU D 176 39.24 -15.69 16.96
C LEU D 176 40.62 -15.11 16.68
N SER D 177 40.90 -14.87 15.41
CA SER D 177 42.14 -14.23 14.99
C SER D 177 41.87 -13.22 13.88
N SER D 178 42.93 -12.49 13.51
CA SER D 178 42.85 -11.51 12.42
C SER D 178 44.22 -11.42 11.75
N SER D 179 44.24 -11.55 10.42
CA SER D 179 45.48 -11.53 9.65
C SER D 179 45.63 -10.20 8.93
N VAL D 180 46.83 -9.97 8.38
CA VAL D 180 47.08 -8.80 7.54
C VAL D 180 48.31 -9.01 6.66
N THR D 181 48.24 -8.57 5.41
CA THR D 181 49.35 -8.71 4.47
C THR D 181 49.92 -7.33 4.13
N VAL D 182 51.20 -7.14 4.46
CA VAL D 182 51.92 -5.87 4.21
C VAL D 182 53.25 -6.16 3.52
N PRO D 183 53.87 -5.11 2.93
CA PRO D 183 55.21 -5.29 2.33
C PRO D 183 56.28 -5.78 3.31
N SER D 184 57.25 -6.52 2.80
CA SER D 184 58.29 -7.13 3.65
C SER D 184 59.29 -6.10 4.20
N SER D 185 59.44 -4.97 3.51
CA SER D 185 60.35 -3.90 3.95
C SER D 185 59.73 -2.98 5.00
N THR D 186 58.40 -2.91 5.04
CA THR D 186 57.69 -2.07 6.01
C THR D 186 57.72 -2.62 7.44
N TRP D 187 58.10 -3.89 7.60
CA TRP D 187 58.21 -4.53 8.90
C TRP D 187 59.59 -5.19 9.04
N PRO D 188 60.29 -4.97 10.18
CA PRO D 188 59.93 -4.19 11.37
C PRO D 188 60.43 -2.73 11.30
N SER D 189 60.25 -2.07 10.16
CA SER D 189 60.67 -0.69 9.99
C SER D 189 59.76 0.25 10.78
N GLU D 190 58.48 0.28 10.43
CA GLU D 190 57.49 1.08 11.15
C GLU D 190 56.56 0.18 11.96
N THR D 191 56.17 0.67 13.14
CA THR D 191 55.33 -0.08 14.09
C THR D 191 54.06 -0.64 13.43
N VAL D 192 53.81 -1.92 13.68
CA VAL D 192 52.59 -2.60 13.22
C VAL D 192 51.80 -3.09 14.43
N THR D 193 50.77 -2.32 14.80
CA THR D 193 49.95 -2.63 15.96
C THR D 193 48.54 -3.03 15.51
N CYS D 194 47.94 -4.00 16.22
CA CYS D 194 46.53 -4.33 16.02
C CYS D 194 45.75 -3.88 17.25
N ASN D 195 44.53 -3.37 17.02
CA ASN D 195 43.72 -2.78 18.07
C ASN D 195 42.47 -3.61 18.32
N VAL D 196 42.40 -4.25 19.48
CA VAL D 196 41.27 -5.13 19.83
C VAL D 196 40.36 -4.44 20.85
N ALA D 197 39.15 -4.11 20.42
CA ALA D 197 38.15 -3.50 21.29
C ALA D 197 37.06 -4.51 21.64
N HIS D 198 36.70 -4.56 22.92
CA HIS D 198 35.61 -5.42 23.40
C HIS D 198 34.65 -4.56 24.23
N PRO D 199 33.67 -3.94 23.55
CA PRO D 199 32.68 -3.06 24.19
C PRO D 199 31.92 -3.67 25.38
N ALA D 200 31.70 -4.98 25.35
CA ALA D 200 30.93 -5.66 26.39
C ALA D 200 31.55 -5.57 27.80
N SER D 201 32.88 -5.52 27.87
CA SER D 201 33.59 -5.34 29.15
C SER D 201 34.56 -4.16 29.13
N SER D 202 34.41 -3.27 28.15
CA SER D 202 35.28 -2.10 27.99
C SER D 202 36.77 -2.46 28.02
N THR D 203 37.24 -3.11 26.96
CA THR D 203 38.62 -3.59 26.91
C THR D 203 39.26 -3.25 25.55
N LYS D 204 39.82 -2.04 25.47
CA LYS D 204 40.54 -1.57 24.29
C LYS D 204 42.04 -1.76 24.51
N VAL D 205 42.56 -2.88 24.03
CA VAL D 205 43.97 -3.21 24.21
C VAL D 205 44.67 -3.24 22.84
N ASP D 206 45.80 -2.53 22.77
CA ASP D 206 46.68 -2.55 21.60
C ASP D 206 47.81 -3.54 21.87
N LYS D 207 48.25 -4.26 20.84
CA LYS D 207 49.38 -5.18 20.97
C LYS D 207 50.32 -5.12 19.76
N LYS D 208 51.46 -4.47 19.95
CA LYS D 208 52.47 -4.34 18.89
C LYS D 208 53.07 -5.70 18.58
N ILE D 209 53.41 -5.92 17.32
CA ILE D 209 53.95 -7.20 16.85
C ILE D 209 55.46 -7.11 16.67
N VAL D 210 56.19 -7.38 17.75
CA VAL D 210 57.66 -7.40 17.72
C VAL D 210 58.07 -8.68 16.98
N PRO D 211 59.18 -8.63 16.21
CA PRO D 211 59.72 -9.86 15.61
C PRO D 211 60.12 -10.91 16.63
N ARG D 212 60.70 -12.02 16.17
CA ARG D 212 61.17 -13.09 17.05
C ARG D 212 59.98 -13.92 17.56
N ASP E 1 2.11 -25.80 11.03
CA ASP E 1 2.89 -24.79 10.23
C ASP E 1 3.10 -25.27 8.80
N VAL E 2 3.04 -24.34 7.86
CA VAL E 2 3.28 -24.65 6.46
C VAL E 2 4.79 -24.77 6.26
N VAL E 3 5.22 -25.83 5.59
CA VAL E 3 6.64 -26.11 5.38
C VAL E 3 7.10 -25.60 4.02
N MET E 4 8.11 -24.74 4.03
CA MET E 4 8.65 -24.14 2.81
C MET E 4 10.03 -24.71 2.53
N THR E 5 10.11 -25.63 1.57
CA THR E 5 11.37 -26.29 1.20
C THR E 5 12.05 -25.58 0.04
N GLN E 6 13.34 -25.31 0.20
CA GLN E 6 14.14 -24.65 -0.85
C GLN E 6 15.13 -25.62 -1.48
N THR E 7 15.25 -25.57 -2.80
CA THR E 7 16.26 -26.33 -3.53
C THR E 7 16.84 -25.45 -4.63
N PRO E 8 18.18 -25.44 -4.80
CA PRO E 8 19.16 -26.21 -4.04
C PRO E 8 19.45 -25.56 -2.68
N ILE E 9 19.96 -26.35 -1.74
CA ILE E 9 20.37 -25.83 -0.44
C ILE E 9 21.55 -24.85 -0.58
N THR E 10 22.39 -25.09 -1.58
CA THR E 10 23.48 -24.19 -1.95
C THR E 10 23.66 -24.18 -3.46
N LEU E 11 24.07 -23.02 -3.99
CA LEU E 11 24.22 -22.84 -5.44
C LEU E 11 25.55 -22.14 -5.72
N SER E 12 26.25 -22.60 -6.75
CA SER E 12 27.51 -21.98 -7.19
C SER E 12 27.37 -21.45 -8.61
N VAL E 13 27.60 -20.15 -8.80
CA VAL E 13 27.37 -19.48 -10.08
C VAL E 13 28.47 -18.46 -10.40
N THR E 14 28.77 -18.27 -11.68
CA THR E 14 29.76 -17.28 -12.12
C THR E 14 29.08 -15.95 -12.42
N ILE E 15 29.77 -14.85 -12.15
CA ILE E 15 29.23 -13.51 -12.40
C ILE E 15 28.86 -13.31 -13.88
N GLY E 16 27.77 -12.60 -14.14
CA GLY E 16 27.25 -12.42 -15.49
C GLY E 16 26.43 -13.60 -16.00
N GLN E 17 26.16 -14.57 -15.12
CA GLN E 17 25.40 -15.77 -15.48
C GLN E 17 24.08 -15.79 -14.69
N PRO E 18 23.00 -16.35 -15.28
CA PRO E 18 21.74 -16.44 -14.55
C PRO E 18 21.73 -17.55 -13.50
N ALA E 19 20.69 -17.56 -12.66
CA ALA E 19 20.52 -18.59 -11.65
C ALA E 19 19.06 -18.68 -11.19
N SER E 20 18.63 -19.89 -10.81
CA SER E 20 17.26 -20.13 -10.35
C SER E 20 17.22 -20.82 -8.99
N ILE E 21 16.50 -20.22 -8.04
CA ILE E 21 16.19 -20.84 -6.77
C ILE E 21 14.71 -21.20 -6.78
N SER E 22 14.39 -22.41 -6.34
CA SER E 22 13.02 -22.90 -6.34
C SER E 22 12.51 -23.10 -4.92
N CYS E 23 11.30 -22.63 -4.65
CA CYS E 23 10.68 -22.77 -3.33
C CYS E 23 9.39 -23.59 -3.44
N LYS E 24 9.24 -24.58 -2.56
CA LYS E 24 8.11 -25.51 -2.59
C LYS E 24 7.38 -25.59 -1.24
N SER E 25 6.13 -25.15 -1.24
CA SER E 25 5.29 -25.23 -0.04
C SER E 25 4.58 -26.58 0.03
N SER E 26 4.10 -26.93 1.23
CA SER E 26 3.29 -28.14 1.43
C SER E 26 1.80 -27.82 1.36
N GLN E 27 1.49 -26.66 0.79
CA GLN E 27 0.16 -26.06 0.82
C GLN E 27 0.02 -25.20 -0.41
N SER E 28 -1.19 -25.13 -0.96
CA SER E 28 -1.50 -24.09 -1.93
C SER E 28 -1.45 -22.78 -1.15
N LEU E 29 -0.76 -21.77 -1.68
CA LEU E 29 -0.61 -20.50 -1.00
C LEU E 29 -1.61 -19.45 -1.50
N LEU E 30 -2.69 -19.91 -2.13
CA LEU E 30 -3.75 -19.03 -2.63
C LEU E 30 -4.74 -18.71 -1.50
N ASP E 31 -4.76 -17.46 -1.03
CA ASP E 31 -5.66 -17.08 0.06
C ASP E 31 -7.09 -16.93 -0.46
N SER E 32 -8.03 -16.71 0.46
CA SER E 32 -9.45 -16.54 0.13
C SER E 32 -9.70 -15.36 -0.81
N ASP E 33 -8.93 -14.29 -0.63
CA ASP E 33 -9.07 -13.05 -1.41
C ASP E 33 -8.78 -13.22 -2.90
N GLY E 34 -7.82 -14.08 -3.24
CA GLY E 34 -7.42 -14.30 -4.62
C GLY E 34 -5.91 -14.19 -4.82
N LYS E 35 -5.24 -13.45 -3.95
CA LYS E 35 -3.80 -13.26 -4.04
C LYS E 35 -3.05 -14.44 -3.40
N THR E 36 -1.83 -14.66 -3.90
CA THR E 36 -0.91 -15.68 -3.39
C THR E 36 0.27 -14.99 -2.71
N TYR E 37 0.23 -14.91 -1.38
CA TYR E 37 1.22 -14.14 -0.63
C TYR E 37 2.53 -14.91 -0.44
N LEU E 38 3.37 -14.88 -1.47
CA LEU E 38 4.71 -15.44 -1.40
C LEU E 38 5.74 -14.43 -1.87
N ASN E 39 6.79 -14.25 -1.06
CA ASN E 39 7.83 -13.25 -1.30
C ASN E 39 9.20 -13.90 -1.38
N TRP E 40 10.14 -13.17 -1.96
CA TRP E 40 11.54 -13.57 -1.98
C TRP E 40 12.35 -12.49 -1.29
N LEU E 41 13.18 -12.90 -0.34
CA LEU E 41 14.00 -11.98 0.45
C LEU E 41 15.49 -12.27 0.25
N LEU E 42 16.30 -11.20 0.16
CA LEU E 42 17.75 -11.33 -0.03
C LEU E 42 18.50 -10.80 1.19
N GLN E 43 19.27 -11.68 1.83
CA GLN E 43 20.08 -11.29 2.98
C GLN E 43 21.57 -11.25 2.61
N ARG E 44 22.12 -10.05 2.54
CA ARG E 44 23.54 -9.84 2.25
C ARG E 44 24.33 -10.15 3.52
N PRO E 45 25.67 -10.23 3.42
CA PRO E 45 26.47 -10.54 4.62
C PRO E 45 26.30 -9.48 5.73
N GLY E 46 25.93 -9.94 6.93
CA GLY E 46 25.78 -9.05 8.08
C GLY E 46 24.49 -8.24 8.09
N GLN E 47 24.16 -7.63 6.96
CA GLN E 47 22.99 -6.76 6.85
C GLN E 47 21.66 -7.52 6.98
N SER E 48 20.58 -6.76 7.15
CA SER E 48 19.24 -7.33 7.33
C SER E 48 18.67 -7.81 6.00
N PRO E 49 17.62 -8.65 6.04
CA PRO E 49 16.97 -9.08 4.80
C PRO E 49 16.30 -7.94 4.04
N LYS E 50 16.02 -8.17 2.76
CA LYS E 50 15.39 -7.16 1.91
C LYS E 50 14.44 -7.81 0.92
N ARG E 51 13.20 -7.32 0.88
CA ARG E 51 12.17 -7.83 -0.02
C ARG E 51 12.50 -7.52 -1.48
N LEU E 52 12.56 -8.56 -2.30
CA LEU E 52 12.76 -8.42 -3.74
C LEU E 52 11.41 -8.46 -4.44
N ILE E 53 10.72 -9.59 -4.27
CA ILE E 53 9.46 -9.88 -4.95
C ILE E 53 8.43 -10.18 -3.89
N TYR E 54 7.21 -9.63 -4.03
CA TYR E 54 6.25 -9.67 -2.91
C TYR E 54 4.96 -10.46 -3.13
N LEU E 55 4.24 -10.23 -4.20
CA LEU E 55 3.24 -11.18 -4.65
C LEU E 55 3.99 -11.97 -5.71
N VAL E 56 3.85 -13.29 -5.70
CA VAL E 56 4.69 -14.19 -6.52
C VAL E 56 5.54 -13.54 -7.64
N SER E 57 4.96 -12.62 -8.43
CA SER E 57 5.60 -12.07 -9.62
C SER E 57 6.08 -10.59 -9.56
N LYS E 58 5.56 -9.81 -8.61
CA LYS E 58 5.79 -8.34 -8.61
C LYS E 58 7.12 -7.93 -7.98
N LEU E 59 7.60 -6.73 -8.30
CA LEU E 59 8.92 -6.25 -7.81
C LEU E 59 8.82 -5.08 -6.83
N ASP E 60 9.83 -4.96 -5.96
CA ASP E 60 9.91 -3.88 -4.97
C ASP E 60 10.52 -2.64 -5.62
N SER E 61 10.61 -1.55 -4.85
CA SER E 61 11.23 -0.31 -5.33
C SER E 61 12.74 -0.44 -5.46
N ARG E 62 13.42 -0.68 -4.34
CA ARG E 62 14.90 -0.78 -4.31
C ARG E 62 15.36 -2.10 -4.94
N VAL E 63 14.88 -2.37 -6.15
CA VAL E 63 15.19 -3.61 -6.85
C VAL E 63 15.19 -3.34 -8.35
N PRO E 64 16.34 -3.57 -9.01
CA PRO E 64 16.36 -3.45 -10.48
C PRO E 64 15.56 -4.58 -11.12
N ASP E 65 15.09 -4.37 -12.34
CA ASP E 65 14.12 -5.28 -12.97
C ASP E 65 14.68 -6.64 -13.46
N ARG E 66 15.96 -6.92 -13.17
CA ARG E 66 16.57 -8.20 -13.56
C ARG E 66 16.20 -9.36 -12.62
N PHE E 67 15.61 -9.04 -11.47
CA PHE E 67 14.99 -10.06 -10.59
C PHE E 67 13.53 -10.26 -10.99
N THR E 68 13.15 -11.50 -11.29
CA THR E 68 11.75 -11.84 -11.53
C THR E 68 11.41 -13.18 -10.90
N GLY E 69 10.18 -13.32 -10.44
CA GLY E 69 9.72 -14.54 -9.76
C GLY E 69 8.48 -15.10 -10.44
N SER E 70 8.34 -16.42 -10.39
CA SER E 70 7.21 -17.10 -11.04
C SER E 70 6.76 -18.31 -10.22
N GLY E 71 5.50 -18.69 -10.38
CA GLY E 71 4.96 -19.85 -9.67
C GLY E 71 3.45 -19.85 -9.54
N ALA E 72 2.92 -20.94 -9.00
CA ALA E 72 1.49 -21.08 -8.73
C ALA E 72 1.29 -22.21 -7.72
N GLY E 73 0.23 -22.13 -6.92
CA GLY E 73 -0.10 -23.17 -5.96
C GLY E 73 1.01 -23.48 -4.98
N THR E 74 1.76 -24.54 -5.25
CA THR E 74 2.87 -24.98 -4.39
C THR E 74 4.25 -24.69 -4.97
N ASP E 75 4.36 -24.64 -6.30
CA ASP E 75 5.65 -24.46 -6.99
C ASP E 75 5.99 -22.98 -7.16
N PHE E 76 7.25 -22.62 -6.93
CA PHE E 76 7.72 -21.24 -7.05
C PHE E 76 9.20 -21.19 -7.43
N THR E 77 9.56 -20.22 -8.28
CA THR E 77 10.94 -20.09 -8.78
C THR E 77 11.37 -18.62 -8.83
N LEU E 78 12.61 -18.36 -8.43
CA LEU E 78 13.22 -17.02 -8.50
C LEU E 78 14.25 -16.96 -9.61
N LYS E 79 14.05 -16.05 -10.56
CA LYS E 79 14.92 -15.93 -11.73
C LYS E 79 15.73 -14.63 -11.67
N ILE E 80 17.06 -14.77 -11.68
CA ILE E 80 17.96 -13.63 -11.88
C ILE E 80 18.60 -13.83 -13.25
N SER E 81 18.47 -12.84 -14.13
CA SER E 81 19.03 -12.96 -15.48
C SER E 81 20.55 -12.82 -15.52
N ARG E 82 21.12 -12.16 -14.50
CA ARG E 82 22.59 -12.03 -14.37
C ARG E 82 22.97 -11.41 -13.02
N VAL E 83 23.88 -12.07 -12.31
CA VAL E 83 24.23 -11.68 -10.93
C VAL E 83 25.41 -10.71 -10.84
N GLU E 84 25.63 -10.19 -9.63
CA GLU E 84 26.77 -9.32 -9.31
C GLU E 84 27.45 -9.79 -8.01
N ALA E 85 28.60 -9.19 -7.69
CA ALA E 85 29.35 -9.53 -6.47
C ALA E 85 28.66 -9.06 -5.18
N GLU E 86 27.61 -8.27 -5.33
CA GLU E 86 26.75 -7.83 -4.22
C GLU E 86 25.64 -8.85 -3.90
N ASP E 87 25.29 -9.68 -4.89
CA ASP E 87 24.15 -10.58 -4.78
C ASP E 87 24.41 -11.88 -4.02
N LEU E 88 25.64 -12.10 -3.56
CA LEU E 88 25.94 -13.26 -2.72
C LEU E 88 25.20 -13.18 -1.39
N GLY E 89 25.20 -14.30 -0.66
CA GLY E 89 24.47 -14.41 0.60
C GLY E 89 23.34 -15.42 0.50
N ILE E 90 22.31 -15.23 1.31
CA ILE E 90 21.20 -16.18 1.39
C ILE E 90 19.93 -15.57 0.81
N TYR E 91 19.13 -16.42 0.14
CA TYR E 91 17.84 -16.03 -0.42
C TYR E 91 16.74 -16.84 0.25
N TYR E 92 15.78 -16.13 0.86
CA TYR E 92 14.67 -16.78 1.56
C TYR E 92 13.36 -16.56 0.82
N CYS E 93 12.62 -17.64 0.57
CA CYS E 93 11.22 -17.53 0.19
C CYS E 93 10.39 -17.48 1.47
N TRP E 94 9.20 -16.90 1.39
CA TRP E 94 8.35 -16.77 2.57
C TRP E 94 6.89 -16.94 2.16
N GLN E 95 6.01 -17.22 3.13
CA GLN E 95 4.57 -17.26 2.87
C GLN E 95 3.82 -16.49 3.94
N GLY E 96 2.81 -15.73 3.50
CA GLY E 96 1.93 -14.98 4.39
C GLY E 96 0.48 -15.24 4.07
N THR E 97 0.20 -16.47 3.62
CA THR E 97 -1.17 -16.88 3.32
C THR E 97 -1.78 -17.62 4.50
N HIS E 98 -0.97 -18.45 5.15
CA HIS E 98 -1.43 -19.30 6.25
C HIS E 98 -0.74 -18.98 7.56
N PHE E 99 -1.52 -19.03 8.62
CA PHE E 99 -1.03 -18.84 9.98
C PHE E 99 -0.36 -20.13 10.45
N PRO E 100 0.84 -20.03 11.05
CA PRO E 100 1.61 -18.84 11.37
C PRO E 100 2.77 -18.56 10.42
N GLN E 101 2.50 -17.99 9.26
CA GLN E 101 3.50 -17.17 8.54
C GLN E 101 4.96 -17.67 8.66
N THR E 102 5.44 -18.40 7.64
CA THR E 102 6.74 -19.08 7.75
C THR E 102 7.73 -18.73 6.65
N PHE E 103 9.01 -18.89 6.97
CA PHE E 103 10.12 -18.71 6.02
C PHE E 103 10.61 -20.05 5.49
N GLY E 104 11.52 -20.00 4.51
CA GLY E 104 12.14 -21.19 3.97
C GLY E 104 13.50 -21.46 4.60
N GLY E 105 14.09 -22.61 4.24
CA GLY E 105 15.40 -23.00 4.75
C GLY E 105 16.56 -22.15 4.25
N GLY E 106 16.31 -21.33 3.25
CA GLY E 106 17.32 -20.44 2.71
C GLY E 106 18.15 -21.13 1.65
N THR E 107 18.67 -20.34 0.72
CA THR E 107 19.51 -20.85 -0.35
C THR E 107 20.75 -19.97 -0.48
N LYS E 108 21.90 -20.50 -0.06
CA LYS E 108 23.16 -19.76 -0.07
C LYS E 108 23.70 -19.66 -1.49
N LEU E 109 23.92 -18.43 -1.96
CA LEU E 109 24.47 -18.19 -3.29
C LEU E 109 25.98 -18.03 -3.21
N GLU E 110 26.70 -18.95 -3.85
CA GLU E 110 28.16 -18.91 -3.89
C GLU E 110 28.63 -18.44 -5.28
N ILE E 111 29.69 -17.65 -5.31
CA ILE E 111 30.22 -17.12 -6.56
C ILE E 111 31.52 -17.84 -6.96
N LYS E 112 31.76 -17.95 -8.27
CA LYS E 112 32.94 -18.61 -8.82
C LYS E 112 33.90 -17.63 -9.48
N ARG E 113 35.19 -17.97 -9.44
CA ARG E 113 36.23 -17.21 -10.12
C ARG E 113 37.42 -18.12 -10.44
N ALA E 114 38.41 -17.58 -11.15
CA ALA E 114 39.61 -18.34 -11.51
C ALA E 114 40.23 -19.00 -10.27
N ASP E 115 40.10 -20.33 -10.18
CA ASP E 115 40.45 -21.08 -8.96
C ASP E 115 41.88 -20.82 -8.49
N ALA E 116 42.02 -20.08 -7.40
CA ALA E 116 43.34 -19.64 -6.91
C ALA E 116 43.77 -20.36 -5.62
N ALA E 117 45.09 -20.40 -5.40
CA ALA E 117 45.70 -21.16 -4.31
C ALA E 117 45.79 -20.32 -3.02
N PRO E 118 46.00 -20.98 -1.87
CA PRO E 118 46.09 -20.27 -0.58
C PRO E 118 47.46 -19.65 -0.29
N THR E 119 47.46 -18.65 0.59
CA THR E 119 48.69 -18.05 1.10
C THR E 119 48.82 -18.42 2.58
N VAL E 120 49.55 -19.50 2.85
CA VAL E 120 49.65 -20.09 4.19
C VAL E 120 50.66 -19.34 5.06
N SER E 121 50.43 -19.33 6.36
CA SER E 121 51.34 -18.69 7.31
C SER E 121 51.16 -19.28 8.71
N ILE E 122 52.22 -19.93 9.22
CA ILE E 122 52.19 -20.54 10.56
C ILE E 122 52.67 -19.54 11.61
N PHE E 123 52.15 -19.67 12.84
CA PHE E 123 52.50 -18.79 13.95
C PHE E 123 52.56 -19.57 15.28
N PRO E 124 53.68 -19.45 16.02
CA PRO E 124 53.81 -20.13 17.31
C PRO E 124 53.17 -19.34 18.45
N PRO E 125 53.16 -19.92 19.67
CA PRO E 125 52.70 -19.24 20.88
C PRO E 125 53.47 -17.96 21.20
N SER E 126 52.82 -17.04 21.90
CA SER E 126 53.46 -15.84 22.42
C SER E 126 54.02 -16.14 23.80
N SER E 127 55.14 -15.52 24.14
CA SER E 127 55.75 -15.67 25.46
C SER E 127 54.85 -15.09 26.56
N GLU E 128 53.93 -14.20 26.17
CA GLU E 128 52.89 -13.70 27.07
C GLU E 128 51.91 -14.82 27.44
N GLN E 129 51.49 -15.60 26.44
CA GLN E 129 50.51 -16.66 26.65
C GLN E 129 51.10 -17.85 27.40
N LEU E 130 52.33 -18.23 27.03
CA LEU E 130 52.98 -19.39 27.66
C LEU E 130 53.09 -19.25 29.18
N THR E 131 53.12 -18.01 29.66
CA THR E 131 53.10 -17.70 31.10
C THR E 131 51.75 -18.06 31.74
N SER E 132 50.66 -17.92 30.98
CA SER E 132 49.32 -18.24 31.49
C SER E 132 49.04 -19.73 31.63
N GLY E 133 49.96 -20.57 31.16
CA GLY E 133 49.79 -22.02 31.21
C GLY E 133 49.04 -22.56 30.00
N GLY E 134 49.04 -21.78 28.92
CA GLY E 134 48.40 -22.18 27.66
C GLY E 134 49.33 -21.98 26.48
N ALA E 135 49.10 -22.72 25.41
CA ALA E 135 49.96 -22.67 24.22
C ALA E 135 49.17 -22.97 22.96
N SER E 136 48.68 -21.92 22.31
CA SER E 136 47.92 -22.06 21.07
C SER E 136 48.83 -21.83 19.86
N VAL E 137 48.71 -22.70 18.86
CA VAL E 137 49.43 -22.55 17.60
C VAL E 137 48.42 -22.28 16.48
N VAL E 138 48.73 -21.30 15.64
CA VAL E 138 47.80 -20.81 14.62
C VAL E 138 48.34 -21.06 13.22
N CYS E 139 47.44 -21.22 12.25
CA CYS E 139 47.81 -21.38 10.85
C CYS E 139 46.76 -20.73 9.93
N PHE E 140 47.12 -19.62 9.29
CA PHE E 140 46.22 -18.95 8.35
C PHE E 140 46.31 -19.56 6.95
N LEU E 141 45.21 -19.47 6.22
CA LEU E 141 45.14 -19.89 4.81
C LEU E 141 44.30 -18.87 4.06
N ASN E 142 44.94 -17.82 3.55
CA ASN E 142 44.24 -16.65 3.03
C ASN E 142 44.08 -16.62 1.51
N ASN E 143 42.96 -16.05 1.06
CA ASN E 143 42.65 -15.83 -0.35
C ASN E 143 42.77 -17.08 -1.24
N PHE E 144 41.88 -18.03 -1.01
CA PHE E 144 41.87 -19.29 -1.77
C PHE E 144 40.48 -19.63 -2.32
N TYR E 145 40.46 -20.52 -3.31
CA TYR E 145 39.21 -21.01 -3.89
C TYR E 145 39.42 -22.37 -4.56
N PRO E 146 38.48 -23.33 -4.38
CA PRO E 146 37.22 -23.29 -3.64
C PRO E 146 37.39 -23.61 -2.15
N LYS E 147 36.27 -23.71 -1.43
CA LYS E 147 36.27 -23.90 0.03
C LYS E 147 36.75 -25.27 0.51
N ASP E 148 36.75 -26.27 -0.37
CA ASP E 148 37.20 -27.63 -0.02
C ASP E 148 38.70 -27.65 0.30
N ILE E 149 39.04 -27.84 1.57
CA ILE E 149 40.43 -27.81 2.03
C ILE E 149 40.61 -28.56 3.36
N ASN E 150 41.73 -29.29 3.47
CA ASN E 150 42.10 -30.00 4.69
C ASN E 150 43.29 -29.35 5.39
N VAL E 151 43.35 -29.52 6.70
CA VAL E 151 44.47 -29.03 7.51
C VAL E 151 44.88 -30.09 8.52
N LYS E 152 46.05 -30.69 8.29
CA LYS E 152 46.60 -31.71 9.18
C LYS E 152 47.75 -31.11 9.98
N TRP E 153 47.69 -31.24 11.30
CA TRP E 153 48.78 -30.77 12.17
C TRP E 153 49.71 -31.92 12.55
N LYS E 154 50.99 -31.60 12.67
CA LYS E 154 52.01 -32.60 13.02
C LYS E 154 52.88 -32.11 14.17
N ILE E 155 53.41 -33.05 14.95
CA ILE E 155 54.34 -32.75 16.05
C ILE E 155 55.59 -33.60 15.88
N ASP E 156 56.67 -32.97 15.42
CA ASP E 156 57.94 -33.67 15.15
C ASP E 156 57.78 -34.82 14.15
N GLY E 157 56.73 -34.78 13.33
CA GLY E 157 56.43 -35.87 12.39
C GLY E 157 55.17 -36.65 12.71
N SER E 158 54.68 -36.53 13.96
CA SER E 158 53.45 -37.20 14.39
C SER E 158 52.21 -36.58 13.74
N GLU E 159 51.02 -37.05 14.12
CA GLU E 159 49.76 -36.45 13.68
C GLU E 159 48.99 -35.94 14.90
N ARG E 160 48.22 -34.86 14.70
CA ARG E 160 47.39 -34.29 15.75
C ARG E 160 46.00 -33.94 15.23
N GLN E 161 44.98 -34.54 15.85
CA GLN E 161 43.59 -34.25 15.58
C GLN E 161 42.95 -33.52 16.77
N ASN E 162 43.27 -33.98 17.98
CA ASN E 162 42.77 -33.41 19.22
C ASN E 162 43.21 -31.96 19.45
N GLY E 163 42.30 -31.13 19.94
CA GLY E 163 42.62 -29.76 20.33
C GLY E 163 42.57 -28.73 19.20
N VAL E 164 42.32 -29.18 17.98
CA VAL E 164 42.27 -28.28 16.82
C VAL E 164 40.88 -27.69 16.68
N LEU E 165 40.83 -26.42 16.32
CA LEU E 165 39.57 -25.71 16.09
C LEU E 165 39.71 -24.88 14.82
N ASN E 166 38.70 -24.93 13.96
CA ASN E 166 38.76 -24.29 12.66
C ASN E 166 37.64 -23.25 12.48
N SER E 167 37.82 -22.38 11.48
CA SER E 167 36.85 -21.30 11.23
C SER E 167 36.98 -20.74 9.81
N GLU E 168 36.04 -21.10 8.94
CA GLU E 168 35.98 -20.55 7.58
C GLU E 168 35.22 -19.22 7.55
N THR E 169 35.77 -18.24 6.82
CA THR E 169 35.11 -16.94 6.63
C THR E 169 34.10 -17.02 5.49
N ASP E 170 33.32 -15.96 5.32
CA ASP E 170 32.40 -15.87 4.18
C ASP E 170 33.12 -15.32 2.97
N GLN E 171 32.49 -15.44 1.80
CA GLN E 171 33.11 -15.06 0.54
C GLN E 171 33.34 -13.55 0.47
N ASP E 172 34.58 -13.15 0.17
CA ASP E 172 34.96 -11.75 0.06
C ASP E 172 34.17 -11.07 -1.07
N SER E 173 33.78 -9.82 -0.86
CA SER E 173 32.93 -9.11 -1.82
C SER E 173 33.72 -8.50 -2.99
N LYS E 174 35.04 -8.43 -2.86
CA LYS E 174 35.90 -7.85 -3.89
C LYS E 174 36.60 -8.91 -4.74
N ASP E 175 37.36 -9.79 -4.11
CA ASP E 175 38.10 -10.83 -4.83
C ASP E 175 37.35 -12.18 -4.87
N SER E 176 36.33 -12.33 -4.03
CA SER E 176 35.50 -13.55 -4.00
C SER E 176 36.26 -14.80 -3.55
N THR E 177 37.17 -14.62 -2.59
CA THR E 177 37.96 -15.71 -2.03
C THR E 177 37.46 -16.05 -0.63
N TYR E 178 38.08 -17.07 -0.02
CA TYR E 178 37.81 -17.41 1.37
C TYR E 178 39.11 -17.41 2.17
N SER E 179 38.97 -17.58 3.48
CA SER E 179 40.11 -17.70 4.37
C SER E 179 39.74 -18.61 5.56
N MET E 180 40.75 -19.27 6.13
CA MET E 180 40.53 -20.22 7.22
C MET E 180 41.51 -19.98 8.37
N SER E 181 41.04 -20.22 9.60
CA SER E 181 41.84 -20.04 10.81
C SER E 181 41.87 -21.30 11.67
N SER E 182 42.86 -22.16 11.42
CA SER E 182 43.08 -23.34 12.25
C SER E 182 43.87 -22.97 13.49
N THR E 183 43.49 -23.54 14.64
CA THR E 183 44.08 -23.20 15.92
C THR E 183 44.30 -24.43 16.79
N LEU E 184 45.55 -24.87 16.89
CA LEU E 184 45.92 -26.01 17.73
C LEU E 184 46.18 -25.55 19.16
N THR E 185 45.27 -25.89 20.07
CA THR E 185 45.34 -25.47 21.47
C THR E 185 45.93 -26.57 22.34
N LEU E 186 47.02 -26.28 23.04
CA LEU E 186 47.72 -27.26 23.89
C LEU E 186 48.13 -26.67 25.24
N THR E 187 48.55 -27.53 26.16
CA THR E 187 49.09 -27.11 27.45
C THR E 187 50.52 -26.59 27.27
N LYS E 188 50.96 -25.73 28.20
CA LYS E 188 52.32 -25.18 28.15
C LYS E 188 53.37 -26.28 28.32
N ASP E 189 53.11 -27.22 29.23
CA ASP E 189 53.99 -28.38 29.43
C ASP E 189 53.95 -29.32 28.23
N GLU E 190 52.76 -29.44 27.63
CA GLU E 190 52.54 -30.29 26.46
C GLU E 190 53.27 -29.72 25.26
N TYR E 191 53.26 -28.38 25.14
CA TYR E 191 53.96 -27.68 24.07
C TYR E 191 55.48 -27.77 24.23
N GLU E 192 55.97 -27.47 25.43
CA GLU E 192 57.42 -27.41 25.69
C GLU E 192 58.12 -28.77 25.64
N ARG E 193 57.37 -29.85 25.82
CA ARG E 193 57.91 -31.21 25.72
C ARG E 193 58.44 -31.53 24.32
N HIS E 194 57.64 -31.17 23.30
CA HIS E 194 58.01 -31.42 21.91
C HIS E 194 58.63 -30.17 21.29
N ASN E 195 59.13 -30.27 20.07
CA ASN E 195 59.97 -29.21 19.47
C ASN E 195 59.40 -28.56 18.20
N THR E 196 59.28 -29.34 17.13
CA THR E 196 58.94 -28.81 15.80
C THR E 196 57.51 -29.17 15.36
N TYR E 197 56.68 -28.14 15.22
CA TYR E 197 55.27 -28.30 14.83
C TYR E 197 55.05 -27.90 13.38
N THR E 198 54.24 -28.67 12.66
CA THR E 198 54.08 -28.49 11.21
C THR E 198 52.60 -28.40 10.80
N CYS E 199 52.23 -27.28 10.19
CA CYS E 199 50.91 -27.10 9.59
C CYS E 199 50.95 -27.60 8.14
N GLU E 200 49.90 -28.28 7.70
CA GLU E 200 49.88 -28.95 6.39
C GLU E 200 48.59 -28.65 5.64
N ALA E 201 48.66 -27.69 4.72
CA ALA E 201 47.50 -27.28 3.94
C ALA E 201 47.36 -28.17 2.71
N THR E 202 46.27 -28.95 2.66
CA THR E 202 46.00 -29.85 1.54
C THR E 202 44.81 -29.33 0.71
N HIS E 203 45.08 -28.29 -0.07
CA HIS E 203 44.07 -27.64 -0.91
C HIS E 203 43.90 -28.42 -2.22
N LYS E 204 42.84 -28.08 -2.96
CA LYS E 204 42.53 -28.72 -4.24
C LYS E 204 43.65 -28.61 -5.30
N THR E 205 44.51 -27.61 -5.18
CA THR E 205 45.49 -27.30 -6.22
C THR E 205 46.80 -28.12 -6.20
N SER E 206 46.82 -29.25 -5.48
CA SER E 206 47.97 -30.16 -5.50
C SER E 206 47.73 -31.44 -4.71
N THR E 207 48.35 -32.54 -5.17
CA THR E 207 48.50 -33.73 -4.34
C THR E 207 49.50 -33.44 -3.23
N SER E 208 50.59 -32.77 -3.60
CA SER E 208 51.64 -32.36 -2.67
C SER E 208 51.12 -31.27 -1.71
N PRO E 209 51.00 -31.60 -0.40
CA PRO E 209 50.52 -30.59 0.55
C PRO E 209 51.51 -29.45 0.77
N ILE E 210 51.00 -28.28 1.15
CA ILE E 210 51.83 -27.10 1.33
C ILE E 210 52.33 -27.02 2.78
N VAL E 211 53.62 -27.31 2.96
CA VAL E 211 54.22 -27.45 4.30
C VAL E 211 54.52 -26.08 4.93
N LYS E 212 54.49 -26.03 6.26
CA LYS E 212 54.86 -24.82 7.02
C LYS E 212 55.16 -25.22 8.48
N SER E 213 56.39 -24.95 8.95
CA SER E 213 56.81 -25.41 10.28
C SER E 213 57.71 -24.40 11.01
N PHE E 214 58.01 -24.70 12.28
CA PHE E 214 58.93 -23.87 13.09
C PHE E 214 59.68 -24.69 14.16
N ASN E 215 60.52 -23.99 14.92
CA ASN E 215 61.20 -24.56 16.08
C ASN E 215 60.93 -23.71 17.32
N ARG E 216 61.42 -24.14 18.48
CA ARG E 216 61.15 -23.46 19.76
C ARG E 216 62.36 -22.70 20.35
N ASN E 217 63.57 -23.02 19.90
CA ASN E 217 64.79 -22.45 20.49
C ASN E 217 65.43 -21.31 19.66
N GLU E 218 64.61 -20.62 18.86
CA GLU E 218 65.10 -19.53 18.01
C GLU E 218 63.95 -18.63 17.55
N LEU F 4 31.02 13.73 -3.49
CA LEU F 4 30.60 14.16 -4.86
C LEU F 4 31.57 15.20 -5.43
N ARG F 5 32.25 14.84 -6.52
CA ARG F 5 33.22 15.72 -7.18
C ARG F 5 32.86 15.83 -8.67
N GLU F 6 32.50 17.03 -9.11
CA GLU F 6 32.03 17.26 -10.48
C GLU F 6 33.18 17.51 -11.45
N SER F 7 33.05 17.01 -12.66
CA SER F 7 34.13 16.95 -13.64
C SER F 7 33.63 17.21 -15.05
N GLY F 8 34.14 18.25 -15.69
CA GLY F 8 33.78 18.58 -17.07
C GLY F 8 34.52 19.78 -17.63
N PRO F 9 34.31 20.08 -18.93
CA PRO F 9 34.93 21.25 -19.54
C PRO F 9 34.35 22.56 -19.00
N ASP F 10 35.23 23.53 -18.76
CA ASP F 10 34.83 24.84 -18.22
C ASP F 10 34.78 25.96 -19.27
N LEU F 11 35.01 25.60 -20.53
CA LEU F 11 34.91 26.54 -21.65
C LEU F 11 34.19 25.88 -22.81
N VAL F 12 32.96 26.32 -23.08
CA VAL F 12 32.18 25.83 -24.22
C VAL F 12 31.39 26.97 -24.87
N THR F 13 31.20 26.86 -26.18
CA THR F 13 30.67 27.96 -27.00
C THR F 13 29.13 27.97 -27.01
N PRO F 14 28.52 29.06 -27.53
CA PRO F 14 27.05 29.14 -27.65
C PRO F 14 26.38 28.20 -28.66
N SER F 15 27.16 27.39 -29.38
CA SER F 15 26.61 26.35 -30.24
C SER F 15 26.56 25.02 -29.49
N GLN F 16 27.71 24.65 -28.91
CA GLN F 16 27.91 23.35 -28.26
C GLN F 16 26.93 22.97 -27.16
N SER F 17 26.94 21.69 -26.80
CA SER F 17 26.25 21.17 -25.65
C SER F 17 27.18 21.28 -24.43
N LEU F 18 26.83 20.62 -23.33
CA LEU F 18 27.58 20.74 -22.09
C LEU F 18 27.54 19.44 -21.29
N SER F 19 28.68 18.73 -21.28
CA SER F 19 28.79 17.41 -20.65
C SER F 19 29.60 17.48 -19.36
N LEU F 20 28.92 17.33 -18.22
CA LEU F 20 29.60 17.26 -16.92
C LEU F 20 29.48 15.87 -16.33
N THR F 21 30.26 15.61 -15.29
CA THR F 21 30.31 14.29 -14.66
C THR F 21 30.52 14.40 -13.15
N CYS F 22 29.45 14.19 -12.38
CA CYS F 22 29.53 14.14 -10.93
C CYS F 22 29.95 12.75 -10.48
N THR F 23 31.19 12.63 -9.99
CA THR F 23 31.76 11.37 -9.53
C THR F 23 31.61 11.28 -8.01
N VAL F 24 30.85 10.29 -7.53
CA VAL F 24 30.54 10.18 -6.09
C VAL F 24 31.51 9.28 -5.33
N THR F 25 31.53 9.44 -4.01
CA THR F 25 32.47 8.72 -3.13
C THR F 25 31.75 8.16 -1.91
N GLY F 26 31.99 6.88 -1.62
CA GLY F 26 31.49 6.25 -0.41
C GLY F 26 29.97 6.14 -0.29
N TYR F 27 29.27 6.09 -1.42
CA TYR F 27 27.82 5.85 -1.43
C TYR F 27 27.34 5.37 -2.80
N SER F 28 26.59 4.28 -2.82
CA SER F 28 26.07 3.70 -4.05
C SER F 28 24.92 4.54 -4.60
N ILE F 29 25.05 4.98 -5.85
CA ILE F 29 24.02 5.78 -6.52
C ILE F 29 22.70 5.02 -6.67
N THR F 30 22.80 3.76 -7.06
CA THR F 30 21.61 2.92 -7.32
C THR F 30 21.02 2.30 -6.06
N SER F 31 21.29 2.89 -4.89
CA SER F 31 20.83 2.35 -3.61
C SER F 31 19.96 3.31 -2.81
N GLY F 32 20.39 4.56 -2.70
CA GLY F 32 19.79 5.50 -1.75
C GLY F 32 18.84 6.56 -2.31
N TYR F 33 19.39 7.73 -2.62
CA TYR F 33 18.60 8.95 -2.75
C TYR F 33 18.50 9.46 -4.19
N SER F 34 17.89 10.63 -4.35
CA SER F 34 17.83 11.33 -5.63
C SER F 34 19.13 12.10 -5.87
N TRP F 35 19.54 12.21 -7.14
CA TRP F 35 20.84 12.80 -7.51
C TRP F 35 20.68 13.99 -8.44
N HIS F 36 21.03 15.18 -7.94
CA HIS F 36 20.59 16.45 -8.52
C HIS F 36 21.68 17.21 -9.28
N TRP F 37 21.24 18.20 -10.06
CA TRP F 37 22.12 19.18 -10.69
C TRP F 37 21.58 20.58 -10.47
N ASN F 38 22.10 21.27 -9.46
CA ASN F 38 21.79 22.68 -9.22
C ASN F 38 22.88 23.55 -9.84
N ARG F 39 22.50 24.73 -10.33
CA ARG F 39 23.48 25.69 -10.85
C ARG F 39 23.33 27.05 -10.18
N GLN F 40 24.33 27.90 -10.38
CA GLN F 40 24.34 29.24 -9.79
C GLN F 40 24.88 30.27 -10.78
N PHE F 41 24.12 31.34 -11.00
CA PHE F 41 24.54 32.42 -11.89
C PHE F 41 25.44 33.38 -11.12
N PRO F 42 26.24 34.19 -11.84
CA PRO F 42 27.01 35.24 -11.15
C PRO F 42 26.10 36.32 -10.57
N GLY F 43 24.93 36.53 -11.18
CA GLY F 43 23.89 37.39 -10.62
C GLY F 43 23.42 36.92 -9.25
N ASN F 44 23.83 35.70 -8.89
CA ASN F 44 23.80 35.19 -7.52
C ASN F 44 22.51 34.45 -7.14
N LYS F 45 21.63 34.24 -8.12
CA LYS F 45 20.47 33.36 -7.97
C LYS F 45 20.89 31.89 -8.04
N LEU F 46 20.10 31.03 -7.42
CA LEU F 46 20.26 29.58 -7.55
C LEU F 46 19.06 29.02 -8.31
N GLU F 47 19.30 27.96 -9.08
CA GLU F 47 18.24 27.32 -9.84
C GLU F 47 18.48 25.82 -9.92
N TRP F 48 17.46 25.04 -9.52
CA TRP F 48 17.48 23.59 -9.68
C TRP F 48 17.14 23.25 -11.13
N MET F 49 17.87 22.30 -11.70
CA MET F 49 17.70 21.94 -13.10
C MET F 49 16.93 20.63 -13.21
N GLY F 50 17.48 19.58 -12.62
CA GLY F 50 16.86 18.27 -12.68
C GLY F 50 17.56 17.24 -11.82
N TYR F 51 16.90 16.11 -11.60
CA TYR F 51 17.50 15.00 -10.85
C TYR F 51 17.36 13.66 -11.58
N ILE F 52 17.97 12.65 -10.99
CA ILE F 52 17.81 11.25 -11.43
C ILE F 52 17.78 10.38 -10.18
N HIS F 53 16.76 9.52 -10.08
CA HIS F 53 16.53 8.69 -8.90
C HIS F 53 17.45 7.46 -8.87
N TYR F 54 17.30 6.65 -7.82
CA TYR F 54 18.00 5.37 -7.69
C TYR F 54 17.39 4.26 -8.57
N SER F 55 16.32 4.58 -9.29
CA SER F 55 15.68 3.64 -10.22
C SER F 55 15.94 4.00 -11.69
N GLY F 56 16.93 4.86 -11.94
CA GLY F 56 17.29 5.29 -13.30
C GLY F 56 16.29 6.25 -13.94
N SER F 57 15.53 6.95 -13.09
CA SER F 57 14.46 7.84 -13.55
C SER F 57 15.01 9.24 -13.86
N THR F 58 14.12 10.16 -14.26
CA THR F 58 14.50 11.54 -14.56
C THR F 58 13.38 12.53 -14.25
N ASN F 59 13.76 13.77 -13.96
CA ASN F 59 12.81 14.88 -13.87
C ASN F 59 13.54 16.21 -14.00
N TYR F 60 12.95 17.14 -14.73
CA TYR F 60 13.61 18.40 -15.08
C TYR F 60 12.74 19.63 -14.79
N ASN F 61 13.39 20.77 -14.56
CA ASN F 61 12.72 22.05 -14.36
C ASN F 61 12.00 22.47 -15.65
N PRO F 62 10.69 22.81 -15.57
CA PRO F 62 9.94 23.31 -16.74
C PRO F 62 10.50 24.58 -17.39
N SER F 63 11.52 25.20 -16.80
CA SER F 63 12.23 26.31 -17.45
C SER F 63 13.34 25.81 -18.39
N LEU F 64 13.53 24.49 -18.46
CA LEU F 64 14.55 23.88 -19.32
C LEU F 64 14.04 22.74 -20.21
N ARG F 65 12.76 22.38 -20.09
CA ARG F 65 12.19 21.21 -20.80
C ARG F 65 12.51 21.12 -22.30
N GLY F 66 12.90 22.24 -22.90
CA GLY F 66 13.33 22.25 -24.29
C GLY F 66 14.69 21.63 -24.57
N ARG F 67 15.52 21.41 -23.54
CA ARG F 67 16.92 21.03 -23.78
C ARG F 67 17.60 20.05 -22.81
N ILE F 68 17.37 20.17 -21.50
CA ILE F 68 18.13 19.40 -20.51
C ILE F 68 17.92 17.87 -20.56
N SER F 69 19.00 17.14 -20.31
CA SER F 69 19.00 15.67 -20.24
C SER F 69 19.99 15.20 -19.18
N ILE F 70 19.61 14.17 -18.41
CA ILE F 70 20.47 13.64 -17.34
C ILE F 70 20.62 12.11 -17.47
N THR F 71 21.80 11.68 -17.92
CA THR F 71 22.11 10.26 -18.10
C THR F 71 22.91 9.69 -16.91
N ARG F 72 23.14 8.38 -16.93
CA ARG F 72 23.78 7.70 -15.80
C ARG F 72 24.65 6.52 -16.25
N ASP F 73 25.57 6.11 -15.37
CA ASP F 73 26.39 4.92 -15.57
C ASP F 73 26.73 4.30 -14.22
N THR F 74 26.14 3.16 -13.91
CA THR F 74 26.33 2.49 -12.63
C THR F 74 27.75 1.95 -12.46
N SER F 75 28.35 1.52 -13.57
CA SER F 75 29.68 0.91 -13.57
C SER F 75 30.73 1.74 -12.84
N LYS F 76 30.72 3.05 -13.06
CA LYS F 76 31.72 3.96 -12.49
C LYS F 76 31.19 4.77 -11.30
N ASN F 77 29.89 4.63 -11.01
CA ASN F 77 29.21 5.39 -9.95
C ASN F 77 29.24 6.90 -10.25
N GLN F 78 28.74 7.24 -11.44
CA GLN F 78 28.71 8.63 -11.91
C GLN F 78 27.36 8.93 -12.57
N PHE F 79 26.92 10.19 -12.47
CA PHE F 79 25.75 10.66 -13.21
C PHE F 79 26.07 11.98 -13.90
N PHE F 80 25.58 12.13 -15.14
CA PHE F 80 26.05 13.16 -16.04
C PHE F 80 24.95 14.15 -16.39
N LEU F 81 25.30 15.44 -16.47
CA LEU F 81 24.42 16.45 -17.03
C LEU F 81 24.78 16.61 -18.50
N GLN F 82 23.77 16.50 -19.37
CA GLN F 82 23.95 16.67 -20.82
C GLN F 82 23.04 17.77 -21.34
N LEU F 83 23.25 18.99 -20.85
CA LEU F 83 22.50 20.16 -21.32
C LEU F 83 22.97 20.54 -22.72
N ASN F 84 22.02 20.81 -23.63
CA ASN F 84 22.34 21.22 -25.00
C ASN F 84 21.56 22.48 -25.44
N SER F 85 21.79 22.91 -26.69
CA SER F 85 21.27 24.19 -27.20
C SER F 85 21.67 25.34 -26.27
N VAL F 86 22.94 25.34 -25.89
CA VAL F 86 23.45 26.20 -24.84
C VAL F 86 23.60 27.64 -25.31
N THR F 87 22.74 28.52 -24.80
CA THR F 87 22.81 29.95 -25.12
C THR F 87 23.76 30.65 -24.15
N THR F 88 23.73 31.98 -24.13
CA THR F 88 24.65 32.76 -23.30
C THR F 88 24.24 32.85 -21.81
N GLU F 89 22.96 32.67 -21.52
CA GLU F 89 22.46 32.71 -20.12
C GLU F 89 23.04 31.59 -19.25
N ASP F 90 23.42 30.48 -19.87
CA ASP F 90 23.87 29.28 -19.16
C ASP F 90 25.25 29.42 -18.51
N THR F 91 25.85 30.62 -18.59
CA THR F 91 27.08 30.94 -17.86
C THR F 91 26.81 30.90 -16.36
N ALA F 92 27.32 29.87 -15.69
CA ALA F 92 27.01 29.60 -14.29
C ALA F 92 28.05 28.69 -13.63
N THR F 93 28.05 28.68 -12.31
CA THR F 93 28.84 27.74 -11.52
C THR F 93 27.95 26.53 -11.20
N TYR F 94 28.34 25.36 -11.69
CA TYR F 94 27.50 24.16 -11.64
C TYR F 94 27.82 23.26 -10.45
N TYR F 95 26.77 22.74 -9.80
CA TYR F 95 26.90 21.86 -8.66
C TYR F 95 26.12 20.57 -8.86
N CYS F 96 26.55 19.51 -8.16
CA CYS F 96 25.79 18.27 -8.09
C CYS F 96 25.60 17.90 -6.62
N ALA F 97 24.49 17.25 -6.29
CA ALA F 97 24.15 16.98 -4.89
C ALA F 97 23.23 15.79 -4.69
N ARG F 98 23.48 15.06 -3.60
CA ARG F 98 22.52 14.13 -3.05
C ARG F 98 21.64 14.96 -2.10
N TYR F 99 20.34 14.70 -2.10
CA TYR F 99 19.39 15.63 -1.49
C TYR F 99 19.41 15.61 0.04
N GLY F 100 20.07 14.62 0.63
CA GLY F 100 20.22 14.55 2.08
C GLY F 100 21.34 15.40 2.66
N GLY F 101 21.61 16.56 2.07
CA GLY F 101 22.53 17.54 2.66
C GLY F 101 23.81 17.84 1.91
N TYR F 102 24.42 16.82 1.29
CA TYR F 102 25.80 16.94 0.77
C TYR F 102 25.86 17.52 -0.64
N TRP F 103 26.81 18.43 -0.84
CA TRP F 103 27.04 19.09 -2.14
C TRP F 103 28.44 18.79 -2.67
N GLY F 104 28.73 19.25 -3.88
CA GLY F 104 30.06 19.12 -4.48
C GLY F 104 30.97 20.28 -4.12
N GLN F 105 31.93 20.56 -5.01
CA GLN F 105 32.86 21.70 -4.86
C GLN F 105 32.48 22.86 -5.77
N GLY F 106 32.10 22.54 -7.02
CA GLY F 106 31.51 23.52 -7.92
C GLY F 106 32.46 24.00 -8.99
N THR F 107 32.30 23.47 -10.21
CA THR F 107 33.12 23.88 -11.36
C THR F 107 32.38 24.90 -12.23
N SER F 108 33.04 26.04 -12.45
CA SER F 108 32.44 27.13 -13.23
C SER F 108 32.51 26.85 -14.73
N VAL F 109 31.61 27.49 -15.47
CA VAL F 109 31.54 27.34 -16.92
C VAL F 109 31.19 28.68 -17.56
N THR F 110 32.01 29.09 -18.55
CA THR F 110 31.81 30.35 -19.26
C THR F 110 31.28 30.08 -20.68
N VAL F 111 30.25 30.81 -21.07
CA VAL F 111 29.62 30.66 -22.39
C VAL F 111 29.51 32.00 -23.12
N SER F 112 30.53 32.32 -23.91
CA SER F 112 30.51 33.46 -24.84
C SER F 112 31.47 33.18 -25.99
N SER F 113 31.28 33.89 -27.10
CA SER F 113 32.03 33.58 -28.33
C SER F 113 33.46 34.17 -28.40
N ALA F 114 33.94 34.77 -27.31
CA ALA F 114 35.29 35.32 -27.27
C ALA F 114 36.37 34.23 -27.28
N LYS F 115 37.61 34.62 -27.55
CA LYS F 115 38.73 33.68 -27.74
C LYS F 115 39.52 33.48 -26.45
N THR F 116 40.15 32.31 -26.34
CA THR F 116 41.00 31.95 -25.21
C THR F 116 42.31 32.75 -25.24
N THR F 117 42.29 33.95 -24.67
CA THR F 117 43.43 34.86 -24.71
C THR F 117 44.29 34.72 -23.44
N PRO F 118 45.61 34.54 -23.59
CA PRO F 118 46.50 34.44 -22.43
C PRO F 118 46.72 35.80 -21.74
N PRO F 119 47.27 35.80 -20.52
CA PRO F 119 47.42 37.03 -19.75
C PRO F 119 48.73 37.78 -20.00
N SER F 120 48.61 39.06 -20.29
CA SER F 120 49.78 39.95 -20.30
C SER F 120 50.08 40.29 -18.85
N VAL F 121 51.21 39.81 -18.35
CA VAL F 121 51.56 39.93 -16.94
C VAL F 121 52.51 41.11 -16.72
N TYR F 122 52.11 42.03 -15.85
CA TYR F 122 52.91 43.22 -15.53
C TYR F 122 53.10 43.36 -14.02
N PRO F 123 54.26 43.89 -13.57
CA PRO F 123 54.51 44.11 -12.15
C PRO F 123 54.02 45.49 -11.66
N LEU F 124 54.11 45.72 -10.36
CA LEU F 124 53.75 47.01 -9.74
C LEU F 124 54.74 47.37 -8.63
N ALA F 125 55.32 48.57 -8.71
CA ALA F 125 56.24 49.07 -7.68
C ALA F 125 55.99 50.56 -7.42
N PRO F 126 56.22 51.01 -6.18
CA PRO F 126 55.89 52.40 -5.82
C PRO F 126 56.71 53.48 -6.53
N GLY F 127 58.02 53.51 -6.28
CA GLY F 127 58.90 54.54 -6.84
C GLY F 127 59.44 55.46 -5.75
N ALA F 130 60.44 55.62 1.73
CA ALA F 130 59.69 54.52 2.32
C ALA F 130 58.39 55.02 2.92
N THR F 131 57.39 54.14 3.00
CA THR F 131 56.15 54.44 3.73
C THR F 131 56.48 54.35 5.22
N ASN F 132 57.00 53.20 5.63
CA ASN F 132 57.49 52.94 6.99
C ASN F 132 57.83 51.44 7.15
N SER F 133 57.90 50.97 8.39
CA SER F 133 57.98 49.54 8.73
C SER F 133 57.55 48.59 7.60
N MET F 134 56.34 48.79 7.06
CA MET F 134 55.81 47.91 6.01
C MET F 134 55.48 48.68 4.73
N VAL F 135 55.67 48.00 3.59
CA VAL F 135 55.34 48.55 2.27
C VAL F 135 54.54 47.53 1.45
N THR F 136 53.66 48.02 0.58
CA THR F 136 52.80 47.15 -0.24
C THR F 136 53.23 47.17 -1.71
N LEU F 137 53.31 45.99 -2.32
CA LEU F 137 53.67 45.83 -3.73
C LEU F 137 52.55 45.05 -4.42
N GLY F 138 52.71 44.75 -5.72
CA GLY F 138 51.69 43.98 -6.43
C GLY F 138 52.04 43.52 -7.84
N CYS F 139 51.08 42.83 -8.45
CA CYS F 139 51.22 42.29 -9.82
C CYS F 139 49.92 42.44 -10.59
N LEU F 140 49.92 43.31 -11.59
CA LEU F 140 48.77 43.50 -12.46
C LEU F 140 48.70 42.40 -13.52
N VAL F 141 47.51 41.88 -13.76
CA VAL F 141 47.27 40.87 -14.79
C VAL F 141 46.17 41.36 -15.73
N LYS F 142 46.58 42.00 -16.82
CA LYS F 142 45.65 42.63 -17.75
C LYS F 142 45.45 41.80 -19.02
N GLY F 143 44.23 41.82 -19.54
CA GLY F 143 43.92 41.24 -20.85
C GLY F 143 44.08 39.73 -20.96
N TYR F 144 43.16 39.00 -20.34
CA TYR F 144 43.12 37.55 -20.47
C TYR F 144 41.68 37.04 -20.51
N PHE F 145 41.51 35.80 -20.97
CA PHE F 145 40.19 35.20 -21.09
C PHE F 145 40.30 33.68 -21.24
N PRO F 146 39.52 32.91 -20.44
CA PRO F 146 38.74 33.27 -19.27
C PRO F 146 39.44 32.85 -17.97
N GLU F 147 38.74 33.02 -16.84
CA GLU F 147 39.25 32.59 -15.53
C GLU F 147 39.29 31.06 -15.50
N PRO F 148 40.02 30.46 -14.54
CA PRO F 148 40.70 31.02 -13.38
C PRO F 148 42.13 31.46 -13.62
N VAL F 149 42.74 32.04 -12.59
CA VAL F 149 44.17 32.34 -12.55
C VAL F 149 44.67 32.20 -11.12
N THR F 150 45.95 31.85 -10.97
CA THR F 150 46.58 31.68 -9.66
C THR F 150 47.57 32.83 -9.43
N VAL F 151 47.78 33.20 -8.18
CA VAL F 151 48.77 34.22 -7.81
C VAL F 151 49.46 33.85 -6.49
N THR F 152 50.56 33.10 -6.59
CA THR F 152 51.38 32.76 -5.42
C THR F 152 52.66 33.59 -5.40
N TRP F 153 53.11 33.93 -4.20
CA TRP F 153 54.29 34.78 -4.02
C TRP F 153 55.47 33.98 -3.46
N ASN F 154 56.54 33.88 -4.26
CA ASN F 154 57.72 33.09 -3.91
C ASN F 154 57.39 31.61 -3.68
N SER F 155 56.74 31.01 -4.67
CA SER F 155 56.36 29.59 -4.66
C SER F 155 55.36 29.22 -3.54
N GLY F 156 54.53 30.18 -3.14
CA GLY F 156 53.50 29.93 -2.12
C GLY F 156 54.03 29.81 -0.70
N SER F 157 54.96 30.70 -0.33
CA SER F 157 55.43 30.80 1.05
C SER F 157 55.17 32.22 1.58
N LEU F 158 54.00 32.75 1.24
CA LEU F 158 53.59 34.10 1.64
C LEU F 158 52.07 34.25 1.65
N SER F 159 51.48 34.18 2.85
CA SER F 159 50.07 34.51 3.06
C SER F 159 49.92 35.54 4.19
N GLY F 160 50.97 36.34 4.39
CA GLY F 160 50.99 37.33 5.47
C GLY F 160 50.11 38.52 5.19
N GLY F 161 50.12 39.00 3.95
CA GLY F 161 49.31 40.15 3.56
C GLY F 161 48.98 40.15 2.07
N VAL F 162 48.44 39.03 1.59
CA VAL F 162 48.08 38.88 0.18
C VAL F 162 46.56 38.99 -0.04
N HIS F 163 46.09 40.21 -0.29
CA HIS F 163 44.68 40.47 -0.59
C HIS F 163 44.45 40.51 -2.10
N THR F 164 44.25 39.33 -2.71
CA THR F 164 44.04 39.21 -4.15
C THR F 164 42.61 39.59 -4.53
N PHE F 165 42.44 40.23 -5.70
CA PHE F 165 41.16 40.77 -6.13
C PHE F 165 40.48 39.92 -7.19
N PRO F 166 39.13 39.99 -7.28
CA PRO F 166 38.41 39.35 -8.38
C PRO F 166 38.48 40.18 -9.66
N ALA F 167 38.33 39.52 -10.81
CA ALA F 167 38.49 40.17 -12.11
C ALA F 167 37.22 40.83 -12.61
N VAL F 168 37.37 41.75 -13.56
CA VAL F 168 36.26 42.49 -14.16
C VAL F 168 36.38 42.48 -15.69
N LEU F 169 35.30 42.17 -16.39
CA LEU F 169 35.30 42.12 -17.86
C LEU F 169 35.42 43.52 -18.44
N GLN F 170 36.40 43.72 -19.31
CA GLN F 170 36.66 45.01 -19.95
C GLN F 170 36.45 44.82 -21.46
N SER F 171 35.21 44.50 -21.82
CA SER F 171 34.83 44.10 -23.18
C SER F 171 35.60 42.85 -23.63
N ASP F 172 35.17 41.70 -23.12
CA ASP F 172 35.71 40.39 -23.49
C ASP F 172 37.19 40.15 -23.10
N LEU F 173 37.64 40.81 -22.03
CA LEU F 173 38.98 40.57 -21.47
C LEU F 173 39.03 40.95 -19.99
N TYR F 174 39.34 39.97 -19.13
CA TYR F 174 39.37 40.18 -17.68
C TYR F 174 40.62 40.92 -17.22
N THR F 175 40.53 41.57 -16.06
CA THR F 175 41.65 42.29 -15.45
C THR F 175 41.59 42.21 -13.93
N LEU F 176 42.67 41.69 -13.32
CA LEU F 176 42.79 41.65 -11.85
C LEU F 176 44.21 41.94 -11.39
N SER F 177 44.35 42.17 -10.08
CA SER F 177 45.66 42.43 -9.47
C SER F 177 45.76 41.70 -8.13
N SER F 178 46.91 41.80 -7.48
CA SER F 178 47.14 41.13 -6.21
C SER F 178 48.15 41.90 -5.35
N SER F 179 47.71 42.38 -4.19
CA SER F 179 48.58 43.12 -3.28
C SER F 179 49.47 42.17 -2.47
N VAL F 180 50.42 42.76 -1.75
CA VAL F 180 51.34 42.01 -0.89
C VAL F 180 52.08 42.96 0.06
N THR F 181 51.69 42.97 1.32
CA THR F 181 52.28 43.87 2.31
C THR F 181 53.37 43.15 3.11
N VAL F 182 54.63 43.43 2.76
CA VAL F 182 55.79 42.87 3.45
C VAL F 182 56.61 43.99 4.11
N PRO F 183 57.48 43.62 5.09
CA PRO F 183 58.29 44.64 5.78
C PRO F 183 59.32 45.33 4.87
N SER F 184 59.63 46.59 5.19
CA SER F 184 60.56 47.40 4.37
C SER F 184 62.01 46.92 4.47
N SER F 185 62.34 46.16 5.50
CA SER F 185 63.66 45.55 5.64
C SER F 185 63.87 44.38 4.67
N THR F 186 62.77 43.76 4.24
CA THR F 186 62.83 42.58 3.35
C THR F 186 62.70 42.90 1.85
N TRP F 187 62.78 44.19 1.49
CA TRP F 187 62.72 44.61 0.08
C TRP F 187 63.19 46.06 -0.05
N PRO F 188 64.02 46.39 -1.07
CA PRO F 188 64.52 45.52 -2.15
C PRO F 188 65.65 44.56 -1.76
N SER F 189 66.14 44.63 -0.52
CA SER F 189 67.28 43.83 -0.07
C SER F 189 67.27 42.37 -0.52
N GLU F 190 66.09 41.76 -0.56
CA GLU F 190 65.92 40.41 -1.09
C GLU F 190 64.77 40.34 -2.09
N THR F 191 64.66 39.20 -2.78
CA THR F 191 63.76 39.06 -3.92
C THR F 191 62.29 38.93 -3.54
N VAL F 192 61.42 39.46 -4.41
CA VAL F 192 59.97 39.27 -4.32
C VAL F 192 59.43 39.04 -5.73
N THR F 193 58.84 37.87 -5.95
CA THR F 193 58.33 37.49 -7.27
C THR F 193 56.91 36.90 -7.15
N CYS F 194 56.03 37.26 -8.10
CA CYS F 194 54.70 36.68 -8.17
C CYS F 194 54.66 35.63 -9.28
N ASN F 195 53.96 34.52 -9.02
CA ASN F 195 53.80 33.45 -9.99
C ASN F 195 52.35 33.41 -10.46
N VAL F 196 52.13 33.60 -11.76
CA VAL F 196 50.78 33.70 -12.31
C VAL F 196 50.54 32.68 -13.42
N ALA F 197 49.64 31.74 -13.16
CA ALA F 197 49.23 30.74 -14.13
C ALA F 197 47.86 31.09 -14.71
N HIS F 198 47.58 30.56 -15.90
CA HIS F 198 46.29 30.74 -16.57
C HIS F 198 45.90 29.42 -17.24
N PRO F 199 45.30 28.50 -16.44
CA PRO F 199 44.93 27.14 -16.87
C PRO F 199 44.15 27.02 -18.19
N ALA F 200 43.37 28.04 -18.55
CA ALA F 200 42.61 28.02 -19.81
C ALA F 200 43.53 27.80 -21.01
N SER F 201 44.59 28.61 -21.10
CA SER F 201 45.69 28.36 -22.02
C SER F 201 46.78 27.62 -21.24
N SER F 202 47.93 27.39 -21.87
CA SER F 202 49.05 26.73 -21.19
C SER F 202 50.08 27.75 -20.75
N THR F 203 49.62 28.85 -20.15
CA THR F 203 50.47 29.99 -19.84
C THR F 203 50.89 30.02 -18.37
N LYS F 204 52.16 30.33 -18.13
CA LYS F 204 52.69 30.51 -16.78
C LYS F 204 53.90 31.44 -16.85
N VAL F 205 53.85 32.56 -16.14
CA VAL F 205 54.89 33.59 -16.19
C VAL F 205 55.21 34.12 -14.78
N ASP F 206 56.47 34.49 -14.57
CA ASP F 206 56.94 35.07 -13.31
C ASP F 206 57.48 36.47 -13.56
N LYS F 207 57.24 37.39 -12.62
CA LYS F 207 57.75 38.76 -12.73
C LYS F 207 58.26 39.27 -11.39
N LYS F 208 59.58 39.50 -11.32
CA LYS F 208 60.21 40.04 -10.11
C LYS F 208 59.95 41.55 -10.06
N ILE F 209 59.60 42.05 -8.88
CA ILE F 209 59.31 43.47 -8.69
C ILE F 209 60.58 44.23 -8.31
N VAL F 210 61.14 44.96 -9.26
CA VAL F 210 62.33 45.80 -9.04
C VAL F 210 61.90 47.27 -9.00
N PRO F 211 62.56 48.09 -8.18
CA PRO F 211 62.30 49.54 -8.21
C PRO F 211 62.69 50.21 -9.54
N ARG F 212 62.15 51.40 -9.78
CA ARG F 212 62.36 52.15 -11.02
C ARG F 212 61.91 51.38 -12.26
N ASP G 1 6.28 29.64 -10.52
CA ASP G 1 6.91 28.77 -9.48
C ASP G 1 6.72 29.37 -8.07
N VAL G 2 6.93 28.53 -7.07
CA VAL G 2 6.78 28.95 -5.67
C VAL G 2 7.89 29.94 -5.31
N VAL G 3 7.49 31.18 -5.02
CA VAL G 3 8.44 32.26 -4.80
C VAL G 3 8.86 32.31 -3.34
N MET G 4 10.14 32.00 -3.10
CA MET G 4 10.74 32.13 -1.78
C MET G 4 11.34 33.52 -1.68
N THR G 5 10.87 34.31 -0.71
CA THR G 5 11.26 35.71 -0.58
C THR G 5 11.96 35.94 0.77
N GLN G 6 13.22 36.37 0.71
CA GLN G 6 14.04 36.52 1.92
C GLN G 6 14.16 37.96 2.40
N THR G 7 14.22 38.12 3.73
CA THR G 7 14.28 39.44 4.37
C THR G 7 15.15 39.39 5.63
N PRO G 8 16.11 40.33 5.78
CA PRO G 8 16.52 41.36 4.83
C PRO G 8 17.50 40.78 3.83
N ILE G 9 17.79 41.53 2.78
CA ILE G 9 18.81 41.12 1.81
C ILE G 9 20.22 41.32 2.38
N THR G 10 20.42 42.42 3.10
CA THR G 10 21.71 42.70 3.74
C THR G 10 21.53 42.66 5.25
N LEU G 11 22.60 42.24 5.94
CA LEU G 11 22.58 42.13 7.39
C LEU G 11 23.98 42.35 7.95
N SER G 12 24.10 43.27 8.90
CA SER G 12 25.38 43.56 9.55
C SER G 12 25.23 43.33 11.06
N VAL G 13 26.11 42.49 11.62
CA VAL G 13 25.96 42.02 13.00
C VAL G 13 27.30 41.88 13.72
N THR G 14 27.31 42.21 15.02
CA THR G 14 28.51 42.08 15.85
C THR G 14 28.67 40.67 16.35
N ILE G 15 29.92 40.22 16.52
CA ILE G 15 30.18 38.88 17.06
C ILE G 15 29.60 38.79 18.47
N GLY G 16 28.87 37.71 18.74
CA GLY G 16 28.24 37.51 20.05
C GLY G 16 26.81 38.02 20.16
N GLN G 17 26.43 38.91 19.25
CA GLN G 17 25.06 39.42 19.19
C GLN G 17 24.22 38.52 18.28
N PRO G 18 22.90 38.43 18.54
CA PRO G 18 22.05 37.60 17.68
C PRO G 18 21.70 38.21 16.32
N ALA G 19 21.07 37.39 15.47
CA ALA G 19 20.60 37.81 14.15
C ALA G 19 19.52 36.84 13.66
N SER G 20 18.54 37.36 12.91
CA SER G 20 17.41 36.56 12.45
C SER G 20 17.00 36.87 11.01
N ILE G 21 16.97 35.83 10.17
CA ILE G 21 16.55 35.95 8.78
C ILE G 21 15.13 35.45 8.60
N SER G 22 14.38 36.09 7.71
CA SER G 22 13.02 35.68 7.38
C SER G 22 12.99 35.08 5.96
N CYS G 23 12.06 34.16 5.73
CA CYS G 23 11.84 33.58 4.40
C CYS G 23 10.33 33.32 4.20
N LYS G 24 9.71 34.11 3.33
CA LYS G 24 8.28 34.01 3.04
C LYS G 24 8.02 33.29 1.73
N SER G 25 7.27 32.18 1.79
CA SER G 25 6.87 31.45 0.58
C SER G 25 5.58 32.04 0.02
N SER G 26 5.37 31.85 -1.28
CA SER G 26 4.16 32.37 -1.94
C SER G 26 2.93 31.51 -1.60
N GLN G 27 3.09 30.19 -1.64
N GLN G 27 3.08 30.20 -1.65
CA GLN G 27 2.05 29.24 -1.25
CA GLN G 27 2.05 29.27 -1.21
C GLN G 27 2.56 28.39 -0.09
C GLN G 27 2.56 28.39 -0.08
N SER G 28 1.63 27.83 0.70
CA SER G 28 1.97 27.00 1.87
C SER G 28 2.86 25.81 1.52
N LEU G 29 3.91 25.62 2.32
CA LEU G 29 4.91 24.57 2.08
C LEU G 29 4.57 23.23 2.74
N LEU G 30 3.42 23.15 3.40
CA LEU G 30 2.94 21.90 3.96
C LEU G 30 2.51 20.98 2.81
N ASP G 31 3.26 19.90 2.61
CA ASP G 31 2.97 18.97 1.53
C ASP G 31 1.85 18.03 1.95
N SER G 32 1.31 17.29 0.98
CA SER G 32 0.25 16.30 1.22
C SER G 32 0.62 15.27 2.30
N ASP G 33 1.89 14.89 2.35
CA ASP G 33 2.41 13.92 3.32
C ASP G 33 2.66 14.49 4.73
N GLY G 34 1.95 15.57 5.08
CA GLY G 34 1.99 16.13 6.43
C GLY G 34 3.26 16.86 6.83
N LYS G 35 4.23 16.98 5.91
CA LYS G 35 5.51 17.58 6.24
C LYS G 35 5.71 18.91 5.51
N THR G 36 6.54 19.76 6.10
CA THR G 36 6.93 21.02 5.50
C THR G 36 8.41 20.93 5.13
N TYR G 37 8.69 20.83 3.83
CA TYR G 37 10.05 20.71 3.31
C TYR G 37 10.67 22.08 3.03
N LEU G 38 11.02 22.80 4.09
CA LEU G 38 11.77 24.05 3.96
C LEU G 38 13.12 23.91 4.65
N ASN G 39 14.20 24.05 3.87
CA ASN G 39 15.56 23.97 4.39
C ASN G 39 16.18 25.36 4.52
N TRP G 40 17.26 25.42 5.28
CA TRP G 40 18.11 26.61 5.33
C TRP G 40 19.52 26.21 4.95
N LEU G 41 20.22 27.12 4.25
CA LEU G 41 21.58 26.89 3.79
C LEU G 41 22.42 28.12 4.04
N LEU G 42 23.71 27.92 4.31
CA LEU G 42 24.70 28.98 4.31
C LEU G 42 25.64 28.72 3.14
N GLN G 43 26.11 29.79 2.51
CA GLN G 43 27.17 29.67 1.50
C GLN G 43 28.31 30.61 1.84
N ARG G 44 29.36 30.06 2.45
CA ARG G 44 30.60 30.81 2.64
C ARG G 44 31.30 30.93 1.29
N PRO G 45 32.06 32.02 1.08
CA PRO G 45 32.71 32.23 -0.22
C PRO G 45 33.81 31.20 -0.52
N GLY G 46 33.83 30.68 -1.74
CA GLY G 46 34.80 29.68 -2.17
C GLY G 46 34.24 28.27 -2.04
N GLN G 47 34.00 27.85 -0.80
CA GLN G 47 33.41 26.55 -0.52
C GLN G 47 31.93 26.50 -0.94
N SER G 48 31.40 25.29 -1.07
CA SER G 48 30.01 25.08 -1.50
C SER G 48 28.98 25.50 -0.45
N PRO G 49 27.69 25.48 -0.81
CA PRO G 49 26.63 25.59 0.20
C PRO G 49 26.68 24.46 1.23
N LYS G 50 26.25 24.76 2.44
CA LYS G 50 26.22 23.79 3.53
C LYS G 50 24.85 23.87 4.21
N ARG G 51 24.21 22.71 4.40
CA ARG G 51 22.85 22.64 4.93
C ARG G 51 22.83 22.82 6.44
N LEU G 52 22.00 23.75 6.92
CA LEU G 52 21.90 24.08 8.33
C LEU G 52 20.69 23.42 8.96
N ILE G 53 19.54 23.61 8.33
CA ILE G 53 18.26 23.04 8.78
C ILE G 53 17.56 22.43 7.57
N TYR G 54 16.83 21.32 7.76
CA TYR G 54 16.20 20.62 6.63
C TYR G 54 14.66 20.52 6.68
N LEU G 55 14.09 20.11 7.80
CA LEU G 55 12.63 20.21 7.96
C LEU G 55 12.38 21.31 8.98
N VAL G 56 11.65 22.34 8.57
CA VAL G 56 11.56 23.66 9.25
C VAL G 56 12.55 23.97 10.40
N SER G 57 12.66 23.09 11.39
CA SER G 57 13.41 23.37 12.63
C SER G 57 14.41 22.29 13.09
N LYS G 58 14.79 21.38 12.19
CA LYS G 58 15.68 20.27 12.56
C LYS G 58 17.12 20.50 12.11
N LEU G 59 18.02 20.64 13.08
CA LEU G 59 19.44 20.94 12.81
C LEU G 59 20.14 19.85 12.02
N ASP G 60 21.13 20.26 11.22
CA ASP G 60 21.96 19.32 10.48
C ASP G 60 22.87 18.57 11.45
N SER G 61 23.41 17.44 11.00
CA SER G 61 24.25 16.58 11.84
C SER G 61 25.57 17.20 12.30
N ARG G 62 25.99 18.31 11.68
CA ARG G 62 27.21 19.00 12.10
C ARG G 62 26.94 20.33 12.81
N VAL G 63 26.08 21.16 12.22
CA VAL G 63 25.82 22.53 12.70
C VAL G 63 25.47 22.59 14.21
N PRO G 64 26.12 23.50 14.96
CA PRO G 64 25.89 23.60 16.42
C PRO G 64 24.50 24.11 16.81
N ASP G 65 24.22 24.12 18.12
CA ASP G 65 22.86 24.36 18.62
C ASP G 65 22.32 25.78 18.47
N ARG G 66 23.16 26.74 18.07
CA ARG G 66 22.75 28.14 17.99
C ARG G 66 21.93 28.51 16.75
N PHE G 67 22.15 27.80 15.64
CA PHE G 67 21.32 27.95 14.45
C PHE G 67 19.98 27.23 14.68
N THR G 68 18.89 28.00 14.70
CA THR G 68 17.56 27.46 15.01
C THR G 68 16.52 27.95 14.01
N GLY G 69 15.63 27.04 13.61
CA GLY G 69 14.57 27.35 12.65
C GLY G 69 13.20 27.31 13.31
N SER G 70 12.24 28.02 12.74
CA SER G 70 10.87 28.05 13.25
C SER G 70 9.89 28.39 12.13
N GLY G 71 8.60 28.39 12.48
CA GLY G 71 7.54 28.76 11.54
C GLY G 71 6.80 27.58 10.96
N ALA G 72 5.84 27.89 10.10
CA ALA G 72 5.00 26.89 9.43
C ALA G 72 4.20 27.57 8.33
N GLY G 73 3.74 26.80 7.36
CA GLY G 73 2.90 27.32 6.28
C GLY G 73 3.65 28.19 5.29
N THR G 74 3.56 29.50 5.46
CA THR G 74 4.23 30.45 4.56
C THR G 74 5.25 31.38 5.23
N ASP G 75 5.32 31.36 6.56
CA ASP G 75 6.23 32.24 7.31
C ASP G 75 7.25 31.42 8.09
N PHE G 76 8.54 31.69 7.88
CA PHE G 76 9.63 30.93 8.50
C PHE G 76 10.78 31.85 8.92
N THR G 77 11.54 31.40 9.93
CA THR G 77 12.61 32.23 10.49
C THR G 77 13.80 31.40 10.98
N LEU G 78 14.98 31.66 10.40
CA LEU G 78 16.25 31.15 10.92
C LEU G 78 16.84 32.18 11.87
N LYS G 79 17.21 31.75 13.07
CA LYS G 79 17.84 32.63 14.04
C LYS G 79 19.18 32.07 14.53
N ILE G 80 20.11 32.97 14.83
CA ILE G 80 21.42 32.62 15.36
C ILE G 80 21.61 33.39 16.66
N SER G 81 21.84 32.68 17.76
CA SER G 81 21.95 33.34 19.07
C SER G 81 23.23 34.16 19.19
N ARG G 82 24.36 33.57 18.78
CA ARG G 82 25.65 34.24 18.84
C ARG G 82 26.46 34.00 17.57
N VAL G 83 26.43 34.95 16.65
CA VAL G 83 27.19 34.83 15.41
C VAL G 83 28.70 34.85 15.70
N GLU G 84 29.46 34.13 14.88
CA GLU G 84 30.91 33.99 15.06
C GLU G 84 31.64 34.15 13.73
N ALA G 85 32.97 34.10 13.78
CA ALA G 85 33.83 34.44 12.63
C ALA G 85 33.44 33.76 11.31
N GLU G 86 33.15 32.46 11.37
CA GLU G 86 32.91 31.67 10.16
C GLU G 86 31.42 31.56 9.76
N ASP G 87 30.61 32.52 10.22
CA ASP G 87 29.18 32.55 9.90
C ASP G 87 28.84 33.62 8.85
N LEU G 88 29.85 34.13 8.14
CA LEU G 88 29.61 35.12 7.08
C LEU G 88 29.38 34.41 5.75
N GLY G 89 28.53 35.02 4.92
CA GLY G 89 28.19 34.46 3.61
C GLY G 89 26.74 34.70 3.26
N ILE G 90 26.30 34.10 2.16
CA ILE G 90 24.91 34.21 1.73
C ILE G 90 24.11 33.07 2.34
N TYR G 91 23.09 33.43 3.11
CA TYR G 91 22.15 32.46 3.67
C TYR G 91 20.97 32.31 2.72
N TYR G 92 20.66 31.06 2.36
CA TYR G 92 19.57 30.77 1.42
C TYR G 92 18.49 29.94 2.12
N CYS G 93 17.23 30.18 1.76
CA CYS G 93 16.14 29.29 2.16
C CYS G 93 15.66 28.55 0.92
N TRP G 94 15.25 27.30 1.11
CA TRP G 94 14.92 26.39 0.00
C TRP G 94 13.57 25.74 0.26
N GLN G 95 12.87 25.36 -0.80
CA GLN G 95 11.63 24.57 -0.69
C GLN G 95 11.67 23.36 -1.61
N GLY G 96 11.23 22.22 -1.10
CA GLY G 96 11.12 20.99 -1.89
C GLY G 96 9.71 20.42 -1.93
N THR G 97 8.76 21.16 -1.35
CA THR G 97 7.37 20.69 -1.26
C THR G 97 6.72 20.66 -2.63
N HIS G 98 6.79 21.80 -3.32
CA HIS G 98 6.14 21.96 -4.63
C HIS G 98 7.17 21.86 -5.74
N PHE G 99 6.70 21.48 -6.92
CA PHE G 99 7.55 21.29 -8.09
C PHE G 99 7.52 22.54 -8.96
N PRO G 100 8.69 23.06 -9.36
CA PRO G 100 10.04 22.60 -9.06
C PRO G 100 10.56 23.10 -7.71
N GLN G 101 11.71 22.59 -7.29
CA GLN G 101 12.39 23.08 -6.09
C GLN G 101 12.85 24.50 -6.39
N THR G 102 12.71 25.41 -5.43
CA THR G 102 13.14 26.80 -5.63
C THR G 102 13.86 27.37 -4.42
N PHE G 103 14.84 28.23 -4.69
CA PHE G 103 15.62 28.90 -3.65
C PHE G 103 15.15 30.33 -3.45
N GLY G 104 15.59 30.94 -2.37
CA GLY G 104 15.39 32.37 -2.12
C GLY G 104 16.52 33.17 -2.74
N GLY G 105 16.34 34.48 -2.82
CA GLY G 105 17.36 35.36 -3.39
C GLY G 105 18.67 35.36 -2.62
N GLY G 106 18.58 35.17 -1.30
CA GLY G 106 19.75 35.10 -0.44
C GLY G 106 19.78 36.24 0.57
N THR G 107 20.61 36.08 1.59
CA THR G 107 20.78 37.10 2.63
C THR G 107 22.25 37.13 3.09
N LYS G 108 22.97 38.17 2.68
CA LYS G 108 24.37 38.33 3.02
C LYS G 108 24.54 38.70 4.50
N LEU G 109 25.53 38.10 5.14
CA LEU G 109 25.82 38.37 6.56
C LEU G 109 27.21 38.98 6.73
N GLU G 110 27.24 40.29 7.00
CA GLU G 110 28.48 41.05 7.18
C GLU G 110 28.82 41.13 8.67
N ILE G 111 29.95 40.55 9.06
CA ILE G 111 30.40 40.60 10.46
C ILE G 111 30.95 41.99 10.76
N LYS G 112 30.25 42.73 11.62
CA LYS G 112 30.62 44.10 11.95
C LYS G 112 31.77 44.16 12.94
N ARG G 113 32.62 45.17 12.77
CA ARG G 113 33.78 45.40 13.63
C ARG G 113 33.98 46.90 13.80
N ALA G 114 34.97 47.28 14.61
CA ALA G 114 35.31 48.70 14.78
C ALA G 114 35.80 49.27 13.45
N ASP G 115 35.46 50.54 13.21
CA ASP G 115 35.77 51.19 11.94
C ASP G 115 37.28 51.30 11.73
N ALA G 116 37.74 51.02 10.52
CA ALA G 116 39.17 51.01 10.20
C ALA G 116 39.47 51.68 8.86
N ALA G 117 40.48 52.55 8.86
CA ALA G 117 40.88 53.28 7.65
C ALA G 117 41.75 52.39 6.74
N PRO G 118 41.81 52.73 5.43
CA PRO G 118 42.53 51.89 4.46
C PRO G 118 44.01 52.25 4.28
N THR G 119 44.79 51.27 3.85
CA THR G 119 46.18 51.48 3.44
C THR G 119 46.21 51.76 1.94
N VAL G 120 46.31 53.04 1.59
CA VAL G 120 46.24 53.48 0.20
C VAL G 120 47.63 53.41 -0.44
N SER G 121 47.70 52.93 -1.68
CA SER G 121 48.98 52.79 -2.38
C SER G 121 48.81 52.89 -3.90
N ILE G 122 49.46 53.87 -4.52
CA ILE G 122 49.36 54.09 -5.96
C ILE G 122 50.55 53.47 -6.70
N PHE G 123 50.33 53.05 -7.94
CA PHE G 123 51.35 52.37 -8.76
C PHE G 123 51.31 52.83 -10.22
N PRO G 124 52.45 53.35 -10.74
CA PRO G 124 52.54 53.66 -12.16
C PRO G 124 52.75 52.42 -13.03
N PRO G 125 52.40 52.52 -14.33
CA PRO G 125 52.57 51.40 -15.26
C PRO G 125 54.03 51.19 -15.64
N SER G 126 54.46 49.93 -15.70
CA SER G 126 55.84 49.58 -16.05
C SER G 126 56.11 49.79 -17.54
N SER G 127 57.38 49.86 -17.90
CA SER G 127 57.77 49.97 -19.31
C SER G 127 57.46 48.69 -20.09
N GLU G 128 57.34 47.57 -19.37
CA GLU G 128 56.92 46.30 -19.97
C GLU G 128 55.54 46.42 -20.59
N GLN G 129 54.65 47.14 -19.91
CA GLN G 129 53.29 47.40 -20.41
C GLN G 129 53.29 48.39 -21.56
N LEU G 130 54.17 49.39 -21.49
CA LEU G 130 54.25 50.43 -22.50
C LEU G 130 54.82 49.91 -23.83
N THR G 131 55.41 48.71 -23.79
CA THR G 131 55.80 47.98 -25.01
C THR G 131 54.55 47.64 -25.84
N SER G 132 53.51 47.16 -25.17
CA SER G 132 52.22 46.90 -25.82
C SER G 132 51.57 48.19 -26.31
N GLY G 133 51.86 49.30 -25.60
CA GLY G 133 51.36 50.62 -25.96
C GLY G 133 50.18 51.08 -25.13
N GLY G 134 50.01 50.49 -23.94
CA GLY G 134 48.94 50.87 -23.03
C GLY G 134 49.49 51.37 -21.71
N ALA G 135 48.59 51.78 -20.81
CA ALA G 135 48.99 52.32 -19.51
C ALA G 135 47.88 52.21 -18.47
N SER G 136 48.10 51.37 -17.46
CA SER G 136 47.15 51.20 -16.36
C SER G 136 47.74 51.72 -15.06
N VAL G 137 47.00 52.60 -14.38
CA VAL G 137 47.43 53.16 -13.10
C VAL G 137 46.65 52.49 -11.97
N VAL G 138 47.23 51.44 -11.39
CA VAL G 138 46.57 50.68 -10.33
C VAL G 138 46.69 51.43 -8.99
N CYS G 139 45.69 51.27 -8.13
CA CYS G 139 45.70 51.89 -6.82
C CYS G 139 44.91 51.05 -5.82
N PHE G 140 45.60 50.48 -4.83
CA PHE G 140 44.96 49.64 -3.80
C PHE G 140 44.48 50.45 -2.61
N LEU G 141 43.36 50.01 -2.02
CA LEU G 141 42.87 50.52 -0.74
C LEU G 141 42.65 49.31 0.18
N ASN G 142 43.75 48.75 0.69
CA ASN G 142 43.70 47.47 1.41
C ASN G 142 43.26 47.59 2.87
N ASN G 143 42.43 46.64 3.29
CA ASN G 143 42.00 46.48 4.70
C ASN G 143 41.29 47.70 5.29
N PHE G 144 39.96 47.71 5.24
CA PHE G 144 39.17 48.78 5.83
C PHE G 144 37.77 48.33 6.22
N TYR G 145 37.07 49.17 6.98
CA TYR G 145 35.68 48.94 7.35
C TYR G 145 35.01 50.27 7.71
N PRO G 146 33.75 50.50 7.27
CA PRO G 146 32.86 49.66 6.47
C PRO G 146 33.13 49.71 4.97
N LYS G 147 32.30 49.01 4.18
CA LYS G 147 32.54 48.87 2.73
C LYS G 147 32.18 50.12 1.91
N ASP G 148 31.44 51.06 2.52
CA ASP G 148 31.05 52.31 1.82
C ASP G 148 32.29 53.18 1.59
N ILE G 149 32.67 53.33 0.33
CA ILE G 149 33.87 54.10 -0.04
C ILE G 149 33.82 54.48 -1.53
N ASN G 150 34.30 55.68 -1.84
CA ASN G 150 34.31 56.18 -3.22
C ASN G 150 35.64 56.80 -3.62
N VAL G 151 36.32 56.15 -4.56
CA VAL G 151 37.62 56.60 -5.05
C VAL G 151 37.44 57.69 -6.11
N LYS G 152 38.21 58.77 -5.97
CA LYS G 152 38.23 59.85 -6.94
C LYS G 152 39.63 59.99 -7.51
N TRP G 153 39.74 59.93 -8.84
CA TRP G 153 41.02 60.13 -9.53
C TRP G 153 41.13 61.57 -10.00
N LYS G 154 42.33 62.14 -9.86
CA LYS G 154 42.64 63.46 -10.40
C LYS G 154 43.87 63.38 -11.29
N ILE G 155 43.85 64.13 -12.39
CA ILE G 155 44.99 64.22 -13.31
C ILE G 155 45.37 65.70 -13.48
N ASP G 156 46.54 66.06 -12.96
CA ASP G 156 46.96 67.46 -12.89
C ASP G 156 45.90 68.32 -12.21
N GLY G 157 45.42 67.86 -11.05
CA GLY G 157 44.42 68.57 -10.26
C GLY G 157 43.05 68.67 -10.91
N SER G 158 42.71 67.70 -11.75
CA SER G 158 41.47 67.73 -12.53
C SER G 158 40.78 66.37 -12.46
N GLU G 159 39.55 66.35 -11.96
CA GLU G 159 38.80 65.11 -11.75
C GLU G 159 38.62 64.32 -13.05
N ARG G 160 39.34 63.21 -13.18
CA ARG G 160 39.12 62.27 -14.28
C ARG G 160 38.20 61.16 -13.81
N GLN G 161 37.25 60.78 -14.66
CA GLN G 161 36.24 59.77 -14.30
C GLN G 161 36.37 58.48 -15.13
N ASN G 162 35.99 58.54 -16.41
CA ASN G 162 35.88 57.34 -17.22
C ASN G 162 37.24 56.67 -17.49
N GLY G 163 37.20 55.36 -17.69
CA GLY G 163 38.41 54.54 -17.82
C GLY G 163 38.77 53.85 -16.52
N VAL G 164 38.10 54.22 -15.43
CA VAL G 164 38.36 53.63 -14.10
C VAL G 164 37.45 52.42 -13.86
N LEU G 165 38.05 51.30 -13.48
CA LEU G 165 37.30 50.09 -13.10
C LEU G 165 37.69 49.65 -11.68
N ASN G 166 36.71 49.64 -10.78
CA ASN G 166 36.92 49.25 -9.38
C ASN G 166 36.58 47.80 -9.12
N SER G 167 37.05 47.27 -7.98
CA SER G 167 36.81 45.88 -7.61
C SER G 167 37.04 45.65 -6.11
N GLU G 168 35.95 45.59 -5.35
CA GLU G 168 36.02 45.21 -3.93
C GLU G 168 36.20 43.70 -3.79
N THR G 169 36.77 43.28 -2.66
CA THR G 169 36.93 41.86 -2.36
C THR G 169 35.77 41.38 -1.50
N ASP G 170 35.75 40.07 -1.21
CA ASP G 170 34.84 39.52 -0.21
C ASP G 170 35.39 39.84 1.19
N GLN G 171 34.55 39.71 2.21
CA GLN G 171 34.97 40.01 3.57
C GLN G 171 36.00 38.98 4.04
N ASP G 172 37.09 39.47 4.63
CA ASP G 172 38.21 38.64 5.06
C ASP G 172 37.86 37.90 6.35
N SER G 173 38.12 36.59 6.37
CA SER G 173 37.77 35.75 7.52
C SER G 173 38.69 35.97 8.73
N LYS G 174 39.90 36.46 8.46
CA LYS G 174 40.90 36.66 9.52
C LYS G 174 40.60 37.91 10.34
N ASP G 175 40.35 39.03 9.65
CA ASP G 175 40.18 40.34 10.32
C ASP G 175 38.92 41.14 9.92
N SER G 176 38.00 40.51 9.19
CA SER G 176 36.70 41.12 8.86
C SER G 176 36.81 42.44 8.08
N THR G 177 37.92 42.63 7.36
CA THR G 177 38.16 43.85 6.59
C THR G 177 38.03 43.57 5.11
N TYR G 178 37.73 44.63 4.35
CA TYR G 178 37.66 44.54 2.89
C TYR G 178 38.87 45.20 2.25
N SER G 179 39.12 44.86 0.99
CA SER G 179 40.10 45.55 0.16
C SER G 179 39.40 46.11 -1.08
N MET G 180 40.13 46.85 -1.90
CA MET G 180 39.59 47.43 -3.13
C MET G 180 40.71 47.80 -4.10
N SER G 181 40.46 47.59 -5.39
CA SER G 181 41.37 48.04 -6.44
C SER G 181 40.72 49.15 -7.25
N SER G 182 41.54 49.90 -7.97
CA SER G 182 41.07 50.96 -8.86
C SER G 182 42.08 51.11 -10.00
N THR G 183 41.68 50.69 -11.20
CA THR G 183 42.59 50.63 -12.35
C THR G 183 42.21 51.63 -13.42
N LEU G 184 42.94 52.75 -13.46
CA LEU G 184 42.74 53.79 -14.46
C LEU G 184 43.54 53.43 -15.71
N THR G 185 42.83 53.04 -16.76
CA THR G 185 43.46 52.57 -18.00
C THR G 185 43.42 53.64 -19.10
N LEU G 186 44.60 54.07 -19.53
CA LEU G 186 44.76 55.08 -20.59
C LEU G 186 45.69 54.57 -21.69
N THR G 187 45.58 55.17 -22.88
CA THR G 187 46.52 54.88 -23.97
C THR G 187 47.90 55.40 -23.60
N LYS G 188 48.95 54.77 -24.12
CA LYS G 188 50.33 55.16 -23.83
C LYS G 188 50.53 56.66 -24.00
N ASP G 189 50.14 57.17 -25.16
CA ASP G 189 50.31 58.59 -25.49
C ASP G 189 49.61 59.48 -24.47
N GLU G 190 48.33 59.19 -24.21
CA GLU G 190 47.52 59.98 -23.28
C GLU G 190 48.10 59.98 -21.86
N TYR G 191 48.83 58.93 -21.49
CA TYR G 191 49.52 58.85 -20.21
C TYR G 191 50.75 59.75 -20.16
N GLU G 192 51.54 59.73 -21.23
CA GLU G 192 52.80 60.49 -21.27
C GLU G 192 52.61 62.01 -21.42
N ARG G 193 51.42 62.43 -21.85
CA ARG G 193 51.13 63.84 -22.10
C ARG G 193 50.79 64.67 -20.84
N HIS G 194 50.83 64.03 -19.67
CA HIS G 194 50.53 64.72 -18.41
C HIS G 194 51.63 64.46 -17.37
N ASN G 195 51.54 65.16 -16.25
CA ASN G 195 52.59 65.13 -15.22
C ASN G 195 52.15 64.37 -13.95
N THR G 196 51.17 64.91 -13.23
CA THR G 196 50.80 64.39 -11.90
C THR G 196 49.49 63.62 -11.90
N TYR G 197 49.48 62.50 -11.18
CA TYR G 197 48.30 61.66 -11.00
C TYR G 197 48.04 61.46 -9.52
N THR G 198 46.76 61.49 -9.14
CA THR G 198 46.36 61.40 -7.74
C THR G 198 45.29 60.33 -7.55
N CYS G 199 45.45 59.52 -6.49
CA CYS G 199 44.45 58.53 -6.10
C CYS G 199 43.96 58.84 -4.69
N GLU G 200 43.06 59.82 -4.59
CA GLU G 200 42.43 60.17 -3.31
C GLU G 200 41.13 59.38 -3.13
N ALA G 201 40.75 59.16 -1.88
CA ALA G 201 39.55 58.38 -1.57
C ALA G 201 38.97 58.76 -0.21
N THR G 202 37.71 59.20 -0.22
CA THR G 202 37.02 59.59 1.00
C THR G 202 36.40 58.37 1.68
N HIS G 203 36.43 58.36 3.00
CA HIS G 203 35.93 57.26 3.80
C HIS G 203 35.35 57.83 5.10
N LYS G 204 34.46 57.07 5.76
CA LYS G 204 33.77 57.59 6.95
C LYS G 204 34.68 57.75 8.18
N THR G 205 35.87 57.17 8.14
CA THR G 205 36.83 57.30 9.25
C THR G 205 37.40 58.72 9.36
N SER G 206 37.62 59.36 8.21
CA SER G 206 38.18 60.71 8.17
C SER G 206 37.49 61.56 7.10
N THR G 207 37.02 62.75 7.50
CA THR G 207 36.42 63.71 6.57
C THR G 207 37.41 64.09 5.47
N SER G 208 38.64 64.38 5.86
CA SER G 208 39.72 64.64 4.91
C SER G 208 40.04 63.38 4.09
N PRO G 209 39.93 63.47 2.76
CA PRO G 209 40.30 62.33 1.90
C PRO G 209 41.76 61.94 2.04
N ILE G 210 42.03 60.64 2.17
CA ILE G 210 43.40 60.15 2.26
C ILE G 210 44.02 60.17 0.86
N VAL G 211 44.77 61.22 0.57
CA VAL G 211 45.33 61.46 -0.76
C VAL G 211 46.73 60.86 -0.89
N LYS G 212 47.00 60.23 -2.03
CA LYS G 212 48.33 59.68 -2.33
C LYS G 212 48.64 59.72 -3.84
N SER G 213 49.50 60.64 -4.23
CA SER G 213 49.78 60.95 -5.63
C SER G 213 51.24 60.67 -6.00
N PHE G 214 51.58 60.85 -7.29
CA PHE G 214 52.95 60.70 -7.77
C PHE G 214 53.19 61.48 -9.06
N ASN G 215 54.46 61.59 -9.45
CA ASN G 215 54.88 62.30 -10.68
C ASN G 215 55.66 61.42 -11.65
N ARG G 216 55.51 61.69 -12.94
CA ARG G 216 56.19 60.92 -13.99
C ARG G 216 57.68 61.26 -14.11
N ASN G 217 58.01 62.54 -13.98
CA ASN G 217 59.36 63.07 -14.22
C ASN G 217 60.54 62.25 -13.64
N GLU G 218 60.32 61.64 -12.48
CA GLU G 218 61.37 60.92 -11.75
C GLU G 218 60.91 59.51 -11.36
N ASP H 1 -12.56 -1.29 9.33
CA ASP H 1 -13.58 -0.56 8.51
C ASP H 1 -13.41 0.95 8.62
N VAL H 2 -12.99 1.59 7.52
CA VAL H 2 -13.01 3.05 7.46
C VAL H 2 -14.32 3.41 6.77
N GLN H 3 -15.20 4.08 7.51
CA GLN H 3 -16.55 4.41 7.03
C GLN H 3 -16.82 5.89 7.27
N LEU H 4 -17.27 6.60 6.23
CA LEU H 4 -17.54 8.03 6.33
C LEU H 4 -19.00 8.36 5.94
N ARG H 5 -19.58 9.35 6.62
CA ARG H 5 -20.98 9.73 6.43
C ARG H 5 -21.15 11.25 6.40
N GLU H 6 -21.63 11.79 5.28
CA GLU H 6 -21.95 13.22 5.21
C GLU H 6 -23.35 13.48 5.75
N SER H 7 -23.57 14.72 6.16
CA SER H 7 -24.73 15.08 6.96
C SER H 7 -24.83 16.60 7.03
N GLY H 8 -26.05 17.12 6.85
CA GLY H 8 -26.30 18.55 6.89
C GLY H 8 -27.26 19.01 5.81
N PRO H 9 -27.72 20.27 5.89
CA PRO H 9 -28.70 20.82 4.95
C PRO H 9 -28.34 20.61 3.48
N ASP H 10 -29.33 20.16 2.70
CA ASP H 10 -29.19 19.92 1.26
C ASP H 10 -29.61 21.12 0.40
N LEU H 11 -29.98 22.22 1.05
CA LEU H 11 -30.42 23.43 0.37
C LEU H 11 -29.97 24.64 1.18
N VAL H 12 -29.22 25.55 0.56
CA VAL H 12 -28.78 26.78 1.24
C VAL H 12 -29.05 28.02 0.38
N THR H 13 -29.28 29.15 1.04
CA THR H 13 -29.56 30.41 0.36
C THR H 13 -28.24 31.04 -0.16
N PRO H 14 -28.24 31.51 -1.41
CA PRO H 14 -27.07 32.11 -2.08
C PRO H 14 -26.17 33.05 -1.27
N SER H 15 -26.73 33.85 -0.36
CA SER H 15 -25.90 34.75 0.44
C SER H 15 -25.15 34.01 1.56
N GLN H 16 -25.76 32.95 2.09
CA GLN H 16 -25.35 32.33 3.36
C GLN H 16 -24.11 31.43 3.26
N SER H 17 -23.94 30.53 4.24
CA SER H 17 -22.84 29.57 4.27
C SER H 17 -23.34 28.13 4.17
N LEU H 18 -22.64 27.33 3.36
CA LEU H 18 -22.90 25.90 3.25
C LEU H 18 -22.04 25.14 4.26
N SER H 19 -22.69 24.60 5.30
CA SER H 19 -22.00 23.83 6.34
C SER H 19 -22.43 22.37 6.29
N LEU H 20 -21.46 21.47 6.28
CA LEU H 20 -21.70 20.03 6.29
C LEU H 20 -20.92 19.38 7.44
N THR H 21 -21.08 18.07 7.60
CA THR H 21 -20.41 17.32 8.66
C THR H 21 -20.09 15.90 8.20
N CYS H 22 -18.85 15.47 8.39
CA CYS H 22 -18.45 14.10 8.09
C CYS H 22 -18.25 13.34 9.40
N THR H 23 -19.06 12.30 9.59
CA THR H 23 -18.98 11.46 10.79
C THR H 23 -18.23 10.19 10.43
N VAL H 24 -16.95 10.15 10.77
CA VAL H 24 -16.12 8.99 10.44
C VAL H 24 -16.14 8.00 11.58
N THR H 25 -16.28 6.73 11.23
CA THR H 25 -16.39 5.63 12.20
C THR H 25 -15.39 4.53 11.84
N GLY H 26 -15.05 3.70 12.82
CA GLY H 26 -14.14 2.57 12.61
C GLY H 26 -12.68 2.95 12.35
N TYR H 27 -12.35 4.21 12.63
CA TYR H 27 -10.97 4.69 12.55
C TYR H 27 -10.91 6.06 13.19
N SER H 28 -9.80 6.37 13.86
CA SER H 28 -9.66 7.65 14.57
C SER H 28 -9.02 8.71 13.70
N ILE H 29 -9.64 9.89 13.62
CA ILE H 29 -9.10 10.99 12.82
C ILE H 29 -7.82 11.62 13.37
N THR H 30 -7.48 11.29 14.62
CA THR H 30 -6.34 11.89 15.29
C THR H 30 -5.06 11.09 15.12
N SER H 31 -5.18 9.84 14.69
CA SER H 31 -4.03 8.96 14.59
C SER H 31 -3.62 8.75 13.13
N GLY H 32 -4.27 9.48 12.23
CA GLY H 32 -4.40 9.02 10.85
C GLY H 32 -3.82 9.88 9.75
N TYR H 33 -4.63 10.13 8.74
CA TYR H 33 -4.15 10.62 7.45
C TYR H 33 -4.60 12.07 7.24
N SER H 34 -4.72 12.47 5.97
CA SER H 34 -5.43 13.70 5.60
C SER H 34 -6.91 13.36 5.46
N TRP H 35 -7.77 14.30 5.82
CA TRP H 35 -9.22 14.07 5.81
C TRP H 35 -9.90 15.12 4.94
N HIS H 36 -10.29 14.70 3.74
CA HIS H 36 -10.59 15.63 2.65
C HIS H 36 -12.07 15.90 2.45
N TRP H 37 -12.35 16.99 1.74
CA TRP H 37 -13.68 17.30 1.22
C TRP H 37 -13.57 17.50 -0.29
N ASN H 38 -14.38 16.75 -1.03
CA ASN H 38 -14.45 16.86 -2.48
C ASN H 38 -15.89 17.12 -2.89
N ARG H 39 -16.09 17.84 -3.99
CA ARG H 39 -17.42 18.00 -4.56
C ARG H 39 -17.43 17.61 -6.02
N GLN H 40 -18.60 17.17 -6.50
CA GLN H 40 -18.82 16.82 -7.90
C GLN H 40 -19.96 17.64 -8.47
N PHE H 41 -19.66 18.35 -9.55
CA PHE H 41 -20.64 19.19 -10.21
C PHE H 41 -21.49 18.38 -11.18
N PRO H 42 -22.66 18.92 -11.57
CA PRO H 42 -23.50 18.37 -12.62
C PRO H 42 -22.72 17.82 -13.81
N GLY H 43 -21.72 18.55 -14.28
CA GLY H 43 -20.91 18.09 -15.40
C GLY H 43 -20.19 16.76 -15.22
N ASN H 44 -20.35 16.13 -14.04
CA ASN H 44 -19.57 14.95 -13.60
C ASN H 44 -18.14 15.22 -13.16
N LYS H 45 -17.72 16.48 -13.22
CA LYS H 45 -16.33 16.82 -12.97
C LYS H 45 -16.10 17.01 -11.47
N LEU H 46 -14.98 16.49 -10.97
CA LEU H 46 -14.69 16.48 -9.55
C LEU H 46 -13.71 17.58 -9.21
N GLU H 47 -13.97 18.27 -8.10
CA GLU H 47 -13.02 19.27 -7.60
C GLU H 47 -12.63 18.92 -6.17
N TRP H 48 -11.32 18.93 -5.92
CA TRP H 48 -10.80 18.83 -4.55
C TRP H 48 -10.95 20.20 -3.88
N MET H 49 -11.52 20.23 -2.68
CA MET H 49 -11.78 21.48 -1.97
C MET H 49 -10.72 21.77 -0.92
N GLY H 50 -10.36 20.76 -0.14
CA GLY H 50 -9.41 20.93 0.96
C GLY H 50 -9.36 19.74 1.89
N TYR H 51 -8.42 19.78 2.84
CA TYR H 51 -8.33 18.75 3.86
C TYR H 51 -7.90 19.31 5.19
N ILE H 52 -7.94 18.45 6.21
CA ILE H 52 -7.36 18.74 7.51
C ILE H 52 -6.56 17.51 7.93
N HIS H 53 -5.26 17.71 8.15
CA HIS H 53 -4.39 16.61 8.56
C HIS H 53 -4.76 16.19 9.97
N TYR H 54 -4.40 14.97 10.36
CA TYR H 54 -4.65 14.50 11.73
C TYR H 54 -4.04 15.43 12.79
N SER H 55 -3.01 16.18 12.43
CA SER H 55 -2.40 17.16 13.33
C SER H 55 -3.24 18.43 13.55
N GLY H 56 -4.33 18.59 12.79
CA GLY H 56 -5.13 19.82 12.86
C GLY H 56 -4.79 20.81 11.76
N SER H 57 -3.75 20.49 10.98
CA SER H 57 -3.24 21.36 9.94
C SER H 57 -4.11 21.29 8.69
N THR H 58 -4.13 22.35 7.89
CA THR H 58 -5.04 22.44 6.74
C THR H 58 -4.39 22.89 5.43
N ASN H 59 -5.00 22.48 4.32
CA ASN H 59 -4.77 23.07 3.00
C ASN H 59 -6.11 23.19 2.27
N TYR H 60 -6.23 24.23 1.46
CA TYR H 60 -7.44 24.50 0.71
C TYR H 60 -7.08 24.77 -0.74
N ASN H 61 -7.97 24.38 -1.64
CA ASN H 61 -7.80 24.66 -3.07
C ASN H 61 -7.92 26.16 -3.30
N PRO H 62 -6.88 26.77 -3.90
CA PRO H 62 -6.94 28.21 -4.17
C PRO H 62 -8.16 28.65 -5.00
N SER H 63 -8.83 27.72 -5.69
CA SER H 63 -10.05 28.03 -6.43
C SER H 63 -11.19 28.52 -5.52
N LEU H 64 -11.08 28.25 -4.23
CA LEU H 64 -12.10 28.65 -3.26
C LEU H 64 -11.63 29.82 -2.37
N ARG H 65 -10.74 30.66 -2.90
CA ARG H 65 -10.32 31.88 -2.20
C ARG H 65 -9.96 31.59 -0.75
N GLY H 66 -10.41 32.45 0.16
CA GLY H 66 -10.45 32.14 1.59
C GLY H 66 -11.90 32.19 2.07
N ARG H 67 -12.75 31.39 1.43
CA ARG H 67 -14.15 31.29 1.82
C ARG H 67 -14.50 29.86 2.26
N ILE H 68 -13.46 29.07 2.56
CA ILE H 68 -13.63 27.71 3.08
C ILE H 68 -12.79 27.50 4.34
N SER H 69 -13.39 26.90 5.36
CA SER H 69 -12.63 26.40 6.50
C SER H 69 -13.08 24.98 6.83
N ILE H 70 -12.10 24.12 7.09
CA ILE H 70 -12.36 22.75 7.54
C ILE H 70 -11.89 22.58 8.98
N THR H 71 -12.84 22.60 9.91
CA THR H 71 -12.54 22.47 11.32
C THR H 71 -12.67 21.01 11.73
N ARG H 72 -12.67 20.73 13.04
CA ARG H 72 -12.62 19.37 13.54
C ARG H 72 -13.32 19.24 14.89
N ASP H 73 -13.52 18.00 15.31
CA ASP H 73 -14.04 17.68 16.65
C ASP H 73 -13.54 16.30 17.04
N THR H 74 -12.32 16.24 17.56
CA THR H 74 -11.65 14.98 17.89
C THR H 74 -12.40 14.16 18.94
N SER H 75 -13.27 14.83 19.69
CA SER H 75 -14.04 14.20 20.75
C SER H 75 -15.18 13.30 20.23
N LYS H 76 -15.73 13.63 19.05
CA LYS H 76 -16.72 12.76 18.38
C LYS H 76 -16.21 12.22 17.03
N ASN H 77 -14.93 12.39 16.75
CA ASN H 77 -14.35 11.85 15.52
C ASN H 77 -15.06 12.41 14.27
N GLN H 78 -15.07 13.74 14.16
CA GLN H 78 -15.73 14.43 13.04
C GLN H 78 -14.87 15.55 12.46
N PHE H 79 -15.03 15.78 11.16
CA PHE H 79 -14.49 17.00 10.56
C PHE H 79 -15.58 17.66 9.73
N PHE H 80 -15.49 18.97 9.59
CA PHE H 80 -16.59 19.76 9.07
C PHE H 80 -16.16 20.58 7.86
N LEU H 81 -17.03 20.65 6.86
CA LEU H 81 -16.87 21.62 5.79
C LEU H 81 -17.68 22.85 6.17
N GLN H 82 -17.12 24.02 5.91
CA GLN H 82 -17.86 25.26 5.98
C GLN H 82 -17.45 26.11 4.78
N LEU H 83 -18.40 26.35 3.88
CA LEU H 83 -18.16 27.11 2.67
C LEU H 83 -19.02 28.36 2.72
N ASN H 84 -18.41 29.53 2.52
CA ASN H 84 -19.12 30.81 2.68
C ASN H 84 -19.45 31.48 1.37
N SER H 85 -20.36 32.45 1.44
CA SER H 85 -20.75 33.25 0.28
C SER H 85 -21.04 32.35 -0.92
N VAL H 86 -22.12 31.58 -0.79
CA VAL H 86 -22.41 30.49 -1.72
C VAL H 86 -23.15 31.03 -2.95
N THR H 87 -23.11 30.30 -4.06
CA THR H 87 -23.83 30.68 -5.28
C THR H 87 -24.37 29.45 -6.01
N THR H 88 -25.00 29.67 -7.16
CA THR H 88 -25.38 28.61 -8.09
C THR H 88 -24.19 27.68 -8.40
N GLU H 89 -23.00 28.27 -8.56
CA GLU H 89 -21.76 27.51 -8.82
C GLU H 89 -21.53 26.42 -7.80
N ASP H 90 -21.85 26.71 -6.54
CA ASP H 90 -21.52 25.79 -5.44
C ASP H 90 -22.51 24.62 -5.30
N THR H 91 -23.50 24.53 -6.19
CA THR H 91 -24.39 23.37 -6.23
C THR H 91 -23.61 22.16 -6.72
N ALA H 92 -23.59 21.11 -5.91
CA ALA H 92 -22.83 19.90 -6.21
C ALA H 92 -23.17 18.79 -5.24
N THR H 93 -22.67 17.60 -5.55
CA THR H 93 -22.68 16.51 -4.61
C THR H 93 -21.36 16.58 -3.84
N TYR H 94 -21.45 16.65 -2.52
CA TYR H 94 -20.27 16.84 -1.67
C TYR H 94 -19.87 15.52 -1.02
N TYR H 95 -18.58 15.19 -1.10
CA TYR H 95 -18.04 13.98 -0.50
C TYR H 95 -16.99 14.31 0.55
N CYS H 96 -17.00 13.60 1.67
CA CYS H 96 -15.86 13.59 2.57
C CYS H 96 -15.07 12.32 2.29
N ALA H 97 -13.77 12.34 2.53
CA ALA H 97 -12.92 11.22 2.16
C ALA H 97 -11.63 11.14 2.95
N ARG H 98 -11.06 9.94 3.03
CA ARG H 98 -9.76 9.71 3.65
C ARG H 98 -8.77 9.22 2.59
N TYR H 99 -7.51 9.57 2.78
CA TYR H 99 -6.47 9.44 1.75
C TYR H 99 -6.34 8.08 1.05
N GLY H 100 -6.65 6.98 1.73
CA GLY H 100 -6.43 5.63 1.19
C GLY H 100 -7.57 5.02 0.38
N GLY H 101 -8.30 5.87 -0.35
CA GLY H 101 -9.42 5.40 -1.17
C GLY H 101 -10.70 5.13 -0.41
N TYR H 102 -10.97 5.93 0.62
CA TYR H 102 -12.21 5.82 1.38
C TYR H 102 -13.10 7.05 1.13
N TRP H 103 -14.26 6.82 0.54
CA TRP H 103 -15.23 7.88 0.23
C TRP H 103 -16.51 7.68 1.00
N GLY H 104 -17.16 8.79 1.34
CA GLY H 104 -18.49 8.75 1.92
C GLY H 104 -19.51 8.50 0.82
N GLN H 105 -20.77 8.36 1.21
CA GLN H 105 -21.85 8.17 0.23
C GLN H 105 -22.09 9.43 -0.61
N GLY H 106 -21.92 10.58 0.01
CA GLY H 106 -22.07 11.88 -0.66
C GLY H 106 -23.49 12.40 -0.53
N THR H 107 -23.63 13.70 -0.25
CA THR H 107 -24.93 14.36 -0.23
C THR H 107 -24.98 15.43 -1.31
N SER H 108 -26.14 15.57 -1.94
CA SER H 108 -26.35 16.57 -2.98
C SER H 108 -26.91 17.87 -2.41
N VAL H 109 -26.06 18.89 -2.35
CA VAL H 109 -26.45 20.24 -1.91
C VAL H 109 -26.79 21.09 -3.13
N THR H 110 -27.94 21.75 -3.10
CA THR H 110 -28.31 22.75 -4.12
C THR H 110 -28.35 24.14 -3.48
N VAL H 111 -28.06 25.17 -4.28
CA VAL H 111 -28.04 26.54 -3.79
C VAL H 111 -29.05 27.34 -4.58
N SER H 112 -30.04 27.91 -3.91
CA SER H 112 -31.17 28.53 -4.61
C SER H 112 -32.03 29.41 -3.69
N SER H 113 -32.63 30.44 -4.28
CA SER H 113 -33.56 31.30 -3.55
C SER H 113 -34.99 30.73 -3.55
N ALA H 114 -35.21 29.66 -4.31
CA ALA H 114 -36.55 29.17 -4.62
C ALA H 114 -37.31 28.60 -3.43
N LYS H 115 -38.58 28.97 -3.31
CA LYS H 115 -39.50 28.36 -2.35
C LYS H 115 -39.94 27.00 -2.88
N THR H 116 -40.37 26.13 -1.97
CA THR H 116 -41.03 24.89 -2.34
C THR H 116 -42.20 25.25 -3.28
N THR H 117 -42.24 24.62 -4.45
CA THR H 117 -43.23 24.95 -5.47
C THR H 117 -43.68 23.67 -6.17
N PRO H 118 -45.00 23.40 -6.16
CA PRO H 118 -45.49 22.21 -6.86
C PRO H 118 -45.50 22.42 -8.38
N PRO H 119 -45.43 21.32 -9.14
CA PRO H 119 -45.39 21.42 -10.59
C PRO H 119 -46.75 21.66 -11.19
N SER H 120 -46.78 22.31 -12.35
CA SER H 120 -47.92 22.27 -13.23
C SER H 120 -47.68 21.08 -14.16
N VAL H 121 -48.72 20.29 -14.40
CA VAL H 121 -48.62 19.12 -15.26
C VAL H 121 -49.51 19.29 -16.48
N TYR H 122 -48.91 19.30 -17.66
CA TYR H 122 -49.64 19.50 -18.91
C TYR H 122 -49.58 18.25 -19.80
N PRO H 123 -50.68 17.93 -20.48
CA PRO H 123 -50.69 16.78 -21.39
C PRO H 123 -49.89 17.04 -22.66
N LEU H 124 -49.23 16.00 -23.17
CA LEU H 124 -48.57 16.07 -24.47
C LEU H 124 -49.24 15.05 -25.38
N ALA H 125 -49.96 15.56 -26.37
CA ALA H 125 -50.67 14.72 -27.33
C ALA H 125 -50.49 15.29 -28.73
N PRO H 126 -50.44 14.44 -29.76
CA PRO H 126 -50.22 14.90 -31.14
C PRO H 126 -51.42 15.65 -31.72
N GLY H 127 -51.25 16.22 -32.91
CA GLY H 127 -52.28 17.05 -33.56
C GLY H 127 -52.92 16.47 -34.81
N GLY H 128 -52.14 15.73 -35.61
CA GLY H 128 -52.68 15.13 -36.84
C GLY H 128 -51.66 14.44 -37.74
N GLY H 129 -51.78 13.11 -37.89
CA GLY H 129 -50.97 12.32 -38.82
C GLY H 129 -50.06 11.28 -38.19
N ALA H 130 -50.60 10.49 -37.26
CA ALA H 130 -49.84 9.40 -36.63
C ALA H 130 -49.61 8.25 -37.62
N THR H 131 -48.38 7.75 -37.66
CA THR H 131 -47.96 6.82 -38.72
C THR H 131 -48.63 5.45 -38.60
N ASN H 132 -48.04 4.57 -37.79
CA ASN H 132 -48.50 3.17 -37.68
C ASN H 132 -49.01 2.86 -36.28
N SER H 133 -49.03 1.57 -35.92
CA SER H 133 -49.47 1.12 -34.60
C SER H 133 -49.05 2.07 -33.48
N MET H 134 -47.73 2.26 -33.33
CA MET H 134 -47.20 3.00 -32.19
C MET H 134 -47.50 4.49 -32.28
N VAL H 135 -47.85 5.09 -31.14
CA VAL H 135 -47.90 6.55 -30.98
C VAL H 135 -47.29 6.94 -29.64
N THR H 136 -46.65 8.10 -29.61
CA THR H 136 -45.95 8.58 -28.43
C THR H 136 -46.73 9.74 -27.79
N LEU H 137 -46.99 9.62 -26.49
CA LEU H 137 -47.63 10.68 -25.71
C LEU H 137 -46.66 11.11 -24.62
N GLY H 138 -47.00 12.15 -23.87
CA GLY H 138 -46.15 12.62 -22.79
C GLY H 138 -46.82 13.46 -21.73
N CYS H 139 -46.01 13.95 -20.79
CA CYS H 139 -46.47 14.82 -19.72
C CYS H 139 -45.39 15.83 -19.39
N LEU H 140 -45.70 17.12 -19.58
CA LEU H 140 -44.77 18.20 -19.28
C LEU H 140 -44.94 18.66 -17.83
N VAL H 141 -43.90 18.47 -17.02
CA VAL H 141 -43.91 18.85 -15.62
C VAL H 141 -43.10 20.13 -15.41
N LYS H 142 -43.77 21.28 -15.45
CA LYS H 142 -43.09 22.58 -15.49
C LYS H 142 -43.16 23.35 -14.18
N GLY H 143 -42.07 24.03 -13.86
CA GLY H 143 -42.03 25.04 -12.81
C GLY H 143 -42.15 24.54 -11.38
N TYR H 144 -41.40 23.48 -11.07
CA TYR H 144 -41.42 22.91 -9.72
C TYR H 144 -40.09 23.09 -9.00
N PHE H 145 -40.12 22.96 -7.67
CA PHE H 145 -38.94 23.05 -6.83
C PHE H 145 -39.27 22.56 -5.42
N PRO H 146 -38.33 21.85 -4.77
CA PRO H 146 -37.05 21.35 -5.27
C PRO H 146 -37.23 19.99 -5.92
N GLU H 147 -36.13 19.38 -6.33
CA GLU H 147 -36.17 18.01 -6.85
C GLU H 147 -36.40 17.03 -5.71
N PRO H 148 -36.86 15.80 -6.04
CA PRO H 148 -37.17 15.27 -7.35
C PRO H 148 -38.68 15.24 -7.60
N VAL H 149 -39.06 14.60 -8.70
CA VAL H 149 -40.43 14.18 -8.93
C VAL H 149 -40.42 12.74 -9.40
N THR H 150 -41.60 12.11 -9.41
CA THR H 150 -41.74 10.74 -9.86
C THR H 150 -42.92 10.65 -10.81
N VAL H 151 -42.63 10.31 -12.07
CA VAL H 151 -43.67 10.18 -13.09
C VAL H 151 -43.91 8.71 -13.38
N THR H 152 -45.18 8.33 -13.42
CA THR H 152 -45.58 6.97 -13.79
C THR H 152 -46.78 7.05 -14.71
N TRP H 153 -47.10 5.93 -15.35
CA TRP H 153 -48.18 5.89 -16.34
C TRP H 153 -49.17 4.76 -16.03
N ASN H 154 -50.46 5.10 -15.98
CA ASN H 154 -51.50 4.21 -15.49
C ASN H 154 -51.10 3.56 -14.16
N SER H 155 -50.65 4.40 -13.23
CA SER H 155 -50.23 3.98 -11.89
C SER H 155 -49.09 2.94 -11.88
N GLY H 156 -48.24 3.00 -12.90
CA GLY H 156 -47.09 2.09 -13.01
C GLY H 156 -47.29 0.91 -13.96
N SER H 157 -48.55 0.61 -14.30
CA SER H 157 -48.85 -0.56 -15.13
C SER H 157 -48.25 -0.46 -16.56
N LEU H 158 -47.94 0.76 -16.99
CA LEU H 158 -47.21 0.98 -18.24
C LEU H 158 -45.72 1.17 -17.94
N SER H 159 -44.91 0.22 -18.39
CA SER H 159 -43.46 0.26 -18.24
C SER H 159 -42.76 0.19 -19.60
N GLY H 160 -43.17 -0.76 -20.42
CA GLY H 160 -42.60 -1.03 -21.75
C GLY H 160 -41.78 0.08 -22.36
N GLY H 161 -42.46 1.12 -22.87
CA GLY H 161 -41.80 2.21 -23.59
C GLY H 161 -41.93 3.56 -22.89
N VAL H 162 -41.22 3.71 -21.78
CA VAL H 162 -41.34 4.91 -20.93
C VAL H 162 -39.98 5.52 -20.62
N HIS H 163 -39.77 6.74 -21.10
CA HIS H 163 -38.63 7.58 -20.69
C HIS H 163 -39.09 8.60 -19.66
N THR H 164 -38.16 9.04 -18.82
CA THR H 164 -38.30 10.33 -18.15
C THR H 164 -36.99 11.08 -18.33
N PHE H 165 -37.08 12.25 -18.97
CA PHE H 165 -35.91 13.05 -19.26
C PHE H 165 -35.42 13.70 -17.97
N PRO H 166 -34.09 13.86 -17.84
CA PRO H 166 -33.58 14.57 -16.66
C PRO H 166 -34.10 16.00 -16.55
N ALA H 167 -34.27 16.47 -15.32
CA ALA H 167 -34.77 17.82 -15.08
C ALA H 167 -33.76 18.86 -15.51
N VAL H 168 -34.27 20.07 -15.76
CA VAL H 168 -33.47 21.18 -16.24
C VAL H 168 -33.97 22.44 -15.55
N LEU H 169 -33.06 23.40 -15.34
CA LEU H 169 -33.42 24.67 -14.70
C LEU H 169 -33.94 25.67 -15.72
N GLN H 170 -34.94 26.44 -15.28
CA GLN H 170 -35.63 27.39 -16.14
C GLN H 170 -36.18 28.50 -15.25
N SER H 171 -35.42 29.59 -15.13
CA SER H 171 -35.73 30.68 -14.19
C SER H 171 -35.96 30.17 -12.75
N ASP H 172 -34.92 29.57 -12.17
CA ASP H 172 -34.92 29.09 -10.79
C ASP H 172 -35.96 28.01 -10.46
N LEU H 173 -36.44 27.29 -11.48
CA LEU H 173 -37.40 26.21 -11.28
C LEU H 173 -37.16 25.09 -12.28
N TYR H 174 -37.44 23.87 -11.86
CA TYR H 174 -37.11 22.68 -12.64
C TYR H 174 -38.23 22.28 -13.59
N THR H 175 -37.85 21.73 -14.75
CA THR H 175 -38.80 21.25 -15.73
C THR H 175 -38.31 19.98 -16.40
N LEU H 176 -39.21 19.01 -16.53
CA LEU H 176 -38.94 17.79 -17.29
C LEU H 176 -40.22 17.27 -17.87
N SER H 177 -40.09 16.38 -18.85
CA SER H 177 -41.24 15.66 -19.38
C SER H 177 -40.94 14.16 -19.45
N SER H 178 -42.00 13.36 -19.31
CA SER H 178 -41.90 11.91 -19.41
C SER H 178 -42.61 11.49 -20.66
N SER H 179 -41.93 10.71 -21.51
CA SER H 179 -42.53 10.20 -22.73
C SER H 179 -43.00 8.77 -22.53
N VAL H 180 -44.07 8.40 -23.23
CA VAL H 180 -44.55 7.03 -23.27
C VAL H 180 -45.02 6.71 -24.69
N THR H 181 -44.70 5.50 -25.15
CA THR H 181 -45.06 5.06 -26.50
C THR H 181 -45.87 3.77 -26.41
N VAL H 182 -47.08 3.79 -26.98
CA VAL H 182 -47.97 2.63 -26.96
C VAL H 182 -48.71 2.48 -28.31
N PRO H 183 -49.22 1.28 -28.60
CA PRO H 183 -49.95 1.10 -29.87
C PRO H 183 -51.26 1.89 -29.88
N SER H 184 -51.65 2.38 -31.06
CA SER H 184 -52.85 3.22 -31.20
C SER H 184 -54.14 2.42 -31.05
N SER H 185 -54.05 1.09 -31.13
CA SER H 185 -55.15 0.23 -30.75
C SER H 185 -55.49 0.39 -29.25
N THR H 186 -54.53 0.86 -28.46
CA THR H 186 -54.76 1.14 -27.02
C THR H 186 -55.03 2.61 -26.71
N TRP H 187 -54.81 3.51 -27.65
CA TRP H 187 -55.10 4.93 -27.43
C TRP H 187 -55.61 5.62 -28.71
N PRO H 188 -56.72 6.40 -28.60
CA PRO H 188 -57.52 6.68 -27.40
C PRO H 188 -58.55 5.59 -27.04
N SER H 189 -58.35 4.36 -27.52
CA SER H 189 -59.29 3.26 -27.28
C SER H 189 -59.45 2.93 -25.78
N GLU H 190 -58.44 3.26 -24.99
CA GLU H 190 -58.57 3.17 -23.53
C GLU H 190 -57.64 4.20 -22.86
N THR H 191 -57.76 4.32 -21.55
CA THR H 191 -57.14 5.41 -20.80
C THR H 191 -55.60 5.37 -20.79
N VAL H 192 -54.99 6.53 -21.04
CA VAL H 192 -53.55 6.76 -20.81
C VAL H 192 -53.41 7.96 -19.89
N THR H 193 -53.21 7.69 -18.61
CA THR H 193 -53.09 8.72 -17.59
C THR H 193 -51.65 8.75 -17.10
N CYS H 194 -51.11 9.96 -16.88
CA CYS H 194 -49.78 10.09 -16.30
C CYS H 194 -49.94 10.55 -14.85
N ASN H 195 -49.12 9.99 -13.96
CA ASN H 195 -49.19 10.31 -12.53
C ASN H 195 -47.88 10.93 -12.05
N VAL H 196 -47.92 12.21 -11.70
CA VAL H 196 -46.75 12.95 -11.26
C VAL H 196 -46.80 13.10 -9.75
N ALA H 197 -45.65 12.97 -9.11
CA ALA H 197 -45.55 13.10 -7.66
C ALA H 197 -44.37 13.99 -7.31
N HIS H 198 -44.59 14.97 -6.44
CA HIS H 198 -43.55 15.86 -5.95
C HIS H 198 -43.56 15.82 -4.41
N PRO H 199 -42.76 14.89 -3.83
CA PRO H 199 -42.78 14.66 -2.39
C PRO H 199 -42.60 15.91 -1.55
N ALA H 200 -41.73 16.82 -1.99
CA ALA H 200 -41.39 18.01 -1.20
C ALA H 200 -42.62 18.86 -0.83
N SER H 201 -43.66 18.81 -1.66
CA SER H 201 -44.90 19.55 -1.40
C SER H 201 -46.15 18.66 -1.28
N SER H 202 -45.96 17.35 -1.20
CA SER H 202 -47.05 16.37 -1.05
C SER H 202 -48.06 16.41 -2.19
N THR H 203 -47.57 16.71 -3.40
CA THR H 203 -48.43 16.80 -4.57
C THR H 203 -48.66 15.40 -5.13
N LYS H 204 -49.83 15.23 -5.75
CA LYS H 204 -50.14 14.01 -6.48
C LYS H 204 -51.21 14.35 -7.51
N VAL H 205 -50.77 14.60 -8.74
CA VAL H 205 -51.67 14.99 -9.82
C VAL H 205 -51.62 13.95 -10.92
N ASP H 206 -52.79 13.53 -11.37
CA ASP H 206 -52.93 12.71 -12.56
C ASP H 206 -53.39 13.61 -13.70
N LYS H 207 -52.97 13.29 -14.91
CA LYS H 207 -53.44 13.98 -16.10
C LYS H 207 -53.72 13.00 -17.22
N LYS H 208 -55.01 12.88 -17.56
CA LYS H 208 -55.44 12.03 -18.66
C LYS H 208 -55.03 12.69 -19.98
N ILE H 209 -54.51 11.90 -20.91
CA ILE H 209 -54.10 12.41 -22.21
C ILE H 209 -55.25 12.28 -23.21
N VAL H 210 -55.94 13.38 -23.46
CA VAL H 210 -57.05 13.43 -24.42
C VAL H 210 -56.49 13.84 -25.80
N PRO H 211 -57.02 13.26 -26.90
CA PRO H 211 -56.53 13.65 -28.23
C PRO H 211 -56.95 15.05 -28.65
N ARG H 212 -56.60 15.43 -29.88
CA ARG H 212 -56.94 16.74 -30.45
C ARG H 212 -56.28 17.87 -29.66
#